data_7ZRG
#
_entry.id   7ZRG
#
_cell.length_a   1.00
_cell.length_b   1.00
_cell.length_c   1.00
_cell.angle_alpha   90.00
_cell.angle_beta   90.00
_cell.angle_gamma   90.00
#
_symmetry.space_group_name_H-M   'P 1'
#
loop_
_entity.id
_entity.type
_entity.pdbx_description
1 polymer 'Potassium-transporting ATPase potassium-binding subunit'
2 polymer 'Potassium-transporting ATPase KdpC subunit'
3 polymer 'Potassium-transporting ATPase KdpF subunit'
4 polymer 'Potassium-transporting ATPase ATP-binding subunit'
5 non-polymer 'POTASSIUM ION'
6 non-polymer CARDIOLIPIN
7 non-polymer "ADENOSINE-5'-TRIPHOSPHATE"
#
loop_
_entity_poly.entity_id
_entity_poly.type
_entity_poly.pdbx_seq_one_letter_code
_entity_poly.pdbx_strand_id
1 'polypeptide(L)'
;MAAQGFLLIATFLLVLMVLARPLGSGLARLINDIPLPGTTGVERVLFRALGVSDREMNWKQYLCAILGLNMLGLAVLFFM
LLGQHYLPLNPQQLPGLSWDLALNTAVSFVTNTNWQSYSGETTLSYFSQMAGLTVQNFLSAASGIAVIFALIRAFTRQSM
STLGNAWVDLLRITLWVLVPVALLIALFFIQQGALQNFLPYQAVNTVEGAQQLLPMGPVASQEAIKMLGTNGGGFFNANS
SHPFENPTALTNFVQMLAIFLIPTALCFAFGEVMGDRRQGRMLLWAMSVIFVICVGVVMWAEVQGNPHLLALGTDSSINM
EGKESRFGVLVSSLFAVVTTAASCGAVIAMHDSFTALGGMVPMWLMQIGEVVFGGVGSGLYGMMLFVLLAVFIAGLMIGR
TPEYLGKKIDVREMKLTALAILVTPTLVLMGAALAMMTDAGRSAMLNPGPHGFSEVLYAVSSAANNNGSAFAGLSANSPF
WNCLLAFCMFVGRFGVIIPVMAIAGSLVSKKSQAASSGTLPTHGPLFVGLLIGTVLLVGALTFIPALALGPVAEYLS
;
A
2 'polypeptide(L)'
;MSGLRPALSTFIFLLLITGGVYPLLTTVLGQWWFPWQANGSLIREGDTVRGSALIGQNFTGNGYFHGRPSATAEMPYNPQ
ASGGSNLAVSNPELDKLIAARVAALRAANPDASASVPVELVTASASGLDNNITPQAAAWQIPRVAKARNLSVEQLTQLIA
KYSQQPLVKYIGQPVVNIVELNLALDKLDE
;
C
3 'polypeptide(L)' MSAGVITGVLLVFLLLGYLVYALINAE D
4 'polypeptide(L)'
;MSRKQLALFEPTLVVQALKEAVKKLNPQAQWRNPVMFIVWIGSLLTTCISIAMASGAMPGNALFSAAISGWLWITVLFAN
FAEALAEGRSKAQANSLKGVKKTAFARKLREPKYGAAADKVPADQLRKGDIVLVEAGDIIPCDGEVIEGGASVDESAITG
E(SEP)APVIRESGGDFASVTGGTRILSDWLVIECSVNPGETFLDRMIAMVEGAQRRKTPNEIALTILLIALTIVFLLAT
ATLWPFSAWGGNAVSVTVLVALLVCLIPTTIGGLLSAIGVAGMSRMLGANVIATSGRAVEAAGDVDVLLLDKTGTITLGN
RQASEFIPAQGVDEKTLADAAQLASLADETPEGRSIVILAKQRFNLRERDVQSLHATFVPFTAQSRMSGINIDNRMIRKG
SVDAIRRHVEANGGHFPTDVDQKVDQVARQGATPLVVVEGSRVLGVIALKDIVKGGIKERFAQLRKMGIKTVMITGDNRL
TAAAIAAEAGVDDFLAEATPEAKLALIRQYQAEGRLVAMTGDGTNDAPALAQADVAVAMNSGTQAAKEAGNMVDLDSNPT
KLIEVVHIGKQMLMTRGSLTTFSIANDVAKYFAIIPAAFAATYPQLNALNIMCLHSPDSAILSAVIFNALIIVFLIPLAL
KGVSYKPLTASAMLRRNLWIYGLGGLLVPFIGIKVIDLLLTVCGLV
;
B
#
# COMPACT_ATOMS: atom_id res chain seq x y z
N MET A 1 -2.50 -1.83 38.51
CA MET A 1 -2.12 -2.76 37.44
C MET A 1 -2.22 -2.08 36.08
N ALA A 2 -3.43 -1.62 35.75
CA ALA A 2 -3.64 -0.91 34.49
C ALA A 2 -2.88 0.42 34.46
N ALA A 3 -2.86 1.12 35.60
CA ALA A 3 -2.10 2.37 35.68
C ALA A 3 -0.61 2.12 35.53
N GLN A 4 -0.09 1.06 36.16
CA GLN A 4 1.32 0.72 36.02
C GLN A 4 1.67 0.35 34.58
N GLY A 5 0.79 -0.43 33.93
CA GLY A 5 1.03 -0.77 32.53
C GLY A 5 1.00 0.44 31.62
N PHE A 6 0.04 1.35 31.84
CA PHE A 6 -0.04 2.56 31.03
C PHE A 6 1.18 3.46 31.25
N LEU A 7 1.65 3.56 32.49
CA LEU A 7 2.86 4.33 32.77
C LEU A 7 4.07 3.71 32.09
N LEU A 8 4.15 2.38 32.08
CA LEU A 8 5.25 1.69 31.42
C LEU A 8 5.24 1.95 29.92
N ILE A 9 4.07 1.87 29.29
CA ILE A 9 3.95 2.16 27.86
C ILE A 9 4.32 3.61 27.57
N ALA A 10 3.84 4.53 28.42
CA ALA A 10 4.08 5.95 28.20
C ALA A 10 5.56 6.30 28.31
N THR A 11 6.23 5.79 29.35
CA THR A 11 7.65 6.09 29.48
C THR A 11 8.48 5.39 28.42
N PHE A 12 8.05 4.21 27.97
CA PHE A 12 8.78 3.51 26.92
C PHE A 12 8.71 4.27 25.61
N LEU A 13 7.49 4.67 25.21
CA LEU A 13 7.31 5.41 23.97
C LEU A 13 7.69 6.89 24.09
N LEU A 14 8.03 7.37 25.29
CA LEU A 14 8.60 8.70 25.41
C LEU A 14 10.12 8.66 25.27
N VAL A 15 10.78 7.79 26.04
CA VAL A 15 12.23 7.67 25.96
C VAL A 15 12.66 7.14 24.60
N LEU A 16 11.78 6.38 23.93
CA LEU A 16 12.09 5.90 22.58
C LEU A 16 12.26 7.05 21.59
N MET A 17 11.27 7.96 21.54
CA MET A 17 11.40 9.09 20.61
C MET A 17 12.49 10.04 21.05
N VAL A 18 12.71 10.20 22.36
CA VAL A 18 13.77 11.06 22.86
C VAL A 18 15.14 10.55 22.39
N LEU A 19 15.37 9.24 22.48
CA LEU A 19 16.63 8.67 22.02
C LEU A 19 16.69 8.47 20.51
N ALA A 20 15.56 8.48 19.82
CA ALA A 20 15.53 8.18 18.40
C ALA A 20 15.57 9.42 17.51
N ARG A 21 15.25 10.60 18.04
CA ARG A 21 15.38 11.81 17.22
C ARG A 21 16.80 12.12 16.78
N PRO A 22 17.84 12.14 17.65
CA PRO A 22 19.19 12.41 17.12
C PRO A 22 19.76 11.26 16.30
N LEU A 23 19.44 10.01 16.64
CA LEU A 23 19.80 8.90 15.77
C LEU A 23 19.05 8.98 14.44
N GLY A 24 17.83 9.53 14.46
CA GLY A 24 17.14 9.79 13.22
C GLY A 24 17.85 10.81 12.35
N SER A 25 18.35 11.88 12.96
CA SER A 25 19.12 12.87 12.21
C SER A 25 20.41 12.27 11.66
N GLY A 26 21.08 11.44 12.46
CA GLY A 26 22.29 10.76 11.99
C GLY A 26 22.04 9.82 10.84
N LEU A 27 20.97 9.01 10.93
CA LEU A 27 20.65 8.11 9.84
C LEU A 27 20.19 8.87 8.60
N ALA A 28 19.57 10.04 8.78
CA ALA A 28 19.27 10.90 7.63
C ALA A 28 20.55 11.41 6.98
N ARG A 29 21.56 11.73 7.79
CA ARG A 29 22.86 12.14 7.24
C ARG A 29 23.50 11.01 6.44
N LEU A 30 23.42 9.77 6.95
CA LEU A 30 23.93 8.64 6.18
C LEU A 30 23.10 8.34 4.93
N ILE A 31 21.79 8.63 4.95
CA ILE A 31 21.00 8.48 3.73
C ILE A 31 21.41 9.51 2.68
N ASN A 32 21.59 10.77 3.09
CA ASN A 32 21.89 11.85 2.18
C ASN A 32 23.33 11.86 1.67
N ASP A 33 24.10 10.79 1.92
CA ASP A 33 25.48 10.61 1.48
C ASP A 33 26.42 11.68 2.03
N ILE A 34 26.05 12.31 3.14
CA ILE A 34 26.89 13.29 3.83
C ILE A 34 27.57 12.58 4.99
N PRO A 35 28.90 12.51 5.03
CA PRO A 35 29.58 11.83 6.14
C PRO A 35 29.37 12.54 7.46
N LEU A 36 29.45 11.77 8.54
CA LEU A 36 29.33 12.33 9.88
C LEU A 36 30.53 13.24 10.17
N PRO A 37 30.33 14.28 10.98
CA PRO A 37 31.43 15.23 11.26
C PRO A 37 32.58 14.56 11.99
N GLY A 38 33.80 14.95 11.61
CA GLY A 38 35.00 14.41 12.21
C GLY A 38 35.38 13.01 11.77
N THR A 39 34.71 12.46 10.76
CA THR A 39 34.96 11.09 10.33
C THR A 39 35.24 10.93 8.85
N THR A 40 35.33 12.04 8.08
CA THR A 40 35.45 11.91 6.64
C THR A 40 36.86 11.50 6.20
N GLY A 41 37.91 11.93 6.91
CA GLY A 41 39.26 11.55 6.52
C GLY A 41 39.53 10.07 6.71
N VAL A 42 39.13 9.53 7.87
CA VAL A 42 39.30 8.10 8.13
C VAL A 42 38.45 7.28 7.19
N GLU A 43 37.25 7.77 6.86
CA GLU A 43 36.40 7.08 5.90
C GLU A 43 37.02 7.04 4.52
N ARG A 44 37.60 8.16 4.08
CA ARG A 44 38.26 8.21 2.77
C ARG A 44 39.48 7.30 2.74
N VAL A 45 40.27 7.28 3.82
CA VAL A 45 41.44 6.42 3.88
C VAL A 45 41.04 4.94 3.85
N LEU A 46 40.00 4.59 4.62
CA LEU A 46 39.53 3.21 4.65
C LEU A 46 38.97 2.77 3.31
N PHE A 47 38.23 3.64 2.63
CA PHE A 47 37.68 3.30 1.32
C PHE A 47 38.78 3.17 0.27
N ARG A 48 39.80 4.04 0.32
CA ARG A 48 40.92 3.90 -0.60
C ARG A 48 41.72 2.64 -0.33
N ALA A 49 41.80 2.22 0.95
CA ALA A 49 42.49 0.98 1.27
C ALA A 49 41.70 -0.24 0.80
N LEU A 50 40.38 -0.22 0.98
CA LEU A 50 39.54 -1.37 0.65
C LEU A 50 39.17 -1.44 -0.82
N GLY A 51 39.38 -0.37 -1.59
CA GLY A 51 38.93 -0.36 -2.97
C GLY A 51 37.42 -0.36 -3.11
N VAL A 52 36.72 0.32 -2.20
CA VAL A 52 35.27 0.37 -2.18
C VAL A 52 34.81 1.81 -2.43
N SER A 53 35.58 2.53 -3.24
CA SER A 53 35.35 3.95 -3.49
C SER A 53 34.07 4.16 -4.31
N ASP A 54 33.85 5.43 -4.67
CA ASP A 54 32.57 5.84 -5.26
C ASP A 54 32.34 5.15 -6.61
N ARG A 55 31.24 4.41 -6.69
CA ARG A 55 30.85 3.70 -7.90
C ARG A 55 29.47 4.16 -8.35
N GLU A 56 28.58 4.41 -7.39
CA GLU A 56 27.21 4.90 -7.60
C GLU A 56 26.44 3.93 -8.51
N MET A 57 26.24 2.72 -7.99
CA MET A 57 25.62 1.65 -8.75
C MET A 57 24.11 1.77 -8.74
N ASN A 58 23.47 1.14 -9.74
CA ASN A 58 22.03 1.17 -9.89
C ASN A 58 21.39 0.10 -9.01
N TRP A 59 20.08 -0.14 -9.21
CA TRP A 59 19.35 -1.05 -8.34
C TRP A 59 19.75 -2.50 -8.57
N LYS A 60 20.03 -2.88 -9.83
CA LYS A 60 20.44 -4.24 -10.12
C LYS A 60 21.79 -4.57 -9.48
N GLN A 61 22.75 -3.66 -9.61
CA GLN A 61 24.06 -3.89 -9.01
C GLN A 61 24.00 -3.80 -7.48
N TYR A 62 23.14 -2.93 -6.95
CA TYR A 62 22.94 -2.86 -5.49
C TYR A 62 22.38 -4.18 -4.96
N LEU A 63 21.37 -4.73 -5.64
CA LEU A 63 20.77 -5.99 -5.25
C LEU A 63 21.77 -7.13 -5.37
N CYS A 64 22.55 -7.15 -6.46
CA CYS A 64 23.56 -8.18 -6.64
C CYS A 64 24.65 -8.08 -5.58
N ALA A 65 25.01 -6.86 -5.18
CA ALA A 65 25.99 -6.66 -4.11
C ALA A 65 25.48 -7.20 -2.78
N ILE A 66 24.23 -6.87 -2.43
CA ILE A 66 23.66 -7.32 -1.16
C ILE A 66 23.53 -8.85 -1.15
N LEU A 67 23.04 -9.43 -2.24
CA LEU A 67 22.91 -10.89 -2.30
C LEU A 67 24.27 -11.59 -2.32
N GLY A 68 25.27 -11.01 -3.00
CA GLY A 68 26.58 -11.62 -3.00
C GLY A 68 27.23 -11.62 -1.63
N LEU A 69 27.12 -10.48 -0.91
CA LEU A 69 27.63 -10.42 0.46
C LEU A 69 26.90 -11.40 1.37
N ASN A 70 25.56 -11.51 1.21
CA ASN A 70 24.80 -12.39 2.09
C ASN A 70 25.09 -13.86 1.81
N MET A 71 25.23 -14.25 0.54
CA MET A 71 25.56 -15.65 0.24
C MET A 71 26.99 -15.99 0.64
N LEU A 72 27.92 -15.04 0.49
CA LEU A 72 29.29 -15.30 0.95
C LEU A 72 29.33 -15.46 2.46
N GLY A 73 28.60 -14.62 3.18
CA GLY A 73 28.50 -14.78 4.63
C GLY A 73 27.81 -16.07 5.02
N LEU A 74 26.82 -16.51 4.24
CA LEU A 74 26.15 -17.78 4.49
C LEU A 74 27.10 -18.94 4.32
N ALA A 75 27.92 -18.92 3.26
CA ALA A 75 28.88 -20.00 3.04
C ALA A 75 29.93 -20.04 4.15
N VAL A 76 30.45 -18.88 4.54
CA VAL A 76 31.46 -18.82 5.60
C VAL A 76 30.88 -19.29 6.93
N LEU A 77 29.67 -18.83 7.27
CA LEU A 77 29.04 -19.24 8.53
C LEU A 77 28.71 -20.73 8.54
N PHE A 78 28.22 -21.26 7.40
CA PHE A 78 27.88 -22.67 7.34
C PHE A 78 29.11 -23.55 7.47
N PHE A 79 30.21 -23.18 6.81
CA PHE A 79 31.43 -23.98 6.96
C PHE A 79 32.06 -23.81 8.33
N MET A 80 31.92 -22.63 8.94
CA MET A 80 32.41 -22.42 10.31
C MET A 80 31.65 -23.28 11.31
N LEU A 81 30.33 -23.39 11.14
CA LEU A 81 29.53 -24.21 12.04
C LEU A 81 29.72 -25.70 11.78
N LEU A 82 29.90 -26.09 10.51
CA LEU A 82 30.15 -27.49 10.20
C LEU A 82 31.53 -27.94 10.65
N GLY A 83 32.49 -27.02 10.71
CA GLY A 83 33.83 -27.35 11.12
C GLY A 83 34.31 -26.64 12.37
N GLN A 84 33.44 -26.52 13.38
CA GLN A 84 33.81 -25.83 14.61
C GLN A 84 34.72 -26.67 15.50
N HIS A 85 34.85 -27.97 15.24
CA HIS A 85 35.71 -28.81 16.08
C HIS A 85 37.18 -28.48 15.88
N TYR A 86 37.60 -28.21 14.64
CA TYR A 86 38.98 -27.86 14.36
C TYR A 86 39.30 -26.41 14.70
N LEU A 87 38.28 -25.58 14.87
CA LEU A 87 38.51 -24.18 15.18
C LEU A 87 38.92 -24.01 16.64
N PRO A 88 39.71 -22.98 16.97
CA PRO A 88 40.11 -22.77 18.37
C PRO A 88 38.99 -22.23 19.24
N LEU A 89 39.33 -21.88 20.49
CA LEU A 89 38.39 -21.27 21.45
C LEU A 89 37.17 -22.16 21.69
N ASN A 90 37.43 -23.43 22.00
CA ASN A 90 36.38 -24.41 22.30
C ASN A 90 36.73 -25.08 23.62
N PRO A 91 36.41 -24.45 24.76
CA PRO A 91 36.79 -25.03 26.05
C PRO A 91 36.00 -26.26 26.44
N GLN A 92 34.79 -26.44 25.91
CA GLN A 92 33.96 -27.59 26.23
C GLN A 92 34.15 -28.76 25.27
N GLN A 93 34.97 -28.58 24.23
CA GLN A 93 35.22 -29.59 23.19
C GLN A 93 33.91 -30.05 22.54
N LEU A 94 33.06 -29.07 22.22
CA LEU A 94 31.78 -29.39 21.60
C LEU A 94 31.99 -29.87 20.17
N PRO A 95 31.29 -30.92 19.75
CA PRO A 95 31.53 -31.48 18.41
C PRO A 95 30.92 -30.61 17.31
N GLY A 96 31.27 -30.97 16.08
CA GLY A 96 30.73 -30.26 14.94
C GLY A 96 29.25 -30.52 14.75
N LEU A 97 28.56 -29.54 14.18
CA LEU A 97 27.12 -29.62 14.02
C LEU A 97 26.74 -30.55 12.88
N SER A 98 25.51 -31.04 12.92
CA SER A 98 24.96 -31.79 11.81
C SER A 98 24.64 -30.84 10.66
N TRP A 99 24.49 -31.41 9.46
CA TRP A 99 24.30 -30.60 8.26
C TRP A 99 22.97 -29.84 8.30
N ASP A 100 21.89 -30.48 8.77
CA ASP A 100 20.58 -29.84 8.78
C ASP A 100 20.54 -28.70 9.77
N LEU A 101 21.02 -28.93 10.99
CA LEU A 101 21.04 -27.88 12.01
C LEU A 101 21.96 -26.75 11.61
N ALA A 102 23.13 -27.07 11.05
CA ALA A 102 24.09 -26.05 10.64
C ALA A 102 23.53 -25.18 9.51
N LEU A 103 22.91 -25.80 8.50
CA LEU A 103 22.29 -25.03 7.43
C LEU A 103 21.14 -24.20 7.93
N ASN A 104 20.32 -24.76 8.83
CA ASN A 104 19.18 -24.02 9.36
C ASN A 104 19.62 -22.79 10.15
N THR A 105 20.62 -22.94 11.02
CA THR A 105 21.05 -21.79 11.80
C THR A 105 21.87 -20.81 10.95
N ALA A 106 22.55 -21.28 9.91
CA ALA A 106 23.25 -20.36 9.01
C ALA A 106 22.27 -19.49 8.25
N VAL A 107 21.22 -20.09 7.69
CA VAL A 107 20.20 -19.31 7.00
C VAL A 107 19.44 -18.42 7.98
N SER A 108 19.21 -18.90 9.20
CA SER A 108 18.51 -18.11 10.22
C SER A 108 19.31 -16.87 10.61
N PHE A 109 20.62 -17.00 10.75
CA PHE A 109 21.42 -15.85 11.13
C PHE A 109 21.68 -14.93 9.93
N VAL A 110 21.72 -15.46 8.71
CA VAL A 110 21.92 -14.62 7.54
C VAL A 110 20.68 -13.79 7.26
N THR A 111 19.50 -14.42 7.29
CA THR A 111 18.26 -13.77 6.88
C THR A 111 17.66 -12.89 7.97
N ASN A 112 18.43 -12.55 9.00
CA ASN A 112 18.00 -11.71 10.13
C ASN A 112 16.78 -12.30 10.83
N THR A 113 16.68 -13.64 10.86
CA THR A 113 15.60 -14.33 11.54
C THR A 113 16.05 -14.87 12.88
N ASN A 114 17.21 -15.52 12.91
CA ASN A 114 17.88 -15.98 14.13
C ASN A 114 17.06 -17.04 14.86
N TRP A 115 16.39 -17.90 14.09
CA TRP A 115 15.68 -19.04 14.66
C TRP A 115 16.69 -20.03 15.24
N GLN A 116 16.47 -20.42 16.49
CA GLN A 116 17.38 -21.31 17.20
C GLN A 116 16.62 -22.56 17.60
N SER A 117 16.83 -23.64 16.85
CA SER A 117 16.27 -24.95 17.18
C SER A 117 17.19 -25.77 18.07
N TYR A 118 18.35 -25.24 18.42
CA TYR A 118 19.33 -25.91 19.25
C TYR A 118 19.34 -25.30 20.65
N SER A 119 20.21 -25.83 21.50
CA SER A 119 20.54 -25.24 22.79
C SER A 119 21.95 -24.67 22.67
N GLY A 120 22.08 -23.35 22.85
CA GLY A 120 23.32 -22.68 22.50
C GLY A 120 24.50 -23.08 23.37
N GLU A 121 24.29 -23.13 24.69
CA GLU A 121 25.38 -23.36 25.64
C GLU A 121 25.95 -24.77 25.56
N THR A 122 25.20 -25.74 25.04
CA THR A 122 25.69 -27.09 24.86
C THR A 122 25.87 -27.45 23.39
N THR A 123 25.59 -26.53 22.46
CA THR A 123 25.75 -26.80 21.05
C THR A 123 26.87 -26.01 20.40
N LEU A 124 26.96 -24.70 20.65
CA LEU A 124 27.87 -23.84 19.92
C LEU A 124 29.06 -23.43 20.79
N SER A 125 30.22 -23.33 20.15
CA SER A 125 31.46 -23.02 20.83
C SER A 125 31.64 -21.52 21.03
N TYR A 126 32.66 -21.18 21.84
CA TYR A 126 32.96 -19.78 22.11
C TYR A 126 33.37 -19.04 20.85
N PHE A 127 34.19 -19.68 20.02
CA PHE A 127 34.63 -19.05 18.78
C PHE A 127 33.47 -18.83 17.82
N SER A 128 32.57 -19.82 17.71
CA SER A 128 31.42 -19.69 16.84
C SER A 128 30.53 -18.54 17.30
N GLN A 129 30.18 -18.54 18.59
CA GLN A 129 29.32 -17.48 19.15
C GLN A 129 29.96 -16.11 19.03
N MET A 130 31.27 -16.02 19.30
CA MET A 130 31.94 -14.72 19.33
C MET A 130 32.18 -14.17 17.93
N ALA A 131 32.59 -15.02 16.98
CA ALA A 131 32.91 -14.53 15.65
C ALA A 131 31.73 -14.63 14.70
N GLY A 132 31.28 -15.86 14.40
CA GLY A 132 30.41 -16.04 13.26
C GLY A 132 29.01 -15.49 13.49
N LEU A 133 28.45 -15.80 14.65
CA LEU A 133 27.10 -15.32 14.99
C LEU A 133 27.06 -13.81 15.10
N THR A 134 28.09 -13.21 15.72
CA THR A 134 28.11 -11.77 15.91
C THR A 134 28.29 -11.04 14.58
N VAL A 135 29.23 -11.50 13.74
CA VAL A 135 29.41 -10.83 12.45
C VAL A 135 28.20 -11.05 11.56
N GLN A 136 27.49 -12.16 11.71
CA GLN A 136 26.34 -12.36 10.85
C GLN A 136 25.15 -11.55 11.33
N ASN A 137 25.02 -11.32 12.64
CA ASN A 137 24.04 -10.37 13.16
C ASN A 137 24.32 -8.96 12.64
N PHE A 138 25.59 -8.55 12.70
CA PHE A 138 25.99 -7.24 12.19
C PHE A 138 25.70 -7.12 10.69
N LEU A 139 26.02 -8.17 9.93
CA LEU A 139 25.85 -8.11 8.48
C LEU A 139 24.37 -8.12 8.08
N SER A 140 23.54 -8.90 8.79
CA SER A 140 22.11 -8.91 8.50
C SER A 140 21.45 -7.57 8.82
N ALA A 141 21.80 -6.99 9.97
CA ALA A 141 21.27 -5.67 10.31
C ALA A 141 21.74 -4.61 9.31
N ALA A 142 23.02 -4.66 8.93
CA ALA A 142 23.56 -3.71 7.97
C ALA A 142 22.93 -3.87 6.60
N SER A 143 22.63 -5.11 6.19
CA SER A 143 21.98 -5.35 4.91
C SER A 143 20.55 -4.81 4.91
N GLY A 144 19.82 -5.00 6.00
CA GLY A 144 18.47 -4.45 6.10
C GLY A 144 18.47 -2.92 6.05
N ILE A 145 19.37 -2.30 6.82
CA ILE A 145 19.45 -0.84 6.80
C ILE A 145 19.94 -0.33 5.44
N ALA A 146 20.79 -1.10 4.75
CA ALA A 146 21.24 -0.69 3.43
C ALA A 146 20.12 -0.77 2.39
N VAL A 147 19.27 -1.80 2.49
CA VAL A 147 18.14 -1.91 1.56
C VAL A 147 17.14 -0.78 1.81
N ILE A 148 16.86 -0.45 3.07
CA ILE A 148 15.94 0.66 3.31
C ILE A 148 16.60 2.00 2.98
N PHE A 149 17.93 2.08 3.07
CA PHE A 149 18.65 3.26 2.59
C PHE A 149 18.45 3.43 1.09
N ALA A 150 18.52 2.32 0.35
CA ALA A 150 18.28 2.37 -1.09
C ALA A 150 16.85 2.81 -1.39
N LEU A 151 15.88 2.32 -0.64
CA LEU A 151 14.49 2.71 -0.88
C LEU A 151 14.26 4.19 -0.57
N ILE A 152 14.83 4.69 0.52
CA ILE A 152 14.66 6.11 0.87
C ILE A 152 15.40 6.99 -0.13
N ARG A 153 16.57 6.56 -0.61
CA ARG A 153 17.28 7.29 -1.64
C ARG A 153 16.50 7.31 -2.95
N ALA A 154 15.81 6.21 -3.26
CA ALA A 154 14.95 6.17 -4.45
C ALA A 154 13.77 7.13 -4.30
N PHE A 155 13.23 7.25 -3.09
CA PHE A 155 12.12 8.18 -2.87
C PHE A 155 12.59 9.63 -2.95
N THR A 156 13.81 9.92 -2.48
CA THR A 156 14.30 11.30 -2.47
C THR A 156 15.02 11.70 -3.75
N ARG A 157 15.32 10.76 -4.65
CA ARG A 157 16.06 11.07 -5.86
C ARG A 157 15.11 11.30 -7.02
N GLN A 158 15.48 12.22 -7.90
CA GLN A 158 14.64 12.64 -9.02
C GLN A 158 15.35 12.35 -10.33
N SER A 159 14.69 11.57 -11.19
CA SER A 159 15.08 11.34 -12.59
C SER A 159 16.51 10.81 -12.71
N MET A 160 16.89 9.91 -11.82
CA MET A 160 18.21 9.29 -11.85
C MET A 160 18.06 7.79 -12.10
N SER A 161 19.22 7.11 -12.17
CA SER A 161 19.24 5.66 -12.27
C SER A 161 20.09 5.00 -11.18
N THR A 162 20.96 5.75 -10.51
CA THR A 162 21.84 5.20 -9.50
C THR A 162 21.17 5.22 -8.13
N LEU A 163 21.77 4.48 -7.20
CA LEU A 163 21.21 4.34 -5.86
C LEU A 163 22.29 4.37 -4.79
N GLY A 164 23.42 5.01 -5.07
CA GLY A 164 24.53 5.03 -4.13
C GLY A 164 25.35 3.76 -4.21
N ASN A 165 26.32 3.66 -3.30
CA ASN A 165 27.23 2.53 -3.24
C ASN A 165 26.84 1.62 -2.09
N ALA A 166 26.59 0.35 -2.41
CA ALA A 166 26.14 -0.61 -1.40
C ALA A 166 27.22 -0.90 -0.37
N TRP A 167 28.47 -1.03 -0.81
CA TRP A 167 29.56 -1.30 0.12
C TRP A 167 29.82 -0.09 1.02
N VAL A 168 29.74 1.11 0.46
CA VAL A 168 29.88 2.33 1.24
C VAL A 168 28.78 2.41 2.29
N ASP A 169 27.54 2.10 1.89
CA ASP A 169 26.42 2.11 2.82
C ASP A 169 26.61 1.09 3.94
N LEU A 170 27.03 -0.13 3.59
CA LEU A 170 27.19 -1.19 4.58
C LEU A 170 28.29 -0.84 5.58
N LEU A 171 29.44 -0.37 5.08
CA LEU A 171 30.52 0.02 5.97
C LEU A 171 30.15 1.21 6.84
N ARG A 172 29.46 2.19 6.27
CA ARG A 172 29.03 3.35 7.04
C ARG A 172 28.07 2.97 8.15
N ILE A 173 27.09 2.12 7.83
CA ILE A 173 26.11 1.69 8.83
C ILE A 173 26.80 0.92 9.94
N THR A 174 27.60 -0.09 9.57
CA THR A 174 28.23 -0.95 10.56
C THR A 174 29.22 -0.20 11.44
N LEU A 175 29.97 0.74 10.87
CA LEU A 175 31.02 1.40 11.64
C LEU A 175 30.54 2.64 12.38
N TRP A 176 29.45 3.28 11.97
CA TRP A 176 29.03 4.50 12.64
C TRP A 176 27.66 4.43 13.32
N VAL A 177 26.92 3.32 13.20
CA VAL A 177 25.64 3.16 13.87
C VAL A 177 25.61 1.91 14.73
N LEU A 178 26.07 0.79 14.18
CA LEU A 178 25.93 -0.49 14.87
C LEU A 178 26.98 -0.67 15.97
N VAL A 179 28.26 -0.57 15.63
CA VAL A 179 29.35 -0.87 16.55
C VAL A 179 29.41 0.04 17.79
N PRO A 180 29.38 1.38 17.69
CA PRO A 180 29.54 2.17 18.94
C PRO A 180 28.36 2.06 19.89
N VAL A 181 27.14 2.03 19.36
CA VAL A 181 25.97 1.84 20.22
C VAL A 181 25.98 0.44 20.82
N ALA A 182 26.49 -0.55 20.09
CA ALA A 182 26.66 -1.88 20.66
C ALA A 182 27.70 -1.88 21.78
N LEU A 183 28.76 -1.09 21.63
CA LEU A 183 29.75 -0.94 22.71
C LEU A 183 29.09 -0.34 23.95
N LEU A 184 28.30 0.72 23.78
CA LEU A 184 27.64 1.35 24.91
C LEU A 184 26.66 0.39 25.59
N ILE A 185 25.88 -0.34 24.80
CA ILE A 185 24.88 -1.27 25.34
C ILE A 185 25.57 -2.43 26.04
N ALA A 186 26.64 -2.96 25.46
CA ALA A 186 27.35 -4.09 26.08
C ALA A 186 28.04 -3.67 27.38
N LEU A 187 28.63 -2.47 27.42
CA LEU A 187 29.23 -2.02 28.67
C LEU A 187 28.18 -1.72 29.74
N PHE A 188 26.98 -1.27 29.33
CA PHE A 188 25.89 -1.19 30.30
C PHE A 188 25.47 -2.57 30.77
N PHE A 189 25.55 -3.57 29.89
CA PHE A 189 25.22 -4.94 30.29
C PHE A 189 26.22 -5.47 31.32
N ILE A 190 27.50 -5.12 31.17
CA ILE A 190 28.49 -5.52 32.17
C ILE A 190 28.31 -4.70 33.46
N GLN A 191 27.85 -3.45 33.34
CA GLN A 191 27.44 -2.69 34.52
C GLN A 191 26.34 -3.42 35.29
N GLN A 192 25.38 -3.98 34.58
CA GLN A 192 24.25 -4.63 35.25
C GLN A 192 24.49 -6.10 35.57
N GLY A 193 25.54 -6.72 35.03
CA GLY A 193 25.88 -8.08 35.42
C GLY A 193 25.80 -9.16 34.36
N ALA A 194 26.10 -8.82 33.10
CA ALA A 194 26.11 -9.82 32.04
C ALA A 194 27.50 -10.48 31.97
N LEU A 195 27.72 -11.34 30.98
CA LEU A 195 28.98 -12.05 30.80
C LEU A 195 29.75 -11.50 29.62
N GLN A 196 31.04 -11.23 29.83
CA GLN A 196 31.94 -10.95 28.73
C GLN A 196 33.31 -11.58 29.01
N ASN A 197 33.30 -12.84 29.43
CA ASN A 197 34.51 -13.59 29.70
C ASN A 197 34.69 -14.72 28.69
N PHE A 198 35.94 -15.20 28.58
CA PHE A 198 36.25 -16.37 27.79
C PHE A 198 36.67 -17.54 28.67
N LEU A 199 36.34 -17.48 29.97
CA LEU A 199 36.69 -18.53 30.90
C LEU A 199 35.91 -19.81 30.58
N PRO A 200 36.46 -20.99 30.91
CA PRO A 200 35.71 -22.24 30.70
C PRO A 200 34.52 -22.37 31.64
N TYR A 201 33.74 -23.44 31.47
CA TYR A 201 32.53 -23.63 32.25
C TYR A 201 32.90 -23.90 33.71
N GLN A 202 32.24 -23.20 34.62
CA GLN A 202 32.59 -23.21 36.03
C GLN A 202 31.73 -24.20 36.78
N ALA A 203 32.37 -25.15 37.45
CA ALA A 203 31.66 -26.08 38.32
C ALA A 203 31.29 -25.38 39.62
N VAL A 204 30.11 -25.70 40.14
CA VAL A 204 29.57 -25.04 41.32
C VAL A 204 29.32 -26.10 42.40
N ASN A 205 29.88 -25.87 43.58
CA ASN A 205 29.54 -26.66 44.76
C ASN A 205 28.33 -25.99 45.41
N THR A 206 27.16 -26.58 45.18
CA THR A 206 25.89 -26.01 45.63
C THR A 206 25.82 -26.07 47.16
N VAL A 207 25.00 -25.16 47.72
CA VAL A 207 24.79 -25.11 49.17
C VAL A 207 24.23 -26.43 49.68
N GLU A 208 23.25 -26.98 48.97
CA GLU A 208 22.75 -28.31 49.33
C GLU A 208 23.70 -29.41 48.88
N GLY A 209 24.34 -29.24 47.72
CA GLY A 209 25.35 -30.19 47.29
C GLY A 209 25.22 -30.70 45.87
N ALA A 210 24.10 -30.40 45.21
CA ALA A 210 23.86 -30.86 43.84
C ALA A 210 24.71 -30.02 42.88
N GLN A 211 25.82 -30.61 42.42
CA GLN A 211 26.78 -29.87 41.61
C GLN A 211 26.21 -29.50 40.25
N GLN A 212 26.36 -28.24 39.87
CA GLN A 212 25.89 -27.73 38.59
C GLN A 212 27.04 -27.04 37.87
N LEU A 213 26.98 -27.05 36.54
CA LEU A 213 28.00 -26.47 35.69
C LEU A 213 27.49 -25.17 35.09
N LEU A 214 28.22 -24.09 35.30
CA LEU A 214 27.78 -22.77 34.85
C LEU A 214 28.36 -22.47 33.46
N PRO A 215 27.53 -22.23 32.47
CA PRO A 215 28.06 -21.86 31.14
C PRO A 215 28.48 -20.40 31.11
N MET A 216 29.63 -20.14 30.51
CA MET A 216 30.17 -18.80 30.34
C MET A 216 30.29 -18.50 28.86
N GLY A 217 30.90 -17.37 28.54
CA GLY A 217 31.14 -17.00 27.16
C GLY A 217 30.87 -15.54 26.87
N PRO A 218 31.16 -15.12 25.64
CA PRO A 218 30.92 -13.72 25.26
C PRO A 218 29.46 -13.41 25.06
N VAL A 219 28.73 -13.22 26.16
CA VAL A 219 27.28 -13.03 26.09
C VAL A 219 26.94 -11.63 25.61
N ALA A 220 27.57 -10.61 26.20
CA ALA A 220 27.13 -9.23 25.98
C ALA A 220 27.43 -8.73 24.58
N SER A 221 28.53 -9.21 23.95
CA SER A 221 28.84 -8.81 22.59
C SER A 221 27.75 -9.26 21.62
N GLN A 222 27.25 -10.49 21.80
CA GLN A 222 26.14 -10.95 21.00
C GLN A 222 24.84 -10.25 21.39
N GLU A 223 24.65 -10.00 22.69
CA GLU A 223 23.40 -9.44 23.18
C GLU A 223 23.17 -8.02 22.68
N ALA A 224 24.23 -7.21 22.64
CA ALA A 224 24.09 -5.81 22.23
C ALA A 224 23.66 -5.68 20.78
N ILE A 225 24.31 -6.44 19.89
CA ILE A 225 23.91 -6.39 18.48
C ILE A 225 22.60 -7.15 18.26
N LYS A 226 22.29 -8.12 19.12
CA LYS A 226 21.01 -8.80 19.03
C LYS A 226 19.85 -7.84 19.32
N MET A 227 20.02 -6.97 20.31
CA MET A 227 18.98 -5.99 20.59
C MET A 227 19.01 -4.83 19.60
N LEU A 228 20.20 -4.38 19.18
CA LEU A 228 20.28 -3.24 18.28
C LEU A 228 19.76 -3.57 16.89
N GLY A 229 20.21 -4.69 16.33
CA GLY A 229 19.78 -5.12 15.01
C GLY A 229 18.50 -5.92 14.99
N THR A 230 17.84 -6.07 16.15
CA THR A 230 16.63 -6.88 16.31
C THR A 230 16.85 -8.29 15.76
N ASN A 231 17.96 -8.90 16.18
CA ASN A 231 18.35 -10.19 15.63
C ASN A 231 17.58 -11.33 16.29
N GLY A 232 17.76 -11.52 17.59
CA GLY A 232 17.01 -12.50 18.34
C GLY A 232 17.72 -13.79 18.66
N GLY A 233 18.95 -13.99 18.19
CA GLY A 233 19.66 -15.22 18.46
C GLY A 233 20.44 -15.17 19.75
N GLY A 234 19.87 -15.71 20.82
CA GLY A 234 20.48 -15.62 22.13
C GLY A 234 21.67 -16.55 22.31
N PHE A 235 22.42 -16.29 23.38
CA PHE A 235 23.56 -17.14 23.71
C PHE A 235 23.09 -18.53 24.14
N PHE A 236 22.13 -18.61 25.04
CA PHE A 236 21.66 -19.84 25.62
C PHE A 236 20.35 -20.27 24.95
N ASN A 237 19.72 -21.32 25.50
CA ASN A 237 18.43 -21.77 24.98
C ASN A 237 17.36 -20.73 25.22
N ALA A 238 17.36 -20.09 26.38
CA ALA A 238 16.51 -18.94 26.63
C ALA A 238 17.11 -17.73 25.92
N ASN A 239 16.28 -17.03 25.13
CA ASN A 239 16.79 -15.94 24.31
C ASN A 239 17.17 -14.74 25.17
N SER A 240 16.29 -14.34 26.09
CA SER A 240 16.60 -13.26 27.02
C SER A 240 16.08 -13.56 28.42
N SER A 241 15.55 -14.75 28.66
CA SER A 241 15.11 -15.12 30.00
C SER A 241 16.28 -15.43 30.92
N HIS A 242 17.45 -15.73 30.35
CA HIS A 242 18.57 -16.22 31.14
C HIS A 242 19.18 -15.05 31.91
N PRO A 243 19.49 -15.23 33.20
CA PRO A 243 19.99 -14.10 34.01
C PRO A 243 21.37 -13.60 33.61
N PHE A 244 22.16 -14.39 32.88
CA PHE A 244 23.43 -13.89 32.35
C PHE A 244 23.26 -13.00 31.12
N GLU A 245 22.05 -12.88 30.59
CA GLU A 245 21.79 -12.00 29.46
C GLU A 245 20.94 -10.79 29.81
N ASN A 246 19.90 -10.97 30.61
CA ASN A 246 18.99 -9.89 31.01
C ASN A 246 18.82 -9.95 32.52
N PRO A 247 19.79 -9.45 33.29
CA PRO A 247 19.75 -9.64 34.74
C PRO A 247 18.84 -8.66 35.49
N THR A 248 18.46 -7.55 34.88
CA THR A 248 17.80 -6.48 35.60
C THR A 248 16.65 -5.96 34.75
N ALA A 249 15.59 -5.46 35.41
CA ALA A 249 14.50 -4.81 34.69
C ALA A 249 14.96 -3.56 33.95
N LEU A 250 15.96 -2.85 34.50
CA LEU A 250 16.57 -1.74 33.78
C LEU A 250 17.26 -2.23 32.51
N THR A 251 17.94 -3.38 32.60
CA THR A 251 18.55 -4.00 31.42
C THR A 251 17.48 -4.38 30.40
N ASN A 252 16.34 -4.90 30.87
CA ASN A 252 15.25 -5.25 29.97
C ASN A 252 14.67 -4.02 29.27
N PHE A 253 14.53 -2.92 30.01
CA PHE A 253 14.06 -1.68 29.41
C PHE A 253 15.05 -1.15 28.37
N VAL A 254 16.35 -1.26 28.66
CA VAL A 254 17.37 -0.86 27.70
C VAL A 254 17.34 -1.75 26.46
N GLN A 255 17.07 -3.04 26.65
CA GLN A 255 16.93 -3.97 25.54
C GLN A 255 15.75 -3.61 24.65
N MET A 256 14.61 -3.28 25.27
CA MET A 256 13.43 -2.85 24.50
C MET A 256 13.71 -1.57 23.73
N LEU A 257 14.40 -0.62 24.38
CA LEU A 257 14.78 0.63 23.70
C LEU A 257 15.70 0.35 22.53
N ALA A 258 16.65 -0.57 22.69
CA ALA A 258 17.55 -0.91 21.59
C ALA A 258 16.80 -1.62 20.46
N ILE A 259 15.75 -2.37 20.79
CA ILE A 259 14.98 -3.04 19.75
C ILE A 259 14.21 -2.03 18.91
N PHE A 260 13.52 -1.09 19.56
CA PHE A 260 12.83 -0.07 18.77
C PHE A 260 13.69 1.12 18.37
N LEU A 261 14.98 1.14 18.70
CA LEU A 261 15.80 2.33 18.43
C LEU A 261 16.00 2.56 16.95
N ILE A 262 16.37 1.51 16.21
CA ILE A 262 16.73 1.67 14.79
C ILE A 262 15.51 1.85 13.88
N PRO A 263 14.40 1.09 14.00
CA PRO A 263 13.25 1.42 13.14
C PRO A 263 12.64 2.80 13.36
N THR A 264 12.55 3.26 14.61
CA THR A 264 12.04 4.59 14.88
C THR A 264 12.97 5.67 14.34
N ALA A 265 14.28 5.49 14.51
CA ALA A 265 15.24 6.43 13.96
C ALA A 265 15.23 6.42 12.44
N LEU A 266 14.95 5.27 11.82
CA LEU A 266 14.86 5.23 10.37
C LEU A 266 13.58 5.88 9.86
N CYS A 267 12.49 5.78 10.61
CA CYS A 267 11.29 6.53 10.26
C CYS A 267 11.54 8.04 10.36
N PHE A 268 12.22 8.47 11.42
CA PHE A 268 12.60 9.88 11.54
C PHE A 268 13.53 10.32 10.41
N ALA A 269 14.49 9.45 10.05
CA ALA A 269 15.42 9.75 8.97
C ALA A 269 14.70 9.86 7.63
N PHE A 270 13.75 8.96 7.38
CA PHE A 270 12.95 9.03 6.16
C PHE A 270 12.15 10.32 6.11
N GLY A 271 11.52 10.70 7.23
CA GLY A 271 10.76 11.93 7.27
C GLY A 271 11.62 13.17 7.05
N GLU A 272 12.83 13.18 7.60
CA GLU A 272 13.72 14.32 7.44
C GLU A 272 14.34 14.37 6.04
N VAL A 273 14.64 13.21 5.46
CA VAL A 273 15.25 13.17 4.13
C VAL A 273 14.24 13.59 3.06
N MET A 274 12.96 13.22 3.23
CA MET A 274 11.94 13.73 2.31
C MET A 274 11.75 15.25 2.43
N GLY A 275 12.21 15.86 3.52
CA GLY A 275 12.01 17.27 3.76
C GLY A 275 10.71 17.62 4.44
N ASP A 276 9.85 16.63 4.67
CA ASP A 276 8.58 16.83 5.35
C ASP A 276 8.48 15.81 6.47
N ARG A 277 8.58 16.28 7.72
CA ARG A 277 8.54 15.39 8.88
C ARG A 277 7.15 14.79 9.12
N ARG A 278 6.12 15.29 8.43
CA ARG A 278 4.78 14.77 8.63
C ARG A 278 4.64 13.33 8.14
N GLN A 279 5.45 12.92 7.16
CA GLN A 279 5.38 11.53 6.69
C GLN A 279 5.93 10.57 7.73
N GLY A 280 7.08 10.89 8.31
CA GLY A 280 7.60 10.09 9.41
C GLY A 280 6.70 10.12 10.63
N ARG A 281 6.06 11.27 10.89
CA ARG A 281 5.08 11.35 11.95
C ARG A 281 3.89 10.45 11.68
N MET A 282 3.44 10.38 10.43
CA MET A 282 2.35 9.49 10.05
C MET A 282 2.73 8.03 10.28
N LEU A 283 3.93 7.64 9.83
CA LEU A 283 4.38 6.27 10.00
C LEU A 283 4.49 5.89 11.47
N LEU A 284 5.09 6.77 12.26
CA LEU A 284 5.24 6.49 13.69
C LEU A 284 3.90 6.50 14.41
N TRP A 285 2.95 7.35 13.97
CA TRP A 285 1.63 7.36 14.58
C TRP A 285 0.88 6.06 14.31
N ALA A 286 0.93 5.57 13.07
CA ALA A 286 0.25 4.31 12.74
C ALA A 286 0.88 3.13 13.48
N MET A 287 2.21 3.06 13.46
CA MET A 287 2.91 1.98 14.17
C MET A 287 2.65 2.05 15.67
N SER A 288 2.63 3.26 16.24
CA SER A 288 2.42 3.41 17.67
C SER A 288 0.99 3.06 18.07
N VAL A 289 0.01 3.41 17.23
CA VAL A 289 -1.38 3.08 17.56
C VAL A 289 -1.57 1.56 17.54
N ILE A 290 -1.05 0.89 16.51
CA ILE A 290 -1.14 -0.57 16.45
C ILE A 290 -0.40 -1.20 17.62
N PHE A 291 0.78 -0.65 17.95
CA PHE A 291 1.60 -1.18 19.02
C PHE A 291 0.92 -1.05 20.38
N VAL A 292 0.32 0.12 20.66
CA VAL A 292 -0.36 0.34 21.94
C VAL A 292 -1.58 -0.56 22.05
N ILE A 293 -2.34 -0.72 20.95
CA ILE A 293 -3.51 -1.61 20.98
C ILE A 293 -3.08 -3.06 21.27
N CYS A 294 -2.02 -3.53 20.59
CA CYS A 294 -1.54 -4.89 20.81
C CYS A 294 -1.01 -5.08 22.22
N VAL A 295 -0.26 -4.10 22.73
CA VAL A 295 0.31 -4.18 24.07
C VAL A 295 -0.78 -4.21 25.13
N GLY A 296 -1.80 -3.35 24.98
CA GLY A 296 -2.89 -3.35 25.93
C GLY A 296 -3.69 -4.64 25.91
N VAL A 297 -3.92 -5.19 24.71
CA VAL A 297 -4.66 -6.44 24.60
C VAL A 297 -3.88 -7.59 25.25
N VAL A 298 -2.58 -7.68 24.99
CA VAL A 298 -1.78 -8.76 25.55
C VAL A 298 -1.63 -8.60 27.07
N MET A 299 -1.48 -7.36 27.55
CA MET A 299 -1.44 -7.14 29.00
C MET A 299 -2.74 -7.55 29.67
N TRP A 300 -3.89 -7.19 29.08
CA TRP A 300 -5.17 -7.60 29.67
C TRP A 300 -5.31 -9.12 29.66
N ALA A 301 -4.88 -9.77 28.57
CA ALA A 301 -4.96 -11.22 28.48
C ALA A 301 -4.10 -11.90 29.54
N GLU A 302 -2.88 -11.41 29.76
CA GLU A 302 -2.01 -12.05 30.75
C GLU A 302 -2.38 -11.69 32.19
N VAL A 303 -2.95 -10.52 32.44
CA VAL A 303 -3.46 -10.24 33.78
C VAL A 303 -4.68 -11.11 34.08
N GLN A 304 -5.52 -11.37 33.08
CA GLN A 304 -6.59 -12.36 33.25
C GLN A 304 -6.01 -13.75 33.50
N GLY A 305 -5.03 -14.15 32.69
CA GLY A 305 -4.19 -15.30 32.96
C GLY A 305 -4.91 -16.64 32.92
N ASN A 306 -4.34 -17.60 33.64
CA ASN A 306 -4.88 -18.95 33.71
C ASN A 306 -6.07 -18.98 34.65
N PRO A 307 -7.28 -19.33 34.19
CA PRO A 307 -8.43 -19.40 35.11
C PRO A 307 -8.35 -20.57 36.08
N HIS A 308 -7.51 -21.57 35.82
CA HIS A 308 -7.44 -22.74 36.67
C HIS A 308 -6.63 -22.51 37.94
N LEU A 309 -5.91 -21.39 38.04
CA LEU A 309 -5.03 -21.17 39.19
C LEU A 309 -5.84 -20.99 40.49
N LEU A 310 -6.94 -20.26 40.43
CA LEU A 310 -7.80 -20.14 41.61
C LEU A 310 -8.59 -21.42 41.87
N ALA A 311 -8.84 -22.21 40.82
CA ALA A 311 -9.53 -23.49 41.02
C ALA A 311 -8.64 -24.48 41.76
N LEU A 312 -7.37 -24.57 41.37
CA LEU A 312 -6.41 -25.42 42.07
C LEU A 312 -5.86 -24.76 43.33
N GLY A 313 -6.06 -23.46 43.51
CA GLY A 313 -5.65 -22.78 44.72
C GLY A 313 -4.36 -22.02 44.55
N THR A 314 -4.46 -20.70 44.31
CA THR A 314 -3.30 -19.85 44.11
C THR A 314 -3.68 -18.46 44.61
N ASP A 315 -2.66 -17.64 44.89
CA ASP A 315 -2.90 -16.26 45.34
C ASP A 315 -3.63 -15.46 44.27
N SER A 316 -3.23 -15.60 43.01
CA SER A 316 -3.85 -14.87 41.92
C SER A 316 -3.79 -15.72 40.66
N SER A 317 -4.56 -15.32 39.66
CA SER A 317 -4.70 -16.08 38.42
C SER A 317 -3.82 -15.54 37.29
N ILE A 318 -2.87 -14.66 37.59
CA ILE A 318 -2.02 -14.09 36.56
C ILE A 318 -1.11 -15.17 35.99
N ASN A 319 -0.91 -15.15 34.67
CA ASN A 319 -0.18 -16.21 33.98
C ASN A 319 1.32 -15.95 34.07
N MET A 320 1.83 -16.12 35.29
CA MET A 320 3.25 -15.93 35.57
C MET A 320 4.06 -17.16 35.18
N GLU A 321 3.40 -18.27 34.83
CA GLU A 321 4.09 -19.46 34.36
C GLU A 321 4.85 -19.19 33.07
N GLY A 322 6.09 -19.65 33.02
CA GLY A 322 6.93 -19.35 31.87
C GLY A 322 7.39 -17.91 31.79
N LYS A 323 7.36 -17.19 32.91
CA LYS A 323 7.84 -15.81 32.99
C LYS A 323 8.81 -15.68 34.14
N GLU A 324 9.90 -14.93 33.92
CA GLU A 324 10.83 -14.65 34.99
C GLU A 324 10.19 -13.73 36.03
N SER A 325 10.53 -13.96 37.30
CA SER A 325 9.97 -13.15 38.38
C SER A 325 10.65 -11.80 38.53
N ARG A 326 11.76 -11.57 37.82
CA ARG A 326 12.35 -10.24 37.80
C ARG A 326 11.50 -9.24 37.03
N PHE A 327 10.61 -9.72 36.18
CA PHE A 327 9.74 -8.89 35.37
C PHE A 327 8.30 -9.27 35.66
N GLY A 328 7.41 -8.29 35.67
CA GLY A 328 6.01 -8.58 35.86
C GLY A 328 5.39 -9.20 34.62
N VAL A 329 4.14 -9.62 34.77
CA VAL A 329 3.39 -10.09 33.61
C VAL A 329 3.16 -8.94 32.63
N LEU A 330 3.06 -7.70 33.14
CA LEU A 330 2.96 -6.53 32.29
C LEU A 330 4.22 -6.35 31.45
N VAL A 331 5.39 -6.45 32.10
CA VAL A 331 6.66 -6.26 31.41
C VAL A 331 6.91 -7.40 30.42
N SER A 332 6.53 -8.63 30.79
CA SER A 332 6.67 -9.76 29.88
C SER A 332 5.76 -9.60 28.67
N SER A 333 4.53 -9.10 28.88
CA SER A 333 3.63 -8.83 27.77
C SER A 333 4.19 -7.76 26.84
N LEU A 334 4.74 -6.69 27.41
CA LEU A 334 5.33 -5.63 26.61
C LEU A 334 6.51 -6.12 25.80
N PHE A 335 7.39 -6.92 26.42
CA PHE A 335 8.54 -7.46 25.72
C PHE A 335 8.12 -8.42 24.61
N ALA A 336 7.08 -9.23 24.86
CA ALA A 336 6.57 -10.14 23.84
C ALA A 336 6.07 -9.37 22.62
N VAL A 337 5.28 -8.32 22.85
CA VAL A 337 4.74 -7.54 21.73
C VAL A 337 5.86 -6.78 21.01
N VAL A 338 6.81 -6.23 21.76
CA VAL A 338 7.93 -5.49 21.16
C VAL A 338 8.75 -6.39 20.26
N THR A 339 9.17 -7.55 20.77
CA THR A 339 10.04 -8.41 20.00
C THR A 339 9.31 -9.21 18.94
N THR A 340 7.98 -9.28 18.99
CA THR A 340 7.30 -9.99 17.92
C THR A 340 6.80 -9.06 16.83
N ALA A 341 6.39 -7.83 17.17
CA ALA A 341 6.07 -6.85 16.14
C ALA A 341 7.32 -6.31 15.46
N ALA A 342 8.44 -6.24 16.19
CA ALA A 342 9.66 -5.64 15.67
C ALA A 342 10.54 -6.62 14.90
N SER A 343 10.09 -7.86 14.73
CA SER A 343 10.89 -8.93 14.11
C SER A 343 12.21 -9.14 14.84
N CYS A 344 12.19 -8.98 16.17
CA CYS A 344 13.37 -9.28 16.96
C CYS A 344 13.46 -10.77 17.27
N GLY A 345 12.49 -11.29 18.03
CA GLY A 345 12.45 -12.70 18.34
C GLY A 345 12.97 -13.09 19.70
N ALA A 346 13.63 -12.19 20.40
CA ALA A 346 14.08 -12.48 21.76
C ALA A 346 12.89 -12.59 22.71
N VAL A 347 13.01 -13.46 23.70
CA VAL A 347 11.95 -13.68 24.66
C VAL A 347 12.51 -13.60 26.08
N ILE A 348 11.85 -12.80 26.93
CA ILE A 348 12.06 -12.90 28.37
C ILE A 348 11.03 -13.79 29.02
N ALA A 349 9.96 -14.14 28.32
CA ALA A 349 8.98 -15.11 28.76
C ALA A 349 8.68 -16.04 27.59
N MET A 350 8.56 -17.33 27.88
CA MET A 350 8.21 -18.29 26.85
C MET A 350 6.78 -18.06 26.37
N HIS A 351 6.64 -17.78 25.07
CA HIS A 351 5.34 -17.40 24.52
C HIS A 351 4.37 -18.58 24.47
N ASP A 352 4.87 -19.80 24.62
CA ASP A 352 3.99 -20.97 24.64
C ASP A 352 3.19 -20.99 25.94
N SER A 353 3.82 -20.58 27.04
CA SER A 353 3.15 -20.50 28.33
C SER A 353 2.16 -19.36 28.43
N PHE A 354 2.12 -18.47 27.43
CA PHE A 354 1.14 -17.41 27.37
C PHE A 354 -0.28 -17.98 27.21
N THR A 355 -1.26 -17.16 27.53
CA THR A 355 -2.65 -17.54 27.32
C THR A 355 -2.95 -17.59 25.82
N ALA A 356 -4.14 -18.11 25.49
CA ALA A 356 -4.52 -18.27 24.10
C ALA A 356 -4.65 -16.92 23.40
N LEU A 357 -5.41 -16.00 23.98
CA LEU A 357 -5.55 -14.68 23.38
C LEU A 357 -4.29 -13.86 23.56
N GLY A 358 -3.48 -14.16 24.58
CA GLY A 358 -2.22 -13.45 24.77
C GLY A 358 -1.15 -13.86 23.79
N GLY A 359 -1.22 -15.06 23.24
CA GLY A 359 -0.30 -15.49 22.20
C GLY A 359 -0.91 -15.37 20.83
N MET A 360 -2.21 -15.05 20.79
CA MET A 360 -2.89 -14.76 19.54
C MET A 360 -2.29 -13.54 18.85
N VAL A 361 -2.02 -12.50 19.63
CA VAL A 361 -1.56 -11.23 19.04
C VAL A 361 -0.13 -11.30 18.51
N PRO A 362 0.84 -11.99 19.16
CA PRO A 362 2.13 -12.19 18.48
C PRO A 362 2.04 -12.94 17.16
N MET A 363 1.14 -13.92 17.05
CA MET A 363 0.98 -14.65 15.79
C MET A 363 0.52 -13.72 14.68
N TRP A 364 -0.50 -12.91 14.97
CA TRP A 364 -0.99 -11.93 14.00
C TRP A 364 0.04 -10.85 13.70
N LEU A 365 0.83 -10.46 14.71
CA LEU A 365 1.84 -9.42 14.52
C LEU A 365 2.99 -9.90 13.63
N MET A 366 3.33 -11.19 13.69
CA MET A 366 4.25 -11.71 12.68
C MET A 366 3.55 -11.81 11.33
N GLN A 367 2.30 -12.30 11.31
CA GLN A 367 1.65 -12.63 10.06
C GLN A 367 1.23 -11.41 9.25
N ILE A 368 1.17 -10.22 9.85
CA ILE A 368 0.86 -9.02 9.08
C ILE A 368 2.02 -8.53 8.23
N GLY A 369 3.17 -9.19 8.27
CA GLY A 369 4.32 -8.78 7.50
C GLY A 369 5.38 -8.02 8.27
N GLU A 370 5.24 -7.93 9.60
CA GLU A 370 6.20 -7.26 10.49
C GLU A 370 6.39 -5.79 10.10
N VAL A 371 5.32 -5.02 10.22
CA VAL A 371 5.33 -3.61 9.84
C VAL A 371 5.28 -2.68 11.03
N VAL A 372 5.19 -3.20 12.25
CA VAL A 372 5.16 -2.37 13.45
C VAL A 372 6.58 -2.34 14.00
N PHE A 373 7.37 -1.36 13.52
CA PHE A 373 8.80 -1.22 13.82
C PHE A 373 9.58 -2.49 13.51
N GLY A 374 9.21 -3.18 12.44
CA GLY A 374 9.77 -4.48 12.16
C GLY A 374 11.23 -4.42 11.75
N GLY A 375 11.99 -5.44 12.15
CA GLY A 375 13.38 -5.62 11.76
C GLY A 375 14.23 -4.41 12.11
N VAL A 376 15.06 -4.02 11.15
CA VAL A 376 15.71 -2.71 11.15
C VAL A 376 15.31 -1.89 9.94
N GLY A 377 15.28 -2.50 8.76
CA GLY A 377 14.81 -1.84 7.57
C GLY A 377 13.72 -2.66 6.90
N SER A 378 13.64 -3.94 7.28
CA SER A 378 12.65 -4.83 6.71
C SER A 378 11.23 -4.37 7.03
N GLY A 379 11.00 -3.96 8.27
CA GLY A 379 9.71 -3.42 8.63
C GLY A 379 9.41 -2.09 7.97
N LEU A 380 10.43 -1.26 7.76
CA LEU A 380 10.19 0.02 7.11
C LEU A 380 9.83 -0.17 5.63
N TYR A 381 10.49 -1.11 4.93
CA TYR A 381 10.04 -1.30 3.55
C TYR A 381 8.78 -2.13 3.44
N GLY A 382 8.46 -2.98 4.42
CA GLY A 382 7.16 -3.62 4.44
C GLY A 382 6.03 -2.62 4.66
N MET A 383 6.25 -1.67 5.58
CA MET A 383 5.30 -0.57 5.75
C MET A 383 5.28 0.33 4.53
N MET A 384 6.40 0.43 3.81
CA MET A 384 6.39 1.17 2.54
C MET A 384 5.51 0.48 1.50
N LEU A 385 5.55 -0.86 1.45
CA LEU A 385 4.66 -1.60 0.57
C LEU A 385 3.19 -1.40 0.96
N PHE A 386 2.91 -1.43 2.26
CA PHE A 386 1.55 -1.18 2.72
C PHE A 386 1.11 0.25 2.45
N VAL A 387 2.03 1.21 2.53
CA VAL A 387 1.74 2.60 2.19
C VAL A 387 1.46 2.75 0.69
N LEU A 388 2.21 2.04 -0.15
CA LEU A 388 1.93 2.05 -1.59
C LEU A 388 0.56 1.47 -1.89
N LEU A 389 0.20 0.39 -1.21
CA LEU A 389 -1.14 -0.17 -1.34
C LEU A 389 -2.21 0.83 -0.87
N ALA A 390 -1.96 1.51 0.24
CA ALA A 390 -2.92 2.46 0.79
C ALA A 390 -3.08 3.68 -0.11
N VAL A 391 -1.99 4.18 -0.70
CA VAL A 391 -2.12 5.34 -1.57
C VAL A 391 -2.73 4.95 -2.91
N PHE A 392 -2.54 3.69 -3.34
CA PHE A 392 -3.27 3.21 -4.51
C PHE A 392 -4.77 3.18 -4.25
N ILE A 393 -5.17 2.64 -3.09
CA ILE A 393 -6.58 2.59 -2.73
C ILE A 393 -7.15 4.00 -2.58
N ALA A 394 -6.39 4.91 -1.95
CA ALA A 394 -6.84 6.28 -1.77
C ALA A 394 -6.95 7.02 -3.10
N GLY A 395 -6.00 6.81 -4.01
CA GLY A 395 -6.07 7.46 -5.31
C GLY A 395 -7.25 6.98 -6.14
N LEU A 396 -7.53 5.68 -6.09
CA LEU A 396 -8.76 5.18 -6.73
C LEU A 396 -10.00 5.74 -6.06
N MET A 397 -9.97 5.85 -4.73
CA MET A 397 -11.18 6.22 -3.99
C MET A 397 -11.48 7.71 -4.12
N ILE A 398 -10.46 8.52 -4.44
CA ILE A 398 -10.68 9.93 -4.73
C ILE A 398 -10.70 10.24 -6.22
N GLY A 399 -10.39 9.28 -7.07
CA GLY A 399 -10.46 9.49 -8.50
C GLY A 399 -9.23 10.08 -9.14
N ARG A 400 -8.11 10.14 -8.44
CA ARG A 400 -6.86 10.64 -8.99
C ARG A 400 -5.93 9.49 -9.35
N THR A 401 -4.83 9.84 -10.00
CA THR A 401 -3.77 8.86 -10.24
C THR A 401 -3.07 8.54 -8.91
N PRO A 402 -2.73 7.28 -8.67
CA PRO A 402 -2.08 6.92 -7.40
C PRO A 402 -0.66 7.43 -7.31
N GLU A 403 -0.40 8.34 -6.39
CA GLU A 403 0.92 8.92 -6.20
C GLU A 403 1.23 9.01 -4.71
N TYR A 404 2.52 9.09 -4.41
CA TYR A 404 2.98 9.19 -3.03
C TYR A 404 4.31 9.92 -3.00
N LEU A 405 4.32 11.09 -2.35
CA LEU A 405 5.44 12.04 -2.35
C LEU A 405 5.88 12.39 -3.77
N GLY A 406 4.90 12.75 -4.60
CA GLY A 406 5.14 13.24 -5.95
C GLY A 406 5.29 12.16 -7.00
N LYS A 407 5.95 11.06 -6.67
CA LYS A 407 6.18 10.00 -7.63
C LYS A 407 4.87 9.26 -7.92
N LYS A 408 4.56 9.09 -9.20
CA LYS A 408 3.37 8.37 -9.61
C LYS A 408 3.62 6.88 -9.57
N ILE A 409 2.77 6.15 -8.86
CA ILE A 409 2.95 4.72 -8.66
C ILE A 409 2.28 4.00 -9.84
N ASP A 410 3.09 3.33 -10.66
CA ASP A 410 2.62 2.78 -11.92
C ASP A 410 2.34 1.28 -11.82
N VAL A 411 2.10 0.66 -12.97
CA VAL A 411 1.67 -0.73 -13.01
C VAL A 411 2.79 -1.68 -12.59
N ARG A 412 4.04 -1.38 -13.00
CA ARG A 412 5.17 -2.20 -12.58
C ARG A 412 5.38 -2.12 -11.08
N GLU A 413 5.24 -0.92 -10.50
CA GLU A 413 5.35 -0.77 -9.05
C GLU A 413 4.23 -1.51 -8.33
N MET A 414 3.00 -1.48 -8.88
CA MET A 414 1.91 -2.26 -8.30
C MET A 414 2.19 -3.76 -8.39
N LYS A 415 2.76 -4.22 -9.51
CA LYS A 415 3.07 -5.64 -9.67
C LYS A 415 4.11 -6.09 -8.64
N LEU A 416 5.17 -5.30 -8.47
CA LEU A 416 6.23 -5.67 -7.54
C LEU A 416 5.76 -5.54 -6.08
N THR A 417 4.95 -4.52 -5.79
CA THR A 417 4.37 -4.38 -4.46
C THR A 417 3.45 -5.54 -4.13
N ALA A 418 2.63 -5.96 -5.10
CA ALA A 418 1.76 -7.11 -4.92
C ALA A 418 2.57 -8.38 -4.69
N LEU A 419 3.65 -8.58 -5.45
CA LEU A 419 4.48 -9.76 -5.27
C LEU A 419 5.15 -9.78 -3.90
N ALA A 420 5.70 -8.63 -3.47
CA ALA A 420 6.34 -8.55 -2.16
C ALA A 420 5.34 -8.75 -1.03
N ILE A 421 4.10 -8.28 -1.21
CA ILE A 421 3.05 -8.57 -0.23
C ILE A 421 2.71 -10.06 -0.25
N LEU A 422 2.70 -10.67 -1.43
CA LEU A 422 2.26 -12.05 -1.58
C LEU A 422 3.28 -13.06 -1.06
N VAL A 423 4.55 -12.69 -0.97
CA VAL A 423 5.60 -13.68 -0.70
C VAL A 423 5.43 -14.32 0.68
N THR A 424 5.26 -13.52 1.73
CA THR A 424 5.31 -14.13 3.06
C THR A 424 4.04 -14.84 3.52
N PRO A 425 2.80 -14.37 3.23
CA PRO A 425 1.63 -15.24 3.54
C PRO A 425 1.65 -16.55 2.78
N THR A 426 2.11 -16.53 1.53
CA THR A 426 2.28 -17.77 0.77
C THR A 426 3.25 -18.70 1.47
N LEU A 427 4.35 -18.15 1.98
CA LEU A 427 5.37 -18.96 2.65
C LEU A 427 4.84 -19.58 3.93
N VAL A 428 4.17 -18.77 4.78
CA VAL A 428 3.72 -19.31 6.05
C VAL A 428 2.60 -20.31 5.86
N LEU A 429 1.67 -20.04 4.92
CA LEU A 429 0.59 -20.99 4.67
C LEU A 429 1.10 -22.28 4.04
N MET A 430 2.03 -22.18 3.09
CA MET A 430 2.57 -23.37 2.44
C MET A 430 3.40 -24.20 3.42
N GLY A 431 4.23 -23.55 4.23
CA GLY A 431 5.02 -24.28 5.21
C GLY A 431 4.18 -24.91 6.30
N ALA A 432 3.13 -24.21 6.75
CA ALA A 432 2.24 -24.80 7.75
C ALA A 432 1.43 -25.93 7.17
N ALA A 433 1.02 -25.83 5.90
CA ALA A 433 0.34 -26.93 5.24
C ALA A 433 1.26 -28.14 5.11
N LEU A 434 2.52 -27.92 4.74
CA LEU A 434 3.47 -29.03 4.62
C LEU A 434 3.76 -29.66 5.98
N ALA A 435 3.91 -28.86 7.02
CA ALA A 435 4.23 -29.38 8.33
C ALA A 435 3.01 -29.91 9.08
N MET A 436 1.80 -29.64 8.60
CA MET A 436 0.60 -30.10 9.28
C MET A 436 0.03 -31.37 8.67
N MET A 437 0.67 -31.93 7.63
CA MET A 437 0.22 -33.18 7.04
C MET A 437 1.36 -34.18 6.88
N THR A 438 2.46 -34.00 7.61
CA THR A 438 3.55 -34.95 7.65
C THR A 438 3.80 -35.41 9.09
N ASP A 439 4.27 -36.66 9.21
CA ASP A 439 4.53 -37.22 10.53
C ASP A 439 5.68 -36.49 11.23
N ALA A 440 6.70 -36.08 10.47
CA ALA A 440 7.79 -35.33 11.07
C ALA A 440 7.35 -33.94 11.50
N GLY A 441 6.40 -33.34 10.78
CA GLY A 441 5.89 -32.04 11.18
C GLY A 441 4.93 -32.08 12.34
N ARG A 442 4.17 -33.17 12.46
CA ARG A 442 3.21 -33.30 13.56
C ARG A 442 3.78 -34.05 14.76
N SER A 443 5.00 -34.58 14.68
CA SER A 443 5.61 -35.32 15.77
C SER A 443 6.48 -34.44 16.66
N ALA A 444 6.55 -33.14 16.39
CA ALA A 444 7.29 -32.20 17.22
C ALA A 444 6.39 -31.51 18.24
N MET A 445 5.32 -32.17 18.65
CA MET A 445 4.32 -31.55 19.50
C MET A 445 4.79 -31.53 20.95
N LEU A 446 4.26 -30.58 21.72
CA LEU A 446 4.37 -30.62 23.17
C LEU A 446 3.00 -30.42 23.79
N ASN A 447 2.16 -29.61 23.15
CA ASN A 447 0.81 -29.34 23.62
C ASN A 447 -0.22 -29.91 22.66
N PRO A 448 -1.29 -30.52 23.17
CA PRO A 448 -2.31 -31.10 22.29
C PRO A 448 -3.40 -30.10 21.95
N GLY A 449 -4.36 -30.53 21.12
CA GLY A 449 -5.47 -29.69 20.74
C GLY A 449 -5.06 -28.60 19.77
N PRO A 450 -5.79 -27.47 19.81
CA PRO A 450 -5.44 -26.34 18.91
C PRO A 450 -4.09 -25.72 19.20
N HIS A 451 -3.54 -25.89 20.40
CA HIS A 451 -2.29 -25.21 20.74
C HIS A 451 -1.10 -25.83 20.02
N GLY A 452 -1.16 -27.12 19.67
CA GLY A 452 -0.10 -27.70 18.87
C GLY A 452 -0.04 -27.13 17.46
N PHE A 453 -1.20 -26.98 16.83
CA PHE A 453 -1.26 -26.29 15.55
C PHE A 453 -0.86 -24.83 15.70
N SER A 454 -1.16 -24.21 16.84
CA SER A 454 -0.68 -22.86 17.10
C SER A 454 0.84 -22.81 17.19
N GLU A 455 1.45 -23.86 17.76
CA GLU A 455 2.90 -23.96 17.82
C GLU A 455 3.50 -24.05 16.42
N VAL A 456 2.92 -24.90 15.58
CA VAL A 456 3.40 -25.07 14.21
C VAL A 456 3.25 -23.77 13.43
N LEU A 457 2.10 -23.11 13.58
CA LEU A 457 1.84 -21.85 12.87
C LEU A 457 2.78 -20.74 13.35
N TYR A 458 3.05 -20.68 14.66
CA TYR A 458 3.99 -19.70 15.19
C TYR A 458 5.39 -19.93 14.66
N ALA A 459 5.82 -21.19 14.58
CA ALA A 459 7.15 -21.50 14.08
C ALA A 459 7.30 -21.12 12.61
N VAL A 460 6.31 -21.49 11.78
CA VAL A 460 6.40 -21.17 10.36
C VAL A 460 6.23 -19.66 10.13
N SER A 461 5.41 -18.99 10.95
CA SER A 461 5.27 -17.54 10.82
C SER A 461 6.55 -16.82 11.19
N SER A 462 7.24 -17.25 12.25
CA SER A 462 8.51 -16.65 12.61
C SER A 462 9.59 -16.95 11.58
N ALA A 463 9.53 -18.11 10.94
CA ALA A 463 10.49 -18.41 9.87
C ALA A 463 10.24 -17.53 8.65
N ALA A 464 8.97 -17.44 8.22
CA ALA A 464 8.66 -16.72 6.98
C ALA A 464 8.82 -15.22 7.15
N ASN A 465 8.40 -14.68 8.29
CA ASN A 465 8.40 -13.24 8.53
C ASN A 465 9.67 -12.75 9.20
N ASN A 466 10.71 -13.58 9.24
CA ASN A 466 12.05 -13.21 9.72
C ASN A 466 12.04 -12.76 11.17
N ASN A 467 11.29 -13.48 12.00
CA ASN A 467 11.19 -13.18 13.42
C ASN A 467 12.07 -14.08 14.28
N GLY A 468 11.93 -15.39 14.13
CA GLY A 468 12.72 -16.34 14.88
C GLY A 468 12.29 -16.58 16.30
N SER A 469 11.26 -15.87 16.77
CA SER A 469 10.70 -16.16 18.09
C SER A 469 10.04 -17.52 18.07
N ALA A 470 10.14 -18.23 19.19
CA ALA A 470 9.65 -19.60 19.26
C ALA A 470 8.78 -19.78 20.49
N PHE A 471 7.75 -20.61 20.33
CA PHE A 471 7.10 -21.19 21.50
C PHE A 471 8.04 -22.11 22.25
N ALA A 472 9.03 -22.69 21.56
CA ALA A 472 10.11 -23.55 22.06
C ALA A 472 9.62 -24.91 22.57
N GLY A 473 8.31 -25.15 22.59
CA GLY A 473 7.82 -26.50 22.80
C GLY A 473 7.92 -27.38 21.58
N LEU A 474 8.10 -26.77 20.41
CA LEU A 474 8.27 -27.52 19.18
C LEU A 474 9.68 -28.10 19.12
N SER A 475 9.78 -29.39 18.85
CA SER A 475 11.07 -30.05 18.66
C SER A 475 11.48 -29.85 17.21
N ALA A 476 12.02 -28.67 16.94
CA ALA A 476 12.36 -28.24 15.58
C ALA A 476 13.77 -28.64 15.17
N ASN A 477 14.37 -29.61 15.85
CA ASN A 477 15.70 -30.11 15.50
C ASN A 477 15.65 -31.23 14.48
N SER A 478 14.46 -31.60 14.00
CA SER A 478 14.34 -32.60 12.97
C SER A 478 14.92 -32.09 11.65
N PRO A 479 15.46 -32.99 10.81
CA PRO A 479 15.96 -32.55 9.49
C PRO A 479 14.88 -31.93 8.61
N PHE A 480 13.66 -32.49 8.64
CA PHE A 480 12.58 -31.93 7.84
C PHE A 480 12.21 -30.53 8.32
N TRP A 481 12.10 -30.35 9.65
CA TRP A 481 11.78 -29.04 10.20
C TRP A 481 12.87 -28.03 9.91
N ASN A 482 14.14 -28.45 10.03
CA ASN A 482 15.26 -27.56 9.76
C ASN A 482 15.29 -27.13 8.30
N CYS A 483 15.08 -28.07 7.37
CA CYS A 483 15.09 -27.73 5.96
C CYS A 483 13.91 -26.86 5.57
N LEU A 484 12.71 -27.17 6.09
CA LEU A 484 11.53 -26.38 5.79
C LEU A 484 11.66 -24.96 6.31
N LEU A 485 12.14 -24.81 7.54
CA LEU A 485 12.29 -23.47 8.10
C LEU A 485 13.43 -22.70 7.43
N ALA A 486 14.50 -23.39 7.02
CA ALA A 486 15.58 -22.72 6.30
C ALA A 486 15.10 -22.21 4.94
N PHE A 487 14.30 -23.01 4.23
CA PHE A 487 13.70 -22.55 2.98
C PHE A 487 12.77 -21.38 3.22
N CYS A 488 11.96 -21.44 4.28
CA CYS A 488 11.03 -20.36 4.60
C CYS A 488 11.77 -19.07 4.91
N MET A 489 12.85 -19.13 5.70
CA MET A 489 13.60 -17.94 6.06
C MET A 489 14.32 -17.35 4.85
N PHE A 490 14.92 -18.22 4.02
CA PHE A 490 15.62 -17.77 2.83
C PHE A 490 14.68 -17.05 1.86
N VAL A 491 13.53 -17.66 1.58
CA VAL A 491 12.59 -17.03 0.65
C VAL A 491 11.97 -15.78 1.28
N GLY A 492 11.67 -15.82 2.59
CA GLY A 492 11.10 -14.67 3.27
C GLY A 492 12.01 -13.47 3.34
N ARG A 493 13.32 -13.69 3.29
CA ARG A 493 14.21 -12.53 3.16
C ARG A 493 14.41 -12.12 1.70
N PHE A 494 14.77 -13.06 0.83
CA PHE A 494 15.25 -12.73 -0.50
C PHE A 494 14.22 -12.92 -1.60
N GLY A 495 12.93 -12.94 -1.25
CA GLY A 495 11.88 -12.81 -2.23
C GLY A 495 11.11 -11.56 -1.85
N VAL A 496 11.57 -10.90 -0.80
CA VAL A 496 11.05 -9.61 -0.40
C VAL A 496 12.07 -8.49 -0.62
N ILE A 497 13.36 -8.75 -0.39
CA ILE A 497 14.40 -7.75 -0.67
C ILE A 497 14.45 -7.45 -2.17
N ILE A 498 14.36 -8.49 -3.01
CA ILE A 498 14.47 -8.29 -4.46
C ILE A 498 13.37 -7.39 -5.04
N PRO A 499 12.07 -7.60 -4.78
CA PRO A 499 11.07 -6.67 -5.35
C PRO A 499 11.09 -5.29 -4.72
N VAL A 500 11.56 -5.13 -3.48
CA VAL A 500 11.73 -3.77 -2.93
C VAL A 500 12.83 -3.03 -3.68
N MET A 501 13.93 -3.72 -4.01
CA MET A 501 14.96 -3.09 -4.83
C MET A 501 14.48 -2.82 -6.24
N ALA A 502 13.62 -3.67 -6.79
CA ALA A 502 13.02 -3.39 -8.10
C ALA A 502 12.08 -2.19 -8.03
N ILE A 503 11.36 -2.03 -6.91
CA ILE A 503 10.53 -0.86 -6.70
C ILE A 503 11.38 0.39 -6.60
N ALA A 504 12.54 0.28 -5.94
CA ALA A 504 13.47 1.41 -5.86
C ALA A 504 14.01 1.78 -7.23
N GLY A 505 14.33 0.77 -8.05
CA GLY A 505 14.76 1.03 -9.42
C GLY A 505 13.67 1.65 -10.28
N SER A 506 12.41 1.30 -10.04
CA SER A 506 11.31 1.98 -10.71
C SER A 506 11.11 3.39 -10.18
N LEU A 507 11.44 3.61 -8.90
CA LEU A 507 11.23 4.91 -8.27
C LEU A 507 12.28 5.94 -8.70
N VAL A 508 13.52 5.51 -8.92
CA VAL A 508 14.57 6.47 -9.30
C VAL A 508 14.29 7.07 -10.68
N SER A 509 13.72 6.29 -11.60
CA SER A 509 13.54 6.75 -12.98
C SER A 509 12.42 7.76 -13.13
N LYS A 510 11.60 7.96 -12.11
CA LYS A 510 10.47 8.89 -12.19
C LYS A 510 10.85 10.23 -11.59
N LYS A 511 9.95 11.20 -11.71
CA LYS A 511 10.14 12.55 -11.19
C LYS A 511 8.96 12.92 -10.32
N SER A 512 9.24 13.53 -9.16
CA SER A 512 8.21 13.91 -8.22
C SER A 512 7.72 15.33 -8.52
N GLN A 513 6.40 15.50 -8.50
CA GLN A 513 5.79 16.81 -8.71
C GLN A 513 5.59 17.50 -7.37
N ALA A 514 4.84 18.61 -7.37
CA ALA A 514 4.57 19.37 -6.17
C ALA A 514 3.21 18.98 -5.59
N ALA A 515 2.85 19.64 -4.49
CA ALA A 515 1.60 19.38 -3.81
C ALA A 515 0.57 20.41 -4.27
N SER A 516 -0.49 19.94 -4.93
CA SER A 516 -1.53 20.82 -5.44
C SER A 516 -2.68 20.90 -4.44
N SER A 517 -3.72 21.65 -4.80
CA SER A 517 -4.90 21.76 -3.96
C SER A 517 -5.67 20.45 -3.92
N GLY A 518 -5.73 19.74 -5.04
CA GLY A 518 -6.39 18.47 -5.13
C GLY A 518 -5.55 17.27 -4.75
N THR A 519 -4.28 17.48 -4.41
CA THR A 519 -3.42 16.38 -3.99
C THR A 519 -3.77 15.98 -2.57
N LEU A 520 -4.11 14.72 -2.38
CA LEU A 520 -4.46 14.22 -1.05
C LEU A 520 -3.21 14.13 -0.19
N PRO A 521 -3.19 14.74 0.99
CA PRO A 521 -2.01 14.65 1.85
C PRO A 521 -1.85 13.24 2.42
N THR A 522 -0.61 12.74 2.41
CA THR A 522 -0.30 11.42 2.92
C THR A 522 0.05 11.44 4.41
N HIS A 523 -0.44 12.43 5.14
CA HIS A 523 -0.26 12.51 6.58
C HIS A 523 -1.60 12.75 7.25
N GLY A 524 -1.58 13.04 8.55
CA GLY A 524 -2.80 13.36 9.27
C GLY A 524 -3.55 12.12 9.73
N PRO A 525 -4.53 12.33 10.62
CA PRO A 525 -5.27 11.20 11.19
C PRO A 525 -6.07 10.41 10.18
N LEU A 526 -6.56 11.03 9.11
CA LEU A 526 -7.32 10.30 8.10
C LEU A 526 -6.44 9.28 7.39
N PHE A 527 -5.25 9.69 6.95
CA PHE A 527 -4.37 8.73 6.29
C PHE A 527 -3.76 7.75 7.29
N VAL A 528 -3.57 8.16 8.54
CA VAL A 528 -3.12 7.23 9.57
C VAL A 528 -4.14 6.11 9.76
N GLY A 529 -5.41 6.48 9.85
CA GLY A 529 -6.47 5.48 9.97
C GLY A 529 -6.61 4.62 8.73
N LEU A 530 -6.43 5.22 7.54
CA LEU A 530 -6.49 4.45 6.30
C LEU A 530 -5.36 3.43 6.22
N LEU A 531 -4.14 3.83 6.60
CA LEU A 531 -3.01 2.90 6.60
C LEU A 531 -3.20 1.80 7.63
N ILE A 532 -3.69 2.15 8.82
CA ILE A 532 -3.94 1.15 9.86
C ILE A 532 -5.01 0.16 9.40
N GLY A 533 -6.08 0.67 8.78
CA GLY A 533 -7.11 -0.21 8.26
C GLY A 533 -6.60 -1.11 7.15
N THR A 534 -5.74 -0.58 6.28
CA THR A 534 -5.16 -1.41 5.22
C THR A 534 -4.31 -2.54 5.80
N VAL A 535 -3.46 -2.22 6.79
CA VAL A 535 -2.61 -3.23 7.42
C VAL A 535 -3.46 -4.27 8.13
N LEU A 536 -4.45 -3.84 8.91
CA LEU A 536 -5.29 -4.77 9.65
C LEU A 536 -6.12 -5.65 8.72
N LEU A 537 -6.69 -5.07 7.67
CA LEU A 537 -7.50 -5.84 6.72
C LEU A 537 -6.66 -6.86 5.97
N VAL A 538 -5.46 -6.46 5.51
CA VAL A 538 -4.62 -7.39 4.76
C VAL A 538 -4.10 -8.50 5.66
N GLY A 539 -3.66 -8.15 6.87
CA GLY A 539 -3.15 -9.18 7.78
C GLY A 539 -4.22 -10.04 8.41
N ALA A 540 -5.48 -9.59 8.40
CA ALA A 540 -6.56 -10.37 8.96
C ALA A 540 -7.23 -11.27 7.93
N LEU A 541 -7.48 -10.75 6.72
CA LEU A 541 -8.20 -11.49 5.70
C LEU A 541 -7.45 -12.72 5.19
N THR A 542 -6.18 -12.86 5.53
CA THR A 542 -5.42 -14.07 5.22
C THR A 542 -5.40 -15.05 6.39
N PHE A 543 -5.45 -14.57 7.64
CA PHE A 543 -5.14 -15.42 8.78
C PHE A 543 -6.24 -15.56 9.84
N ILE A 544 -7.42 -14.97 9.64
CA ILE A 544 -8.54 -15.26 10.54
C ILE A 544 -8.96 -16.73 10.53
N PRO A 545 -9.06 -17.44 9.39
CA PRO A 545 -9.32 -18.89 9.50
C PRO A 545 -8.23 -19.67 10.23
N ALA A 546 -6.96 -19.33 10.02
CA ALA A 546 -5.87 -20.04 10.68
C ALA A 546 -5.86 -19.77 12.19
N LEU A 547 -5.97 -18.50 12.58
CA LEU A 547 -6.08 -18.17 14.00
C LEU A 547 -7.36 -18.71 14.60
N ALA A 548 -8.41 -18.84 13.80
CA ALA A 548 -9.67 -19.39 14.29
C ALA A 548 -9.53 -20.87 14.62
N LEU A 549 -8.79 -21.61 13.80
CA LEU A 549 -8.52 -23.00 14.16
C LEU A 549 -7.45 -23.12 15.23
N GLY A 550 -6.64 -22.08 15.45
CA GLY A 550 -5.62 -22.12 16.47
C GLY A 550 -6.00 -21.44 17.76
N PRO A 551 -5.45 -20.24 17.98
CA PRO A 551 -5.65 -19.55 19.27
C PRO A 551 -7.09 -19.19 19.58
N VAL A 552 -7.93 -18.87 18.58
CA VAL A 552 -9.32 -18.56 18.86
C VAL A 552 -10.05 -19.81 19.38
N ALA A 553 -9.79 -20.96 18.74
CA ALA A 553 -10.40 -22.21 19.21
C ALA A 553 -9.89 -22.58 20.59
N GLU A 554 -8.60 -22.35 20.86
CA GLU A 554 -8.07 -22.63 22.19
C GLU A 554 -8.68 -21.71 23.25
N TYR A 555 -8.89 -20.45 22.92
CA TYR A 555 -9.51 -19.51 23.86
C TYR A 555 -10.97 -19.87 24.12
N LEU A 556 -11.71 -20.20 23.07
CA LEU A 556 -13.11 -20.57 23.24
C LEU A 556 -13.30 -21.97 23.82
N SER A 557 -12.25 -22.79 23.83
CA SER A 557 -12.32 -24.11 24.46
C SER A 557 -12.41 -23.99 25.98
N MET B 1 37.15 -9.90 -12.84
CA MET B 1 36.81 -10.28 -11.47
C MET B 1 35.33 -10.05 -11.19
N SER B 2 34.69 -9.30 -12.10
CA SER B 2 33.27 -8.93 -12.01
C SER B 2 32.97 -8.18 -10.70
N GLY B 3 33.92 -7.34 -10.28
CA GLY B 3 33.76 -6.58 -9.05
C GLY B 3 33.70 -7.41 -7.79
N LEU B 4 34.43 -8.52 -7.73
CA LEU B 4 34.46 -9.33 -6.52
C LEU B 4 35.46 -8.82 -5.49
N ARG B 5 36.39 -7.95 -5.89
CA ARG B 5 37.33 -7.37 -4.93
C ARG B 5 36.66 -6.49 -3.87
N PRO B 6 35.76 -5.54 -4.19
CA PRO B 6 35.09 -4.83 -3.10
C PRO B 6 34.23 -5.70 -2.22
N ALA B 7 33.59 -6.74 -2.78
CA ALA B 7 32.75 -7.64 -1.98
C ALA B 7 33.60 -8.40 -0.97
N LEU B 8 34.67 -9.04 -1.44
CA LEU B 8 35.54 -9.80 -0.56
C LEU B 8 36.24 -8.90 0.45
N SER B 9 36.67 -7.71 0.01
CA SER B 9 37.35 -6.78 0.92
C SER B 9 36.41 -6.29 2.02
N THR B 10 35.17 -5.93 1.65
CA THR B 10 34.21 -5.47 2.64
C THR B 10 33.83 -6.58 3.61
N PHE B 11 33.61 -7.80 3.09
CA PHE B 11 33.26 -8.91 3.98
C PHE B 11 34.40 -9.27 4.91
N ILE B 12 35.63 -9.28 4.40
CA ILE B 12 36.78 -9.62 5.24
C ILE B 12 37.01 -8.55 6.31
N PHE B 13 36.91 -7.27 5.93
CA PHE B 13 37.09 -6.20 6.90
C PHE B 13 36.00 -6.21 7.97
N LEU B 14 34.75 -6.42 7.57
CA LEU B 14 33.66 -6.43 8.55
C LEU B 14 33.73 -7.66 9.45
N LEU B 15 34.11 -8.81 8.88
CA LEU B 15 34.38 -10.01 9.67
C LEU B 15 35.46 -9.74 10.71
N LEU B 16 36.60 -9.19 10.28
CA LEU B 16 37.71 -8.95 11.19
C LEU B 16 37.34 -7.96 12.28
N ILE B 17 36.66 -6.86 11.92
CA ILE B 17 36.28 -5.86 12.91
C ILE B 17 35.28 -6.45 13.89
N THR B 18 34.10 -6.85 13.41
CA THR B 18 33.03 -7.28 14.31
C THR B 18 33.23 -8.68 14.88
N GLY B 19 34.36 -9.33 14.60
CA GLY B 19 34.65 -10.57 15.29
C GLY B 19 36.03 -10.64 15.94
N GLY B 20 36.80 -9.56 15.88
CA GLY B 20 38.07 -9.56 16.57
C GLY B 20 38.45 -8.24 17.19
N VAL B 21 37.59 -7.23 17.08
CA VAL B 21 37.88 -5.92 17.66
C VAL B 21 36.78 -5.58 18.65
N TYR B 22 35.54 -5.55 18.16
CA TYR B 22 34.40 -5.24 19.02
C TYR B 22 34.22 -6.23 20.17
N PRO B 23 34.22 -7.56 19.97
CA PRO B 23 34.23 -8.45 21.14
C PRO B 23 35.51 -8.34 21.95
N LEU B 24 36.66 -8.10 21.32
CA LEU B 24 37.91 -8.00 22.05
C LEU B 24 37.97 -6.71 22.87
N LEU B 25 37.58 -5.58 22.28
CA LEU B 25 37.55 -4.32 23.02
C LEU B 25 36.53 -4.37 24.15
N THR B 26 35.36 -4.94 23.89
CA THR B 26 34.36 -5.06 24.95
C THR B 26 34.85 -6.01 26.05
N THR B 27 35.57 -7.07 25.69
CA THR B 27 36.10 -8.00 26.68
C THR B 27 37.14 -7.33 27.57
N VAL B 28 38.10 -6.61 26.98
CA VAL B 28 39.13 -5.99 27.79
C VAL B 28 38.56 -4.85 28.62
N LEU B 29 37.58 -4.11 28.08
CA LEU B 29 36.95 -3.04 28.85
C LEU B 29 36.14 -3.60 30.02
N GLY B 30 35.38 -4.67 29.78
CA GLY B 30 34.61 -5.27 30.85
C GLY B 30 35.47 -5.90 31.93
N GLN B 31 36.51 -6.63 31.54
CA GLN B 31 37.37 -7.25 32.54
C GLN B 31 38.23 -6.22 33.27
N TRP B 32 38.49 -5.06 32.64
CA TRP B 32 39.21 -4.01 33.34
C TRP B 32 38.30 -3.25 34.30
N TRP B 33 37.04 -3.04 33.93
CA TRP B 33 36.16 -2.21 34.74
C TRP B 33 35.39 -3.00 35.79
N PHE B 34 34.61 -4.01 35.36
CA PHE B 34 33.72 -4.75 36.25
C PHE B 34 34.02 -6.23 36.09
N PRO B 35 35.12 -6.71 36.66
CA PRO B 35 35.49 -8.12 36.45
C PRO B 35 34.61 -9.09 37.23
N TRP B 36 34.11 -8.68 38.40
CA TRP B 36 33.20 -9.55 39.16
C TRP B 36 31.90 -9.77 38.41
N GLN B 37 31.34 -8.70 37.81
CA GLN B 37 30.15 -8.85 37.00
C GLN B 37 30.44 -9.62 35.72
N ALA B 38 31.57 -9.34 35.07
CA ALA B 38 31.89 -9.98 33.80
C ALA B 38 32.29 -11.44 33.95
N ASN B 39 32.66 -11.89 35.16
CA ASN B 39 33.12 -13.26 35.36
C ASN B 39 32.07 -14.14 36.01
N GLY B 40 30.80 -13.75 35.95
CA GLY B 40 29.72 -14.60 36.39
C GLY B 40 29.07 -14.25 37.71
N SER B 41 29.60 -13.24 38.42
CA SER B 41 29.12 -12.85 39.76
C SER B 41 29.16 -14.03 40.72
N LEU B 42 30.27 -14.77 40.68
CA LEU B 42 30.39 -15.99 41.48
C LEU B 42 30.56 -15.65 42.95
N ILE B 43 29.80 -16.35 43.79
CA ILE B 43 29.92 -16.23 45.25
C ILE B 43 30.86 -17.32 45.73
N ARG B 44 31.91 -16.93 46.42
CA ARG B 44 32.98 -17.84 46.81
C ARG B 44 33.08 -17.97 48.31
N GLU B 45 33.52 -19.14 48.76
CA GLU B 45 33.85 -19.40 50.16
C GLU B 45 35.36 -19.31 50.37
N GLY B 46 36.01 -18.41 49.66
CA GLY B 46 37.46 -18.33 49.63
C GLY B 46 38.09 -19.09 48.49
N ASP B 47 37.77 -20.38 48.38
CA ASP B 47 38.26 -21.18 47.27
C ASP B 47 37.12 -21.98 46.64
N THR B 48 36.08 -22.24 47.43
CA THR B 48 34.93 -23.02 46.96
C THR B 48 33.88 -22.08 46.37
N VAL B 49 33.49 -22.33 45.13
CA VAL B 49 32.47 -21.53 44.45
C VAL B 49 31.10 -22.05 44.88
N ARG B 50 30.35 -21.21 45.57
CA ARG B 50 29.02 -21.60 46.05
C ARG B 50 27.92 -21.33 45.04
N GLY B 51 28.23 -20.70 43.91
CA GLY B 51 27.24 -20.42 42.90
C GLY B 51 27.18 -18.97 42.50
N SER B 52 26.61 -18.69 41.33
CA SER B 52 26.47 -17.33 40.86
C SER B 52 25.39 -16.60 41.65
N ALA B 53 25.49 -15.27 41.67
CA ALA B 53 24.50 -14.44 42.34
C ALA B 53 23.25 -14.21 41.50
N LEU B 54 23.22 -14.70 40.26
CA LEU B 54 22.09 -14.52 39.38
C LEU B 54 21.41 -15.82 38.97
N ILE B 55 22.06 -16.96 39.16
CA ILE B 55 21.55 -18.21 38.59
C ILE B 55 20.44 -18.80 39.44
N GLY B 56 20.68 -18.96 40.73
CA GLY B 56 19.69 -19.61 41.57
C GLY B 56 19.82 -21.11 41.53
N GLN B 57 19.72 -21.75 42.70
CA GLN B 57 19.97 -23.18 42.83
C GLN B 57 18.72 -23.89 43.32
N ASN B 58 18.72 -25.21 43.15
CA ASN B 58 17.60 -26.04 43.59
C ASN B 58 17.68 -26.22 45.10
N PHE B 59 16.76 -25.59 45.82
CA PHE B 59 16.72 -25.67 47.27
C PHE B 59 15.50 -26.50 47.68
N THR B 60 15.74 -27.54 48.47
CA THR B 60 14.68 -28.44 48.90
C THR B 60 14.60 -28.61 50.41
N GLY B 61 15.56 -28.08 51.17
CA GLY B 61 15.52 -28.23 52.61
C GLY B 61 14.45 -27.38 53.26
N ASN B 62 14.10 -27.77 54.50
CA ASN B 62 13.09 -27.03 55.23
C ASN B 62 13.59 -25.67 55.70
N GLY B 63 14.87 -25.59 56.03
CA GLY B 63 15.47 -24.35 56.50
C GLY B 63 15.94 -23.41 55.43
N TYR B 64 15.71 -23.72 54.16
CA TYR B 64 16.14 -22.90 53.05
C TYR B 64 14.92 -22.31 52.34
N PHE B 65 15.05 -21.07 51.88
CA PHE B 65 13.98 -20.39 51.16
C PHE B 65 13.86 -21.01 49.76
N HIS B 66 12.77 -21.73 49.53
CA HIS B 66 12.57 -22.37 48.23
C HIS B 66 12.21 -21.33 47.18
N GLY B 67 12.85 -21.45 46.01
CA GLY B 67 12.58 -20.57 44.90
C GLY B 67 11.47 -21.08 44.01
N ARG B 68 11.39 -20.51 42.82
CA ARG B 68 10.40 -20.95 41.84
C ARG B 68 10.78 -22.31 41.28
N PRO B 69 9.80 -23.10 40.86
CA PRO B 69 10.12 -24.38 40.22
C PRO B 69 10.83 -24.18 38.89
N SER B 70 11.61 -25.20 38.50
CA SER B 70 12.40 -25.15 37.29
C SER B 70 12.12 -26.39 36.45
N ALA B 71 12.02 -26.20 35.14
CA ALA B 71 11.76 -27.29 34.21
C ALA B 71 12.95 -27.55 33.29
N THR B 72 14.15 -27.32 33.78
CA THR B 72 15.35 -27.61 33.00
C THR B 72 15.56 -29.12 32.90
N ALA B 73 16.27 -29.54 31.86
CA ALA B 73 16.42 -30.94 31.56
C ALA B 73 17.36 -31.63 32.55
N GLU B 74 17.05 -32.90 32.84
CA GLU B 74 17.88 -33.90 33.51
C GLU B 74 18.01 -33.65 35.01
N MET B 75 17.59 -32.46 35.48
CA MET B 75 17.52 -32.06 36.88
C MET B 75 16.90 -30.67 36.98
N PRO B 76 16.26 -30.32 38.08
CA PRO B 76 15.80 -28.94 38.27
C PRO B 76 16.98 -27.98 38.41
N TYR B 77 16.76 -26.75 37.91
CA TYR B 77 17.75 -25.66 37.96
C TYR B 77 19.07 -26.04 37.28
N ASN B 78 18.98 -26.74 36.16
CA ASN B 78 20.17 -27.12 35.40
C ASN B 78 20.60 -25.96 34.51
N PRO B 79 21.80 -25.41 34.71
CA PRO B 79 22.24 -24.30 33.86
C PRO B 79 22.63 -24.73 32.44
N GLN B 80 22.89 -26.02 32.22
CA GLN B 80 23.24 -26.50 30.90
C GLN B 80 22.06 -26.60 29.96
N ALA B 81 20.83 -26.59 30.49
CA ALA B 81 19.62 -26.61 29.67
C ALA B 81 19.03 -25.22 29.51
N SER B 82 18.72 -24.57 30.63
CA SER B 82 18.20 -23.19 30.68
C SER B 82 16.92 -23.02 29.87
N GLY B 83 16.09 -24.05 29.85
CA GLY B 83 14.83 -23.98 29.14
C GLY B 83 13.63 -24.14 30.05
N GLY B 84 12.76 -23.15 30.10
CA GLY B 84 11.59 -23.21 30.95
C GLY B 84 10.51 -24.12 30.39
N SER B 85 9.47 -24.31 31.19
CA SER B 85 8.36 -25.15 30.79
C SER B 85 7.55 -24.48 29.69
N ASN B 86 7.28 -25.22 28.62
CA ASN B 86 6.49 -24.74 27.50
C ASN B 86 5.13 -25.45 27.45
N LEU B 87 4.48 -25.57 28.60
CA LEU B 87 3.15 -26.15 28.64
C LEU B 87 2.09 -25.07 28.42
N ALA B 88 1.07 -25.41 27.65
CA ALA B 88 0.03 -24.45 27.32
C ALA B 88 -0.88 -24.18 28.51
N VAL B 89 -1.65 -23.09 28.41
CA VAL B 89 -2.59 -22.72 29.46
C VAL B 89 -3.75 -23.72 29.55
N SER B 90 -3.99 -24.49 28.49
CA SER B 90 -5.04 -25.51 28.46
C SER B 90 -4.46 -26.92 28.45
N ASN B 91 -3.38 -27.14 29.20
CA ASN B 91 -2.70 -28.42 29.21
C ASN B 91 -3.01 -29.18 30.49
N PRO B 92 -3.58 -30.38 30.38
CA PRO B 92 -3.79 -31.21 31.58
C PRO B 92 -2.50 -31.60 32.27
N GLU B 93 -1.39 -31.73 31.54
CA GLU B 93 -0.10 -32.00 32.17
C GLU B 93 0.32 -30.83 33.05
N LEU B 94 0.14 -29.60 32.56
CA LEU B 94 0.44 -28.43 33.39
C LEU B 94 -0.50 -28.34 34.58
N ASP B 95 -1.76 -28.71 34.39
CA ASP B 95 -2.71 -28.71 35.51
C ASP B 95 -2.29 -29.71 36.59
N LYS B 96 -1.86 -30.90 36.19
CA LYS B 96 -1.40 -31.89 37.16
C LYS B 96 -0.12 -31.45 37.87
N LEU B 97 0.81 -30.84 37.12
CA LEU B 97 2.04 -30.36 37.76
C LEU B 97 1.75 -29.22 38.75
N ILE B 98 0.85 -28.30 38.39
CA ILE B 98 0.49 -27.24 39.33
C ILE B 98 -0.23 -27.80 40.54
N ALA B 99 -1.09 -28.81 40.35
CA ALA B 99 -1.75 -29.45 41.49
C ALA B 99 -0.76 -30.11 42.42
N ALA B 100 0.23 -30.81 41.86
CA ALA B 100 1.26 -31.44 42.68
C ALA B 100 2.10 -30.41 43.43
N ARG B 101 2.44 -29.31 42.75
CA ARG B 101 3.23 -28.27 43.40
C ARG B 101 2.45 -27.57 44.51
N VAL B 102 1.16 -27.31 44.29
CA VAL B 102 0.32 -26.70 45.33
C VAL B 102 0.20 -27.64 46.53
N ALA B 103 -0.01 -28.94 46.27
CA ALA B 103 -0.10 -29.91 47.36
C ALA B 103 1.21 -29.99 48.14
N ALA B 104 2.35 -30.00 47.44
CA ALA B 104 3.65 -30.07 48.10
C ALA B 104 3.93 -28.82 48.93
N LEU B 105 3.59 -27.64 48.40
CA LEU B 105 3.82 -26.40 49.15
C LEU B 105 2.88 -26.30 50.34
N ARG B 106 1.64 -26.77 50.20
CA ARG B 106 0.70 -26.77 51.33
C ARG B 106 1.15 -27.74 52.42
N ALA B 107 1.70 -28.90 52.03
CA ALA B 107 2.22 -29.83 53.02
C ALA B 107 3.49 -29.31 53.68
N ALA B 108 4.34 -28.60 52.93
CA ALA B 108 5.57 -28.07 53.49
C ALA B 108 5.34 -26.85 54.38
N ASN B 109 4.27 -26.10 54.14
CA ASN B 109 3.98 -24.88 54.90
C ASN B 109 2.60 -25.01 55.53
N PRO B 110 2.50 -25.60 56.73
CA PRO B 110 1.19 -25.72 57.38
C PRO B 110 0.76 -24.44 58.09
N ASP B 111 1.72 -23.63 58.52
CA ASP B 111 1.41 -22.42 59.26
C ASP B 111 1.12 -21.23 58.36
N ALA B 112 1.32 -21.35 57.05
CA ALA B 112 1.06 -20.27 56.13
C ALA B 112 -0.39 -20.28 55.69
N SER B 113 -0.75 -19.41 54.76
CA SER B 113 -2.12 -19.33 54.27
C SER B 113 -2.43 -20.52 53.37
N ALA B 114 -3.73 -20.75 53.15
CA ALA B 114 -4.16 -21.84 52.30
C ALA B 114 -3.90 -21.56 50.82
N SER B 115 -3.75 -20.29 50.43
CA SER B 115 -3.47 -19.92 49.06
C SER B 115 -1.97 -19.67 48.90
N VAL B 116 -1.37 -20.33 47.91
CA VAL B 116 0.07 -20.29 47.70
C VAL B 116 0.33 -19.24 46.63
N PRO B 117 1.40 -18.44 46.75
CA PRO B 117 1.71 -17.46 45.69
C PRO B 117 2.05 -18.14 44.36
N VAL B 118 1.91 -17.36 43.29
CA VAL B 118 1.99 -17.88 41.93
C VAL B 118 3.40 -18.35 41.60
N GLU B 119 4.41 -17.62 42.08
CA GLU B 119 5.78 -17.92 41.71
C GLU B 119 6.26 -19.25 42.27
N LEU B 120 5.74 -19.67 43.42
CA LEU B 120 6.17 -20.91 44.03
C LEU B 120 5.56 -22.14 43.37
N VAL B 121 4.50 -21.98 42.58
CA VAL B 121 3.84 -23.11 41.93
C VAL B 121 3.94 -23.07 40.42
N THR B 122 4.40 -21.97 39.82
CA THR B 122 4.56 -21.87 38.38
C THR B 122 6.04 -21.77 38.04
N ALA B 123 6.46 -22.55 37.04
CA ALA B 123 7.85 -22.59 36.63
C ALA B 123 8.26 -21.28 35.97
N SER B 124 9.56 -20.97 36.06
CA SER B 124 10.07 -19.73 35.52
C SER B 124 10.28 -19.84 34.02
N ALA B 125 10.71 -18.73 33.41
CA ALA B 125 10.88 -18.69 31.96
C ALA B 125 12.11 -19.45 31.50
N SER B 126 13.17 -19.43 32.30
CA SER B 126 14.41 -20.11 31.94
C SER B 126 14.76 -21.28 32.85
N GLY B 127 14.04 -21.46 33.94
CA GLY B 127 14.43 -22.49 34.89
C GLY B 127 15.64 -22.15 35.71
N LEU B 128 16.11 -20.90 35.65
CA LEU B 128 17.27 -20.42 36.37
C LEU B 128 16.95 -19.08 37.03
N ASP B 129 15.83 -19.03 37.74
CA ASP B 129 15.37 -17.81 38.39
C ASP B 129 15.89 -17.78 39.83
N ASN B 130 16.75 -16.81 40.13
CA ASN B 130 17.28 -16.60 41.47
C ASN B 130 16.38 -15.70 42.31
N ASN B 131 15.27 -15.22 41.75
CA ASN B 131 14.49 -14.15 42.35
C ASN B 131 13.07 -14.60 42.61
N ILE B 132 12.55 -14.25 43.79
CA ILE B 132 11.14 -14.41 44.12
C ILE B 132 10.64 -13.10 44.72
N THR B 133 9.33 -12.94 44.70
CA THR B 133 8.74 -11.70 45.20
C THR B 133 8.74 -11.69 46.75
N PRO B 134 8.83 -10.50 47.35
CA PRO B 134 8.74 -10.43 48.82
C PRO B 134 7.42 -10.92 49.38
N GLN B 135 6.33 -10.91 48.60
CA GLN B 135 5.09 -11.54 49.07
C GLN B 135 5.26 -13.04 49.25
N ALA B 136 5.92 -13.70 48.29
CA ALA B 136 6.21 -15.12 48.45
C ALA B 136 7.21 -15.37 49.56
N ALA B 137 8.16 -14.45 49.76
CA ALA B 137 9.09 -14.56 50.89
C ALA B 137 8.35 -14.48 52.22
N ALA B 138 7.41 -13.54 52.34
CA ALA B 138 6.61 -13.43 53.55
C ALA B 138 5.71 -14.64 53.74
N TRP B 139 5.26 -15.25 52.65
CA TRP B 139 4.49 -16.49 52.75
C TRP B 139 5.36 -17.64 53.23
N GLN B 140 6.64 -17.65 52.84
CA GLN B 140 7.57 -18.71 53.24
C GLN B 140 8.25 -18.43 54.58
N ILE B 141 7.97 -17.27 55.20
CA ILE B 141 8.51 -16.98 56.53
C ILE B 141 8.28 -18.05 57.59
N PRO B 142 7.04 -18.55 57.83
CA PRO B 142 6.83 -19.38 59.04
C PRO B 142 7.54 -20.73 59.03
N ARG B 143 7.66 -21.37 57.86
CA ARG B 143 8.34 -22.66 57.79
C ARG B 143 9.84 -22.52 58.10
N VAL B 144 10.48 -21.51 57.50
CA VAL B 144 11.89 -21.27 57.76
C VAL B 144 12.10 -20.82 59.21
N ALA B 145 11.16 -20.05 59.75
CA ALA B 145 11.25 -19.63 61.15
C ALA B 145 11.18 -20.82 62.10
N LYS B 146 10.24 -21.74 61.86
CA LYS B 146 10.13 -22.93 62.70
C LYS B 146 11.32 -23.86 62.52
N ALA B 147 11.89 -23.91 61.31
CA ALA B 147 13.04 -24.79 61.08
C ALA B 147 14.30 -24.24 61.75
N ARG B 148 14.57 -22.95 61.60
CA ARG B 148 15.83 -22.36 62.04
C ARG B 148 15.76 -21.74 63.42
N ASN B 149 14.58 -21.71 64.06
CA ASN B 149 14.36 -21.10 65.37
C ASN B 149 14.77 -19.63 65.38
N LEU B 150 14.52 -18.94 64.27
CA LEU B 150 14.82 -17.53 64.12
C LEU B 150 13.54 -16.72 64.16
N SER B 151 13.63 -15.51 64.70
CA SER B 151 12.44 -14.67 64.88
C SER B 151 11.97 -14.10 63.56
N VAL B 152 10.67 -13.79 63.52
CA VAL B 152 10.04 -13.28 62.31
C VAL B 152 10.59 -11.91 61.93
N GLU B 153 10.86 -11.08 62.94
CA GLU B 153 11.44 -9.76 62.65
C GLU B 153 12.87 -9.87 62.14
N GLN B 154 13.64 -10.85 62.62
CA GLN B 154 14.99 -11.04 62.11
C GLN B 154 14.97 -11.54 60.67
N LEU B 155 14.07 -12.48 60.36
CA LEU B 155 13.96 -12.96 58.99
C LEU B 155 13.47 -11.87 58.06
N THR B 156 12.53 -11.03 58.52
CA THR B 156 12.04 -9.93 57.71
C THR B 156 13.13 -8.90 57.46
N GLN B 157 13.95 -8.60 58.48
CA GLN B 157 15.07 -7.69 58.30
C GLN B 157 16.09 -8.24 57.32
N LEU B 158 16.38 -9.54 57.40
CA LEU B 158 17.32 -10.15 56.47
C LEU B 158 16.78 -10.14 55.04
N ILE B 159 15.49 -10.41 54.87
CA ILE B 159 14.88 -10.41 53.54
C ILE B 159 14.88 -9.01 52.96
N ALA B 160 14.53 -8.00 53.76
CA ALA B 160 14.54 -6.62 53.28
C ALA B 160 15.95 -6.13 52.99
N LYS B 161 16.95 -6.65 53.70
CA LYS B 161 18.34 -6.28 53.41
C LYS B 161 18.85 -6.97 52.14
N TYR B 162 18.35 -8.17 51.84
CA TYR B 162 18.65 -8.83 50.56
C TYR B 162 17.47 -8.78 49.59
N SER B 163 16.78 -7.65 49.51
CA SER B 163 15.75 -7.42 48.50
C SER B 163 16.19 -6.27 47.60
N GLN B 164 16.06 -6.46 46.29
CA GLN B 164 16.43 -5.46 45.30
C GLN B 164 15.18 -4.80 44.76
N GLN B 165 15.19 -3.47 44.71
CA GLN B 165 14.12 -2.69 44.12
C GLN B 165 14.58 -2.06 42.81
N PRO B 166 13.70 -1.95 41.82
CA PRO B 166 14.08 -1.35 40.54
C PRO B 166 14.14 0.18 40.65
N LEU B 167 14.50 0.81 39.54
CA LEU B 167 14.54 2.27 39.50
C LEU B 167 13.15 2.86 39.66
N VAL B 168 12.14 2.29 39.01
CA VAL B 168 10.75 2.62 39.22
C VAL B 168 9.99 1.33 39.47
N LYS B 169 8.81 1.46 40.09
CA LYS B 169 8.07 0.31 40.58
C LYS B 169 7.39 -0.48 39.46
N TYR B 170 7.38 0.02 38.23
CA TYR B 170 6.57 -0.55 37.17
C TYR B 170 7.33 -1.16 35.99
N ILE B 171 8.65 -0.96 35.90
CA ILE B 171 9.42 -1.64 34.86
C ILE B 171 9.82 -3.05 35.25
N GLY B 172 9.57 -3.44 36.48
CA GLY B 172 9.89 -4.78 36.93
C GLY B 172 9.14 -5.08 38.20
N GLN B 173 9.72 -5.96 39.02
CA GLN B 173 9.13 -6.37 40.28
C GLN B 173 10.18 -6.33 41.38
N PRO B 174 9.78 -6.08 42.62
CA PRO B 174 10.71 -6.31 43.74
C PRO B 174 11.08 -7.78 43.82
N VAL B 175 12.35 -8.04 44.09
CA VAL B 175 12.90 -9.39 43.98
C VAL B 175 13.71 -9.71 45.23
N VAL B 176 13.84 -11.01 45.50
CA VAL B 176 14.60 -11.53 46.63
C VAL B 176 15.61 -12.53 46.09
N ASN B 177 16.89 -12.25 46.31
CA ASN B 177 17.97 -13.15 45.88
C ASN B 177 18.03 -14.32 46.85
N ILE B 178 17.58 -15.48 46.41
CA ILE B 178 17.40 -16.60 47.34
C ILE B 178 18.72 -17.28 47.67
N VAL B 179 19.69 -17.30 46.74
CA VAL B 179 21.00 -17.89 47.04
C VAL B 179 21.73 -17.06 48.09
N GLU B 180 21.74 -15.74 47.92
CA GLU B 180 22.36 -14.87 48.90
C GLU B 180 21.61 -14.89 50.23
N LEU B 181 20.28 -15.02 50.19
CA LEU B 181 19.50 -15.13 51.41
C LEU B 181 19.81 -16.41 52.17
N ASN B 182 19.92 -17.53 51.47
CA ASN B 182 20.23 -18.80 52.13
C ASN B 182 21.67 -18.82 52.64
N LEU B 183 22.59 -18.19 51.90
CA LEU B 183 23.96 -18.07 52.38
C LEU B 183 24.03 -17.17 53.62
N ALA B 184 23.21 -16.11 53.66
CA ALA B 184 23.13 -15.28 54.84
C ALA B 184 22.57 -16.04 56.03
N LEU B 185 21.57 -16.91 55.79
CA LEU B 185 21.04 -17.76 56.85
C LEU B 185 22.11 -18.71 57.38
N ASP B 186 22.90 -19.31 56.48
CA ASP B 186 23.96 -20.21 56.90
C ASP B 186 25.05 -19.47 57.68
N LYS B 187 25.40 -18.25 57.25
CA LYS B 187 26.39 -17.46 57.97
C LYS B 187 25.87 -17.00 59.32
N LEU B 188 24.57 -16.69 59.41
CA LEU B 188 23.99 -16.30 60.69
C LEU B 188 23.96 -17.48 61.66
N ASP B 189 23.64 -18.68 61.16
CA ASP B 189 23.69 -19.87 62.01
C ASP B 189 25.11 -20.20 62.43
N GLU B 190 26.07 -20.05 61.52
CA GLU B 190 27.47 -20.32 61.84
C GLU B 190 28.39 -19.46 60.98
N MET C 1 -1.84 -38.58 2.78
CA MET C 1 -1.58 -38.16 1.41
C MET C 1 -2.10 -39.18 0.40
N SER C 2 -3.42 -39.34 0.34
CA SER C 2 -4.05 -40.25 -0.59
C SER C 2 -4.25 -39.55 -1.95
N ALA C 3 -4.96 -40.21 -2.86
CA ALA C 3 -5.16 -39.67 -4.20
C ALA C 3 -5.98 -38.39 -4.18
N GLY C 4 -6.93 -38.27 -3.24
CA GLY C 4 -7.66 -37.02 -3.10
C GLY C 4 -6.76 -35.87 -2.68
N VAL C 5 -5.84 -36.12 -1.75
CA VAL C 5 -4.89 -35.09 -1.34
C VAL C 5 -3.96 -34.73 -2.48
N ILE C 6 -3.53 -35.73 -3.27
CA ILE C 6 -2.64 -35.47 -4.40
C ILE C 6 -3.34 -34.61 -5.46
N THR C 7 -4.59 -34.95 -5.79
CA THR C 7 -5.28 -34.16 -6.80
C THR C 7 -5.69 -32.79 -6.29
N GLY C 8 -5.95 -32.66 -4.98
CA GLY C 8 -6.20 -31.35 -4.41
C GLY C 8 -4.98 -30.45 -4.45
N VAL C 9 -3.82 -31.01 -4.09
CA VAL C 9 -2.56 -30.25 -4.16
C VAL C 9 -2.24 -29.88 -5.60
N LEU C 10 -2.49 -30.80 -6.54
CA LEU C 10 -2.25 -30.51 -7.96
C LEU C 10 -3.16 -29.39 -8.46
N LEU C 11 -4.45 -29.43 -8.11
CA LEU C 11 -5.37 -28.40 -8.56
C LEU C 11 -5.03 -27.04 -7.95
N VAL C 12 -4.68 -27.02 -6.66
CA VAL C 12 -4.34 -25.77 -6.00
C VAL C 12 -3.04 -25.20 -6.55
N PHE C 13 -2.07 -26.06 -6.85
CA PHE C 13 -0.82 -25.60 -7.45
C PHE C 13 -1.04 -25.07 -8.86
N LEU C 14 -1.93 -25.72 -9.63
CA LEU C 14 -2.25 -25.22 -10.97
C LEU C 14 -2.94 -23.86 -10.91
N LEU C 15 -3.89 -23.70 -9.98
CA LEU C 15 -4.55 -22.41 -9.82
C LEU C 15 -3.59 -21.32 -9.37
N LEU C 16 -2.67 -21.66 -8.46
CA LEU C 16 -1.67 -20.70 -8.00
C LEU C 16 -0.72 -20.30 -9.12
N GLY C 17 -0.29 -21.26 -9.93
CA GLY C 17 0.56 -20.95 -11.07
C GLY C 17 -0.16 -20.10 -12.11
N TYR C 18 -1.43 -20.40 -12.37
CA TYR C 18 -2.22 -19.60 -13.30
C TYR C 18 -2.39 -18.17 -12.79
N LEU C 19 -2.65 -18.00 -11.49
CA LEU C 19 -2.84 -16.67 -10.94
C LEU C 19 -1.53 -15.89 -10.91
N VAL C 20 -0.41 -16.57 -10.62
CA VAL C 20 0.89 -15.90 -10.64
C VAL C 20 1.25 -15.48 -12.07
N TYR C 21 0.96 -16.33 -13.06
CA TYR C 21 1.21 -15.96 -14.44
C TYR C 21 0.30 -14.81 -14.88
N ALA C 22 -0.94 -14.78 -14.39
CA ALA C 22 -1.84 -13.68 -14.70
C ALA C 22 -1.35 -12.38 -14.07
N LEU C 23 -0.82 -12.44 -12.86
CA LEU C 23 -0.30 -11.24 -12.21
C LEU C 23 0.97 -10.74 -12.91
N ILE C 24 1.83 -11.66 -13.35
CA ILE C 24 3.06 -11.27 -14.04
C ILE C 24 2.75 -10.67 -15.40
N ASN C 25 1.89 -11.34 -16.17
CA ASN C 25 1.49 -10.88 -17.49
C ASN C 25 0.00 -10.53 -17.43
N ALA C 26 -0.29 -9.29 -17.04
CA ALA C 26 -1.66 -8.80 -16.93
C ALA C 26 -2.02 -7.84 -18.06
N GLU C 27 -1.28 -7.91 -19.17
CA GLU C 27 -1.47 -7.07 -20.35
C GLU C 27 -1.41 -5.58 -20.04
N PHE D 9 -33.54 2.09 -17.27
CA PHE D 9 -33.18 1.24 -16.13
C PHE D 9 -32.86 -0.18 -16.59
N GLU D 10 -33.91 -0.96 -16.85
CA GLU D 10 -33.76 -2.35 -17.31
C GLU D 10 -34.61 -2.55 -18.55
N PRO D 11 -34.05 -2.27 -19.74
CA PRO D 11 -34.81 -2.49 -20.98
C PRO D 11 -34.94 -3.95 -21.34
N THR D 12 -36.16 -4.49 -21.24
CA THR D 12 -36.36 -5.93 -21.42
C THR D 12 -36.02 -6.38 -22.83
N LEU D 13 -36.17 -5.48 -23.81
CA LEU D 13 -35.87 -5.82 -25.20
C LEU D 13 -34.38 -6.09 -25.44
N VAL D 14 -33.49 -5.64 -24.55
CA VAL D 14 -32.11 -6.08 -24.60
C VAL D 14 -31.77 -7.09 -23.51
N VAL D 15 -32.48 -7.10 -22.38
CA VAL D 15 -32.22 -8.15 -21.37
C VAL D 15 -32.53 -9.53 -21.94
N GLN D 16 -33.62 -9.66 -22.71
CA GLN D 16 -34.03 -10.97 -23.21
C GLN D 16 -33.04 -11.59 -24.18
N ALA D 17 -32.22 -10.79 -24.87
CA ALA D 17 -31.22 -11.31 -25.80
C ALA D 17 -29.82 -11.36 -25.20
N LEU D 18 -29.46 -10.36 -24.38
CA LEU D 18 -28.17 -10.39 -23.72
C LEU D 18 -28.10 -11.42 -22.60
N LYS D 19 -29.24 -11.90 -22.09
CA LYS D 19 -29.20 -13.08 -21.22
C LYS D 19 -28.76 -14.32 -21.99
N GLU D 20 -29.23 -14.47 -23.24
CA GLU D 20 -28.74 -15.54 -24.09
C GLU D 20 -27.26 -15.35 -24.42
N ALA D 21 -26.85 -14.09 -24.60
CA ALA D 21 -25.43 -13.79 -24.82
C ALA D 21 -24.59 -14.19 -23.61
N VAL D 22 -25.11 -13.98 -22.40
CA VAL D 22 -24.44 -14.44 -21.18
C VAL D 22 -24.38 -15.96 -21.13
N LYS D 23 -25.47 -16.63 -21.51
CA LYS D 23 -25.49 -18.08 -21.56
C LYS D 23 -24.46 -18.62 -22.54
N LYS D 24 -24.19 -17.88 -23.62
CA LYS D 24 -23.11 -18.23 -24.54
C LYS D 24 -21.76 -17.66 -24.12
N LEU D 25 -21.70 -16.89 -23.04
CA LEU D 25 -20.45 -16.29 -22.57
C LEU D 25 -19.69 -17.17 -21.59
N ASN D 26 -20.32 -18.23 -21.08
CA ASN D 26 -19.68 -19.09 -20.08
C ASN D 26 -18.44 -19.85 -20.55
N PRO D 27 -18.44 -20.61 -21.65
CA PRO D 27 -17.27 -21.47 -21.91
C PRO D 27 -16.09 -20.68 -22.46
N GLN D 28 -14.94 -20.85 -21.79
CA GLN D 28 -13.60 -20.42 -22.19
C GLN D 28 -13.43 -18.91 -22.38
N ALA D 29 -14.49 -18.13 -22.16
CA ALA D 29 -14.39 -16.68 -22.17
C ALA D 29 -14.17 -16.09 -20.80
N GLN D 30 -14.23 -16.92 -19.75
CA GLN D 30 -13.90 -16.48 -18.40
C GLN D 30 -12.41 -16.51 -18.11
N TRP D 31 -11.60 -16.96 -19.08
CA TRP D 31 -10.17 -17.10 -18.84
C TRP D 31 -9.46 -15.76 -18.77
N ARG D 32 -10.02 -14.73 -19.43
CA ARG D 32 -9.38 -13.41 -19.42
C ARG D 32 -9.44 -12.78 -18.04
N ASN D 33 -10.57 -12.89 -17.36
CA ASN D 33 -10.71 -12.38 -16.00
C ASN D 33 -10.25 -13.44 -15.02
N PRO D 34 -9.19 -13.20 -14.23
CA PRO D 34 -8.68 -14.29 -13.36
C PRO D 34 -9.63 -14.65 -12.23
N VAL D 35 -10.26 -13.66 -11.59
CA VAL D 35 -11.21 -13.94 -10.51
C VAL D 35 -12.40 -14.72 -11.06
N MET D 36 -12.87 -14.35 -12.25
CA MET D 36 -13.97 -15.08 -12.88
C MET D 36 -13.56 -16.48 -13.28
N PHE D 37 -12.31 -16.68 -13.70
CA PHE D 37 -11.87 -18.04 -13.99
C PHE D 37 -11.76 -18.89 -12.74
N ILE D 38 -11.32 -18.29 -11.61
CA ILE D 38 -11.26 -19.05 -10.36
C ILE D 38 -12.67 -19.45 -9.91
N VAL D 39 -13.63 -18.53 -9.98
CA VAL D 39 -14.98 -18.91 -9.56
C VAL D 39 -15.61 -19.88 -10.56
N TRP D 40 -15.24 -19.81 -11.84
CA TRP D 40 -15.72 -20.79 -12.81
C TRP D 40 -15.16 -22.18 -12.55
N ILE D 41 -13.85 -22.27 -12.27
CA ILE D 41 -13.25 -23.56 -11.92
C ILE D 41 -13.85 -24.11 -10.63
N GLY D 42 -14.06 -23.24 -9.65
CA GLY D 42 -14.70 -23.69 -8.41
C GLY D 42 -16.11 -24.20 -8.62
N SER D 43 -16.88 -23.51 -9.47
CA SER D 43 -18.23 -23.96 -9.79
C SER D 43 -18.22 -25.30 -10.52
N LEU D 44 -17.30 -25.47 -11.47
CA LEU D 44 -17.23 -26.71 -12.24
C LEU D 44 -16.83 -27.88 -11.36
N LEU D 45 -15.79 -27.70 -10.53
CA LEU D 45 -15.36 -28.78 -9.65
C LEU D 45 -16.40 -29.09 -8.57
N THR D 46 -17.10 -28.07 -8.05
CA THR D 46 -18.14 -28.34 -7.06
C THR D 46 -19.34 -29.04 -7.71
N THR D 47 -19.67 -28.69 -8.94
CA THR D 47 -20.74 -29.40 -9.66
C THR D 47 -20.37 -30.85 -9.91
N CYS D 48 -19.12 -31.10 -10.32
CA CYS D 48 -18.66 -32.49 -10.50
C CYS D 48 -18.65 -33.25 -9.19
N ILE D 49 -18.25 -32.60 -8.09
CA ILE D 49 -18.26 -33.22 -6.77
C ILE D 49 -19.68 -33.58 -6.36
N SER D 50 -20.64 -32.67 -6.59
CA SER D 50 -22.03 -32.96 -6.26
C SER D 50 -22.60 -34.07 -7.13
N ILE D 51 -22.23 -34.10 -8.41
CA ILE D 51 -22.72 -35.13 -9.32
C ILE D 51 -22.21 -36.50 -8.91
N ALA D 52 -20.91 -36.60 -8.59
CA ALA D 52 -20.38 -37.86 -8.10
C ALA D 52 -20.85 -38.19 -6.69
N MET D 53 -21.21 -37.18 -5.91
CA MET D 53 -21.60 -37.36 -4.51
C MET D 53 -23.03 -37.84 -4.39
N ALA D 54 -23.90 -37.45 -5.33
CA ALA D 54 -25.25 -37.98 -5.36
C ALA D 54 -25.32 -39.41 -5.87
N SER D 55 -24.22 -39.95 -6.40
CA SER D 55 -24.22 -41.29 -6.98
C SER D 55 -23.36 -42.28 -6.22
N GLY D 56 -22.06 -42.02 -6.05
CA GLY D 56 -21.17 -43.02 -5.52
C GLY D 56 -20.08 -42.57 -4.58
N ALA D 57 -20.28 -41.46 -3.87
CA ALA D 57 -19.29 -40.98 -2.92
C ALA D 57 -19.79 -41.17 -1.49
N MET D 58 -18.83 -41.35 -0.58
CA MET D 58 -19.15 -41.62 0.83
C MET D 58 -19.93 -40.52 1.55
N PRO D 59 -19.56 -39.22 1.49
CA PRO D 59 -20.36 -38.22 2.22
C PRO D 59 -21.74 -38.04 1.62
N GLY D 60 -22.71 -37.81 2.50
CA GLY D 60 -24.10 -37.67 2.10
C GLY D 60 -24.56 -36.21 2.11
N ASN D 61 -25.86 -36.05 1.85
CA ASN D 61 -26.52 -34.75 1.67
C ASN D 61 -25.86 -33.97 0.53
N ALA D 62 -25.96 -34.53 -0.68
CA ALA D 62 -25.47 -33.88 -1.88
C ALA D 62 -26.38 -32.78 -2.39
N LEU D 63 -27.57 -32.63 -1.80
CA LEU D 63 -28.45 -31.52 -2.17
C LEU D 63 -27.85 -30.18 -1.77
N PHE D 64 -27.16 -30.13 -0.64
CA PHE D 64 -26.46 -28.91 -0.23
C PHE D 64 -25.35 -28.56 -1.22
N SER D 65 -24.59 -29.56 -1.66
CA SER D 65 -23.54 -29.33 -2.66
C SER D 65 -24.14 -28.89 -3.99
N ALA D 66 -25.29 -29.47 -4.36
CA ALA D 66 -25.94 -29.07 -5.60
C ALA D 66 -26.45 -27.63 -5.54
N ALA D 67 -27.01 -27.23 -4.39
CA ALA D 67 -27.44 -25.85 -4.22
C ALA D 67 -26.26 -24.88 -4.24
N ILE D 68 -25.14 -25.28 -3.62
CA ILE D 68 -23.93 -24.48 -3.66
C ILE D 68 -23.44 -24.32 -5.09
N SER D 69 -23.44 -25.42 -5.86
CA SER D 69 -23.02 -25.38 -7.26
C SER D 69 -23.93 -24.49 -8.08
N GLY D 70 -25.24 -24.58 -7.85
CA GLY D 70 -26.17 -23.73 -8.58
C GLY D 70 -25.97 -22.26 -8.30
N TRP D 71 -25.76 -21.90 -7.03
CA TRP D 71 -25.57 -20.49 -6.71
C TRP D 71 -24.20 -20.00 -7.17
N LEU D 72 -23.19 -20.88 -7.19
CA LEU D 72 -21.89 -20.50 -7.73
C LEU D 72 -21.93 -20.34 -9.24
N TRP D 73 -22.84 -21.03 -9.92
CA TRP D 73 -23.04 -20.76 -11.34
C TRP D 73 -23.84 -19.47 -11.54
N ILE D 74 -24.78 -19.19 -10.63
CA ILE D 74 -25.62 -18.00 -10.75
C ILE D 74 -24.79 -16.74 -10.55
N THR D 75 -23.80 -16.76 -9.65
CA THR D 75 -22.98 -15.56 -9.46
C THR D 75 -22.10 -15.27 -10.68
N VAL D 76 -21.58 -16.33 -11.34
CA VAL D 76 -20.85 -16.14 -12.60
C VAL D 76 -21.78 -15.59 -13.67
N LEU D 77 -23.00 -16.13 -13.74
CA LEU D 77 -23.99 -15.62 -14.69
C LEU D 77 -24.34 -14.16 -14.41
N PHE D 78 -24.37 -13.75 -13.15
CA PHE D 78 -24.70 -12.37 -12.81
C PHE D 78 -23.57 -11.42 -13.16
N ALA D 79 -22.32 -11.83 -12.91
CA ALA D 79 -21.18 -11.00 -13.30
C ALA D 79 -21.10 -10.87 -14.82
N ASN D 80 -21.32 -11.97 -15.54
CA ASN D 80 -21.37 -11.90 -17.00
C ASN D 80 -22.57 -11.08 -17.47
N PHE D 81 -23.66 -11.09 -16.71
CA PHE D 81 -24.80 -10.23 -17.02
C PHE D 81 -24.44 -8.77 -16.90
N ALA D 82 -23.68 -8.41 -15.86
CA ALA D 82 -23.20 -7.04 -15.71
C ALA D 82 -22.34 -6.61 -16.90
N GLU D 83 -21.33 -7.43 -17.22
CA GLU D 83 -20.41 -7.08 -18.30
C GLU D 83 -21.11 -7.01 -19.64
N ALA D 84 -21.94 -8.01 -19.94
CA ALA D 84 -22.64 -8.07 -21.21
C ALA D 84 -23.68 -6.96 -21.33
N LEU D 85 -24.39 -6.65 -20.23
CA LEU D 85 -25.42 -5.62 -20.28
C LEU D 85 -24.81 -4.24 -20.51
N ALA D 86 -23.68 -3.95 -19.86
CA ALA D 86 -23.04 -2.66 -20.10
C ALA D 86 -22.46 -2.58 -21.51
N GLU D 87 -21.86 -3.68 -21.99
CA GLU D 87 -21.35 -3.72 -23.36
C GLU D 87 -22.48 -3.58 -24.38
N GLY D 88 -23.63 -4.19 -24.09
CA GLY D 88 -24.76 -4.08 -24.99
C GLY D 88 -25.42 -2.72 -24.95
N ARG D 89 -25.34 -2.02 -23.81
CA ARG D 89 -25.77 -0.62 -23.79
C ARG D 89 -24.86 0.24 -24.67
N SER D 90 -23.55 -0.02 -24.62
CA SER D 90 -22.63 0.68 -25.52
C SER D 90 -22.95 0.38 -26.98
N LYS D 91 -23.22 -0.90 -27.29
CA LYS D 91 -23.55 -1.29 -28.65
C LYS D 91 -24.89 -0.70 -29.09
N ALA D 92 -25.84 -0.60 -28.18
CA ALA D 92 -27.14 -0.01 -28.50
C ALA D 92 -27.02 1.48 -28.78
N GLN D 93 -26.18 2.19 -28.02
CA GLN D 93 -25.92 3.60 -28.33
C GLN D 93 -25.24 3.75 -29.68
N ALA D 94 -24.27 2.88 -29.97
CA ALA D 94 -23.58 2.94 -31.26
C ALA D 94 -24.52 2.63 -32.42
N ASN D 95 -25.45 1.67 -32.23
CA ASN D 95 -26.40 1.34 -33.28
C ASN D 95 -27.47 2.41 -33.41
N SER D 96 -27.77 3.13 -32.32
CA SER D 96 -28.70 4.24 -32.40
C SER D 96 -28.10 5.41 -33.17
N LEU D 97 -26.80 5.67 -32.99
CA LEU D 97 -26.17 6.77 -33.71
C LEU D 97 -25.46 6.34 -34.99
N LYS D 98 -25.54 5.07 -35.38
CA LYS D 98 -24.87 4.62 -36.59
C LYS D 98 -25.70 4.86 -37.86
N GLY D 99 -26.96 5.26 -37.70
CA GLY D 99 -27.85 5.47 -38.83
C GLY D 99 -27.64 6.75 -39.61
N VAL D 100 -26.50 7.42 -39.41
CA VAL D 100 -26.23 8.68 -40.10
C VAL D 100 -26.01 8.47 -41.59
N LYS D 101 -25.49 7.31 -41.99
CA LYS D 101 -25.30 6.99 -43.41
C LYS D 101 -25.47 5.48 -43.54
N LYS D 102 -26.56 5.06 -44.18
CA LYS D 102 -26.88 3.65 -44.30
C LYS D 102 -27.17 3.19 -45.72
N THR D 103 -27.66 4.07 -46.60
CA THR D 103 -28.14 3.66 -47.91
C THR D 103 -27.99 4.85 -48.85
N ALA D 104 -27.69 4.54 -50.12
CA ALA D 104 -27.60 5.51 -51.23
C ALA D 104 -26.51 6.55 -50.98
N PHE D 105 -25.28 6.05 -50.86
CA PHE D 105 -24.09 6.90 -50.81
C PHE D 105 -23.54 7.07 -52.24
N ALA D 106 -24.37 7.72 -53.06
CA ALA D 106 -24.18 7.76 -54.52
C ALA D 106 -24.28 9.19 -55.03
N ARG D 107 -23.54 10.10 -54.41
CA ARG D 107 -23.50 11.50 -54.83
C ARG D 107 -22.07 11.87 -55.24
N LYS D 108 -21.92 12.48 -56.41
CA LYS D 108 -20.60 12.83 -56.94
C LYS D 108 -20.75 14.01 -57.88
N LEU D 109 -19.61 14.43 -58.44
CA LEU D 109 -19.57 15.50 -59.43
C LEU D 109 -18.59 15.14 -60.53
N ARG D 110 -18.66 15.89 -61.63
CA ARG D 110 -17.70 15.79 -62.73
C ARG D 110 -16.66 16.90 -62.66
N GLU D 111 -17.11 18.16 -62.66
CA GLU D 111 -16.22 19.31 -62.52
C GLU D 111 -16.04 19.65 -61.04
N PRO D 112 -14.80 19.86 -60.59
CA PRO D 112 -14.56 20.16 -59.16
C PRO D 112 -15.17 21.47 -58.68
N LYS D 113 -15.48 22.40 -59.59
CA LYS D 113 -16.07 23.68 -59.20
C LYS D 113 -17.59 23.63 -59.22
N TYR D 114 -18.17 23.29 -60.38
CA TYR D 114 -19.62 23.10 -60.49
C TYR D 114 -19.85 22.12 -61.64
N GLY D 115 -20.11 20.86 -61.29
CA GLY D 115 -20.24 19.81 -62.28
C GLY D 115 -21.69 19.48 -62.62
N ALA D 116 -21.83 18.48 -63.49
CA ALA D 116 -23.13 17.98 -63.92
C ALA D 116 -23.05 16.47 -64.03
N ALA D 117 -24.08 15.88 -64.64
CA ALA D 117 -24.22 14.43 -64.85
C ALA D 117 -24.13 13.67 -63.53
N ALA D 118 -25.07 13.98 -62.64
CA ALA D 118 -25.13 13.32 -61.34
C ALA D 118 -25.78 11.95 -61.51
N ASP D 119 -25.09 10.91 -61.07
CA ASP D 119 -25.57 9.54 -61.22
C ASP D 119 -25.23 8.78 -59.94
N LYS D 120 -25.36 7.45 -60.00
CA LYS D 120 -25.13 6.58 -58.85
C LYS D 120 -23.77 5.92 -58.98
N VAL D 121 -22.89 6.19 -58.01
CA VAL D 121 -21.56 5.57 -57.97
C VAL D 121 -21.30 5.08 -56.54
N PRO D 122 -20.51 4.03 -56.37
CA PRO D 122 -20.11 3.63 -55.00
C PRO D 122 -19.04 4.57 -54.47
N ALA D 123 -19.33 5.23 -53.34
CA ALA D 123 -18.43 6.21 -52.76
C ALA D 123 -17.62 5.65 -51.60
N ASP D 124 -17.59 4.33 -51.42
CA ASP D 124 -16.86 3.72 -50.31
C ASP D 124 -15.38 3.52 -50.61
N GLN D 125 -14.93 3.80 -51.84
CA GLN D 125 -13.53 3.61 -52.22
C GLN D 125 -12.88 4.92 -52.66
N LEU D 126 -13.52 6.06 -52.39
CA LEU D 126 -13.04 7.34 -52.87
C LEU D 126 -11.89 7.84 -51.99
N ARG D 127 -10.75 8.12 -52.62
CA ARG D 127 -9.63 8.74 -51.95
C ARG D 127 -9.87 10.25 -51.82
N LYS D 128 -9.03 10.92 -51.03
CA LYS D 128 -9.13 12.36 -50.87
C LYS D 128 -8.88 13.08 -52.19
N GLY D 129 -9.77 13.99 -52.54
CA GLY D 129 -9.66 14.73 -53.78
C GLY D 129 -10.97 14.95 -54.50
N ASP D 130 -12.00 14.19 -54.13
CA ASP D 130 -13.30 14.29 -54.76
C ASP D 130 -14.13 15.40 -54.13
N ILE D 131 -14.99 16.01 -54.94
CA ILE D 131 -15.89 17.08 -54.50
C ILE D 131 -17.31 16.64 -54.77
N VAL D 132 -18.16 16.70 -53.74
CA VAL D 132 -19.52 16.19 -53.79
C VAL D 132 -20.49 17.34 -53.54
N LEU D 133 -21.44 17.50 -54.45
CA LEU D 133 -22.49 18.51 -54.32
C LEU D 133 -23.77 17.84 -53.84
N VAL D 134 -24.35 18.37 -52.77
CA VAL D 134 -25.57 17.83 -52.18
C VAL D 134 -26.70 18.84 -52.37
N GLU D 135 -27.86 18.36 -52.78
CA GLU D 135 -29.03 19.19 -52.98
C GLU D 135 -29.91 19.15 -51.73
N ALA D 136 -31.12 19.71 -51.83
CA ALA D 136 -32.01 19.79 -50.68
C ALA D 136 -32.54 18.42 -50.31
N GLY D 137 -32.51 18.12 -49.01
CA GLY D 137 -33.04 16.88 -48.50
C GLY D 137 -32.30 15.63 -48.92
N ASP D 138 -30.97 15.70 -49.02
CA ASP D 138 -30.15 14.55 -49.39
C ASP D 138 -29.07 14.33 -48.34
N ILE D 139 -28.81 13.07 -48.02
CA ILE D 139 -27.85 12.73 -46.97
C ILE D 139 -26.43 12.94 -47.50
N ILE D 140 -25.61 13.59 -46.69
CA ILE D 140 -24.20 13.81 -47.04
C ILE D 140 -23.48 12.46 -47.09
N PRO D 141 -22.72 12.17 -48.15
CA PRO D 141 -22.08 10.85 -48.24
C PRO D 141 -20.92 10.66 -47.29
N CYS D 142 -20.05 11.66 -47.13
CA CYS D 142 -18.86 11.50 -46.32
C CYS D 142 -18.47 12.82 -45.69
N ASP D 143 -17.64 12.74 -44.66
CA ASP D 143 -17.20 13.93 -43.93
C ASP D 143 -16.26 14.76 -44.78
N GLY D 144 -16.19 16.05 -44.46
CA GLY D 144 -15.35 16.96 -45.20
C GLY D 144 -15.63 18.40 -44.80
N GLU D 145 -15.30 19.32 -45.71
CA GLU D 145 -15.50 20.74 -45.49
C GLU D 145 -16.11 21.37 -46.72
N VAL D 146 -16.80 22.49 -46.52
CA VAL D 146 -17.39 23.25 -47.61
C VAL D 146 -16.32 24.09 -48.29
N ILE D 147 -16.36 24.13 -49.61
CA ILE D 147 -15.43 24.92 -50.42
C ILE D 147 -16.10 26.18 -50.95
N GLU D 148 -17.29 26.04 -51.52
CA GLU D 148 -18.01 27.15 -52.13
C GLU D 148 -19.47 27.12 -51.68
N GLY D 149 -19.99 28.29 -51.30
CA GLY D 149 -21.39 28.39 -50.96
C GLY D 149 -21.67 28.58 -49.48
N GLY D 150 -22.31 27.60 -48.87
CA GLY D 150 -22.72 27.70 -47.48
C GLY D 150 -24.22 27.59 -47.33
N ALA D 151 -24.68 26.84 -46.32
CA ALA D 151 -26.10 26.58 -46.17
C ALA D 151 -26.38 26.23 -44.70
N SER D 152 -27.67 26.27 -44.35
CA SER D 152 -28.12 25.93 -43.00
C SER D 152 -28.33 24.42 -42.94
N VAL D 153 -27.30 23.70 -42.54
CA VAL D 153 -27.35 22.24 -42.48
C VAL D 153 -27.97 21.82 -41.15
N ASP D 154 -28.61 20.66 -41.14
CA ASP D 154 -29.17 20.08 -39.94
C ASP D 154 -28.30 18.91 -39.47
N GLU D 155 -28.34 18.67 -38.16
CA GLU D 155 -27.55 17.60 -37.53
C GLU D 155 -28.39 16.83 -36.53
N SER D 156 -29.68 16.64 -36.85
CA SER D 156 -30.60 16.04 -35.89
C SER D 156 -30.35 14.54 -35.72
N ALA D 157 -30.00 13.84 -36.80
CA ALA D 157 -29.80 12.40 -36.72
C ALA D 157 -28.49 12.02 -36.04
N ILE D 158 -27.57 12.96 -35.82
CA ILE D 158 -26.30 12.69 -35.19
C ILE D 158 -26.21 13.31 -33.80
N THR D 159 -26.72 14.54 -33.63
CA THR D 159 -26.69 15.22 -32.35
C THR D 159 -28.04 15.14 -31.67
N GLY D 160 -28.19 15.86 -30.56
CA GLY D 160 -29.42 15.84 -29.79
C GLY D 160 -30.48 16.78 -30.32
N GLU D 161 -30.12 18.06 -30.47
CA GLU D 161 -31.07 19.07 -30.92
C GLU D 161 -31.42 18.92 -32.39
N ALA D 163 -32.25 21.49 -34.35
CA ALA D 163 -32.15 22.83 -34.91
C ALA D 163 -31.09 22.89 -36.01
N PRO D 164 -31.46 23.40 -37.17
CA PRO D 164 -30.47 23.59 -38.25
C PRO D 164 -29.39 24.59 -37.85
N VAL D 165 -28.18 24.37 -38.36
CA VAL D 165 -27.04 25.22 -38.08
C VAL D 165 -26.44 25.68 -39.41
N ILE D 166 -26.07 26.95 -39.47
CA ILE D 166 -25.59 27.53 -40.72
C ILE D 166 -24.13 27.12 -40.96
N ARG D 167 -23.73 27.16 -42.23
CA ARG D 167 -22.38 26.89 -42.65
C ARG D 167 -21.92 28.00 -43.60
N GLU D 168 -20.61 28.25 -43.60
CA GLU D 168 -20.03 29.28 -44.46
C GLU D 168 -18.72 28.75 -45.05
N SER D 169 -18.45 29.14 -46.30
CA SER D 169 -17.25 28.70 -47.00
C SER D 169 -16.15 29.73 -46.81
N GLY D 170 -14.96 29.26 -46.44
CA GLY D 170 -13.84 30.13 -46.17
C GLY D 170 -13.79 30.69 -44.77
N GLY D 171 -14.71 30.29 -43.89
CA GLY D 171 -14.74 30.73 -42.52
C GLY D 171 -14.47 29.62 -41.53
N ASP D 172 -14.62 29.96 -40.25
CA ASP D 172 -14.42 28.98 -39.19
C ASP D 172 -15.53 27.94 -39.12
N PHE D 173 -16.73 28.28 -39.60
CA PHE D 173 -17.86 27.36 -39.58
C PHE D 173 -17.93 26.57 -40.90
N ALA D 174 -16.83 25.88 -41.20
CA ALA D 174 -16.70 25.11 -42.43
C ALA D 174 -16.39 23.66 -42.06
N SER D 175 -17.44 22.89 -41.79
CA SER D 175 -17.30 21.47 -41.49
C SER D 175 -18.65 20.81 -41.70
N VAL D 176 -18.66 19.68 -42.40
CA VAL D 176 -19.87 18.92 -42.64
C VAL D 176 -19.64 17.48 -42.20
N THR D 177 -20.73 16.81 -41.82
CA THR D 177 -20.70 15.42 -41.39
C THR D 177 -21.81 14.67 -42.11
N GLY D 178 -21.55 13.42 -42.47
CA GLY D 178 -22.53 12.62 -43.17
C GLY D 178 -23.66 12.13 -42.30
N GLY D 179 -24.47 13.06 -41.78
CA GLY D 179 -25.55 12.72 -40.88
C GLY D 179 -26.92 13.06 -41.41
N THR D 180 -27.53 14.10 -40.83
CA THR D 180 -28.86 14.53 -41.22
C THR D 180 -28.82 15.15 -42.61
N ARG D 181 -29.82 14.85 -43.43
CA ARG D 181 -29.94 15.45 -44.75
C ARG D 181 -30.09 16.97 -44.62
N ILE D 182 -29.46 17.69 -45.55
CA ILE D 182 -29.45 19.15 -45.49
C ILE D 182 -30.78 19.71 -46.00
N LEU D 183 -31.40 20.56 -45.20
CA LEU D 183 -32.67 21.21 -45.54
C LEU D 183 -32.42 22.62 -46.08
N SER D 184 -31.59 22.75 -47.09
CA SER D 184 -31.20 24.07 -47.60
C SER D 184 -30.73 23.92 -49.04
N ASP D 185 -30.07 24.96 -49.55
CA ASP D 185 -29.68 25.03 -50.96
C ASP D 185 -28.41 24.22 -51.20
N TRP D 186 -27.81 24.42 -52.38
CA TRP D 186 -26.67 23.63 -52.81
C TRP D 186 -25.44 23.90 -51.97
N LEU D 187 -24.60 22.87 -51.81
CA LEU D 187 -23.39 22.96 -51.02
C LEU D 187 -22.42 21.88 -51.50
N VAL D 188 -21.22 22.29 -51.89
CA VAL D 188 -20.19 21.34 -52.34
C VAL D 188 -19.39 20.87 -51.12
N ILE D 189 -19.02 19.59 -51.15
CA ILE D 189 -18.29 18.96 -50.06
C ILE D 189 -17.04 18.30 -50.62
N GLU D 190 -15.88 18.72 -50.12
CA GLU D 190 -14.62 18.10 -50.50
C GLU D 190 -14.37 16.89 -49.61
N CYS D 191 -14.01 15.76 -50.23
CA CYS D 191 -13.87 14.51 -49.49
C CYS D 191 -12.60 14.52 -48.64
N SER D 192 -12.77 14.46 -47.32
CA SER D 192 -11.63 14.51 -46.41
C SER D 192 -10.87 13.18 -46.42
N VAL D 193 -11.53 12.10 -46.01
CA VAL D 193 -10.92 10.77 -45.99
C VAL D 193 -11.90 9.79 -46.64
N ASN D 194 -11.38 8.61 -46.96
CA ASN D 194 -12.23 7.53 -47.44
C ASN D 194 -13.17 7.08 -46.33
N PRO D 195 -14.44 6.81 -46.64
CA PRO D 195 -15.38 6.34 -45.60
C PRO D 195 -14.95 5.00 -45.02
N GLY D 196 -15.17 4.85 -43.72
CA GLY D 196 -14.83 3.62 -43.03
C GLY D 196 -13.80 3.81 -41.93
N GLU D 197 -12.77 4.62 -42.18
CA GLU D 197 -11.72 4.84 -41.20
C GLU D 197 -11.75 6.26 -40.63
N THR D 198 -12.87 6.96 -40.75
CA THR D 198 -13.04 8.22 -40.06
C THR D 198 -13.26 7.98 -38.57
N PHE D 199 -13.45 9.07 -37.81
CA PHE D 199 -13.56 8.96 -36.36
C PHE D 199 -14.83 8.21 -35.95
N LEU D 200 -15.97 8.62 -36.51
CA LEU D 200 -17.25 8.01 -36.16
C LEU D 200 -17.35 6.57 -36.64
N ASP D 201 -16.95 6.31 -37.89
CA ASP D 201 -16.99 4.95 -38.40
C ASP D 201 -16.00 4.06 -37.66
N ARG D 202 -14.85 4.61 -37.29
CA ARG D 202 -13.87 3.85 -36.52
C ARG D 202 -14.41 3.49 -35.14
N MET D 203 -15.12 4.40 -34.48
CA MET D 203 -15.63 4.07 -33.16
C MET D 203 -16.81 3.10 -33.23
N ILE D 204 -17.68 3.20 -34.24
CA ILE D 204 -18.71 2.16 -34.41
C ILE D 204 -18.05 0.81 -34.72
N ALA D 205 -16.98 0.81 -35.52
CA ALA D 205 -16.30 -0.45 -35.84
C ALA D 205 -15.64 -1.07 -34.61
N MET D 206 -15.04 -0.25 -33.74
CA MET D 206 -14.41 -0.79 -32.55
C MET D 206 -15.39 -1.08 -31.44
N VAL D 207 -16.62 -0.55 -31.50
CA VAL D 207 -17.64 -0.98 -30.55
C VAL D 207 -18.28 -2.28 -31.00
N GLU D 208 -18.64 -2.39 -32.27
CA GLU D 208 -19.16 -3.65 -32.80
C GLU D 208 -18.10 -4.74 -32.76
N GLY D 209 -16.92 -4.45 -33.31
CA GLY D 209 -15.76 -5.30 -33.12
C GLY D 209 -15.09 -4.97 -31.81
N ALA D 210 -15.69 -5.42 -30.71
CA ALA D 210 -15.33 -4.94 -29.38
C ALA D 210 -13.92 -5.38 -28.99
N GLN D 211 -13.11 -4.41 -28.57
CA GLN D 211 -11.78 -4.66 -28.03
C GLN D 211 -11.79 -4.28 -26.55
N ARG D 212 -11.21 -5.14 -25.73
CA ARG D 212 -11.19 -4.89 -24.29
C ARG D 212 -10.32 -3.67 -23.98
N ARG D 213 -9.03 -3.74 -24.35
CA ARG D 213 -8.07 -2.64 -24.26
C ARG D 213 -7.95 -2.13 -22.82
N LYS D 214 -7.40 -3.00 -21.98
CA LYS D 214 -7.28 -2.73 -20.56
C LYS D 214 -6.38 -1.52 -20.31
N THR D 215 -6.94 -0.52 -19.62
CA THR D 215 -6.18 0.66 -19.24
C THR D 215 -5.20 0.30 -18.13
N PRO D 216 -4.12 1.08 -17.97
CA PRO D 216 -3.16 0.80 -16.88
C PRO D 216 -3.77 0.80 -15.49
N ASN D 217 -4.76 1.66 -15.23
CA ASN D 217 -5.46 1.62 -13.96
C ASN D 217 -6.23 0.32 -13.79
N GLU D 218 -6.89 -0.14 -14.86
CA GLU D 218 -7.60 -1.42 -14.80
C GLU D 218 -6.63 -2.57 -14.57
N ILE D 219 -5.45 -2.52 -15.20
CA ILE D 219 -4.46 -3.58 -15.03
C ILE D 219 -3.92 -3.59 -13.61
N ALA D 220 -3.65 -2.41 -13.02
CA ALA D 220 -3.18 -2.35 -11.65
C ALA D 220 -4.24 -2.85 -10.66
N LEU D 221 -5.50 -2.46 -10.86
CA LEU D 221 -6.57 -2.96 -10.00
C LEU D 221 -6.76 -4.45 -10.17
N THR D 222 -6.60 -4.96 -11.40
CA THR D 222 -6.67 -6.40 -11.63
C THR D 222 -5.53 -7.14 -10.94
N ILE D 223 -4.33 -6.53 -10.91
CA ILE D 223 -3.20 -7.13 -10.20
C ILE D 223 -3.49 -7.19 -8.69
N LEU D 224 -4.09 -6.12 -8.16
CA LEU D 224 -4.53 -6.13 -6.76
C LEU D 224 -5.55 -7.25 -6.50
N LEU D 225 -6.52 -7.39 -7.41
CA LEU D 225 -7.53 -8.43 -7.25
C LEU D 225 -6.93 -9.83 -7.37
N ILE D 226 -5.91 -10.00 -8.22
CA ILE D 226 -5.22 -11.28 -8.34
C ILE D 226 -4.46 -11.60 -7.06
N ALA D 227 -3.82 -10.58 -6.45
CA ALA D 227 -3.12 -10.80 -5.18
C ALA D 227 -4.09 -11.19 -4.07
N LEU D 228 -5.25 -10.53 -4.02
CA LEU D 228 -6.28 -10.90 -3.06
C LEU D 228 -6.79 -12.31 -3.33
N THR D 229 -6.97 -12.67 -4.61
CA THR D 229 -7.39 -14.02 -4.96
C THR D 229 -6.35 -15.06 -4.54
N ILE D 230 -5.07 -14.72 -4.65
CA ILE D 230 -4.01 -15.66 -4.29
C ILE D 230 -3.99 -15.89 -2.78
N VAL D 231 -4.07 -14.80 -1.99
CA VAL D 231 -4.06 -14.98 -0.54
C VAL D 231 -5.32 -15.70 -0.06
N PHE D 232 -6.47 -15.43 -0.70
CA PHE D 232 -7.69 -16.11 -0.28
C PHE D 232 -7.68 -17.58 -0.69
N LEU D 233 -7.15 -17.89 -1.88
CA LEU D 233 -7.04 -19.27 -2.33
C LEU D 233 -6.08 -20.05 -1.44
N LEU D 234 -4.97 -19.44 -1.04
CA LEU D 234 -4.03 -20.11 -0.14
C LEU D 234 -4.64 -20.33 1.24
N ALA D 235 -5.28 -19.29 1.79
CA ALA D 235 -5.90 -19.41 3.11
C ALA D 235 -7.08 -20.37 3.12
N THR D 236 -7.72 -20.60 1.97
CA THR D 236 -8.81 -21.54 1.90
C THR D 236 -8.33 -22.97 1.63
N ALA D 237 -7.35 -23.14 0.75
CA ALA D 237 -6.81 -24.46 0.47
C ALA D 237 -5.99 -25.00 1.62
N THR D 238 -5.41 -24.14 2.46
CA THR D 238 -4.66 -24.58 3.62
C THR D 238 -5.58 -24.99 4.76
N LEU D 239 -6.88 -24.72 4.65
CA LEU D 239 -7.81 -25.06 5.72
C LEU D 239 -7.99 -26.57 5.86
N TRP D 240 -7.97 -27.31 4.73
CA TRP D 240 -8.15 -28.75 4.80
C TRP D 240 -7.00 -29.47 5.53
N PRO D 241 -5.71 -29.21 5.24
CA PRO D 241 -4.67 -29.81 6.09
C PRO D 241 -4.70 -29.31 7.53
N PHE D 242 -5.19 -28.09 7.75
CA PHE D 242 -5.29 -27.55 9.10
C PHE D 242 -6.35 -28.30 9.91
N SER D 243 -7.53 -28.50 9.31
CA SER D 243 -8.65 -29.08 10.02
C SER D 243 -8.72 -30.60 9.92
N ALA D 244 -7.87 -31.23 9.11
CA ALA D 244 -7.88 -32.68 9.02
C ALA D 244 -7.32 -33.32 10.30
N TRP D 245 -6.29 -32.72 10.87
CA TRP D 245 -5.67 -33.26 12.07
C TRP D 245 -6.50 -32.98 13.33
N GLY D 246 -7.21 -31.86 13.37
CA GLY D 246 -7.96 -31.48 14.54
C GLY D 246 -9.31 -32.14 14.70
N GLY D 247 -9.62 -33.14 13.88
CA GLY D 247 -10.90 -33.82 13.94
C GLY D 247 -11.28 -34.36 12.58
N ASN D 248 -12.49 -34.02 12.13
CA ASN D 248 -12.93 -34.35 10.78
C ASN D 248 -12.69 -33.14 9.87
N ALA D 249 -12.08 -33.39 8.71
CA ALA D 249 -11.76 -32.32 7.79
C ALA D 249 -13.03 -31.74 7.18
N VAL D 250 -12.99 -30.45 6.84
CA VAL D 250 -14.13 -29.80 6.23
C VAL D 250 -14.31 -30.31 4.80
N SER D 251 -15.55 -30.30 4.34
CA SER D 251 -15.84 -30.76 2.99
C SER D 251 -15.30 -29.77 1.97
N VAL D 252 -15.05 -30.28 0.76
CA VAL D 252 -14.44 -29.47 -0.29
C VAL D 252 -15.43 -28.42 -0.77
N THR D 253 -16.72 -28.75 -0.83
CA THR D 253 -17.73 -27.79 -1.30
C THR D 253 -17.86 -26.59 -0.36
N VAL D 254 -17.73 -26.80 0.95
CA VAL D 254 -17.73 -25.70 1.90
C VAL D 254 -16.51 -24.81 1.67
N LEU D 255 -15.37 -25.43 1.37
CA LEU D 255 -14.15 -24.66 1.08
C LEU D 255 -14.31 -23.82 -0.18
N VAL D 256 -14.91 -24.39 -1.23
CA VAL D 256 -15.10 -23.64 -2.46
C VAL D 256 -16.11 -22.52 -2.26
N ALA D 257 -17.15 -22.77 -1.47
CA ALA D 257 -18.12 -21.72 -1.15
C ALA D 257 -17.47 -20.58 -0.39
N LEU D 258 -16.62 -20.89 0.59
CA LEU D 258 -15.91 -19.85 1.33
C LEU D 258 -14.92 -19.11 0.43
N LEU D 259 -14.25 -19.83 -0.48
CA LEU D 259 -13.32 -19.20 -1.41
C LEU D 259 -14.03 -18.22 -2.33
N VAL D 260 -15.19 -18.60 -2.86
CA VAL D 260 -15.95 -17.71 -3.72
C VAL D 260 -16.48 -16.51 -2.92
N CYS D 261 -16.98 -16.76 -1.71
CA CYS D 261 -17.44 -15.67 -0.86
C CYS D 261 -16.31 -14.74 -0.43
N LEU D 262 -15.06 -15.20 -0.48
CA LEU D 262 -13.92 -14.41 -0.04
C LEU D 262 -13.34 -13.52 -1.14
N ILE D 263 -13.12 -14.10 -2.32
CA ILE D 263 -12.46 -13.39 -3.42
C ILE D 263 -13.34 -12.24 -3.88
N PRO D 264 -12.76 -11.13 -4.34
CA PRO D 264 -13.59 -9.98 -4.76
C PRO D 264 -14.35 -10.25 -6.04
N THR D 265 -15.42 -11.05 -5.93
CA THR D 265 -16.25 -11.37 -7.09
C THR D 265 -17.04 -10.15 -7.55
N THR D 266 -17.37 -9.24 -6.63
CA THR D 266 -18.14 -8.04 -6.96
C THR D 266 -17.39 -7.14 -7.92
N ILE D 267 -16.26 -6.57 -7.48
CA ILE D 267 -15.49 -5.70 -8.35
C ILE D 267 -14.84 -6.49 -9.47
N GLY D 268 -14.51 -7.76 -9.23
CA GLY D 268 -13.93 -8.59 -10.27
C GLY D 268 -14.88 -8.84 -11.44
N GLY D 269 -16.17 -8.95 -11.16
CA GLY D 269 -17.14 -9.11 -12.21
C GLY D 269 -17.68 -7.80 -12.75
N LEU D 270 -17.50 -6.72 -11.98
CA LEU D 270 -18.02 -5.42 -12.40
C LEU D 270 -16.96 -4.50 -13.00
N LEU D 271 -15.70 -4.92 -13.08
CA LEU D 271 -14.64 -4.04 -13.59
C LEU D 271 -14.85 -3.67 -15.06
N SER D 272 -15.03 -4.67 -15.91
CA SER D 272 -15.25 -4.41 -17.34
C SER D 272 -16.58 -3.71 -17.57
N ALA D 273 -17.60 -4.04 -16.78
CA ALA D 273 -18.87 -3.34 -16.86
C ALA D 273 -18.73 -1.87 -16.51
N ILE D 274 -17.93 -1.56 -15.48
CA ILE D 274 -17.68 -0.17 -15.10
C ILE D 274 -16.96 0.57 -16.21
N GLY D 275 -15.96 -0.07 -16.82
CA GLY D 275 -15.20 0.59 -17.88
C GLY D 275 -16.05 0.89 -19.11
N VAL D 276 -16.76 -0.12 -19.62
CA VAL D 276 -17.56 0.12 -20.81
C VAL D 276 -18.82 0.93 -20.50
N ALA D 277 -19.30 0.93 -19.25
CA ALA D 277 -20.41 1.80 -18.89
C ALA D 277 -19.99 3.25 -18.75
N GLY D 278 -18.76 3.49 -18.28
CA GLY D 278 -18.23 4.85 -18.32
C GLY D 278 -18.02 5.33 -19.73
N MET D 279 -17.58 4.44 -20.62
CA MET D 279 -17.51 4.78 -22.04
C MET D 279 -18.90 5.09 -22.60
N SER D 280 -19.91 4.31 -22.19
CA SER D 280 -21.28 4.56 -22.61
C SER D 280 -21.79 5.90 -22.12
N ARG D 281 -21.42 6.28 -20.89
CA ARG D 281 -21.77 7.60 -20.36
C ARG D 281 -21.07 8.71 -21.13
N MET D 282 -19.85 8.45 -21.61
CA MET D 282 -19.18 9.42 -22.48
C MET D 282 -19.92 9.61 -23.79
N LEU D 283 -20.28 8.50 -24.45
CA LEU D 283 -21.11 8.58 -25.66
C LEU D 283 -22.49 9.19 -25.39
N GLY D 284 -23.00 9.10 -24.16
CA GLY D 284 -24.25 9.75 -23.83
C GLY D 284 -24.16 11.22 -23.53
N ALA D 285 -22.94 11.75 -23.36
CA ALA D 285 -22.72 13.16 -23.10
C ALA D 285 -22.29 13.92 -24.35
N ASN D 286 -22.64 13.39 -25.54
CA ASN D 286 -22.28 13.96 -26.84
C ASN D 286 -20.77 14.13 -27.01
N VAL D 287 -19.98 13.23 -26.44
CA VAL D 287 -18.54 13.24 -26.57
C VAL D 287 -18.09 11.86 -27.04
N ILE D 288 -17.35 11.82 -28.14
CA ILE D 288 -16.88 10.57 -28.72
C ILE D 288 -15.38 10.48 -28.50
N ALA D 289 -14.94 9.44 -27.78
CA ALA D 289 -13.56 9.30 -27.37
C ALA D 289 -12.95 8.04 -27.97
N THR D 290 -11.66 8.12 -28.30
CA THR D 290 -10.95 6.97 -28.86
C THR D 290 -10.76 5.87 -27.82
N SER D 291 -10.26 6.23 -26.64
CA SER D 291 -9.79 5.25 -25.68
C SER D 291 -10.26 5.57 -24.27
N GLY D 292 -10.55 4.52 -23.51
CA GLY D 292 -10.82 4.69 -22.09
C GLY D 292 -9.62 5.16 -21.31
N ARG D 293 -8.42 4.89 -21.83
CA ARG D 293 -7.21 5.50 -21.26
C ARG D 293 -7.27 7.02 -21.36
N ALA D 294 -7.69 7.54 -22.50
CA ALA D 294 -7.86 8.98 -22.65
C ALA D 294 -9.02 9.49 -21.79
N VAL D 295 -10.07 8.68 -21.64
CA VAL D 295 -11.21 9.07 -20.80
C VAL D 295 -10.77 9.24 -19.35
N GLU D 296 -9.98 8.29 -18.83
CA GLU D 296 -9.51 8.39 -17.47
C GLU D 296 -8.41 9.43 -17.30
N ALA D 297 -7.58 9.62 -18.34
CA ALA D 297 -6.56 10.66 -18.29
C ALA D 297 -7.16 12.06 -18.36
N ALA D 298 -8.39 12.19 -18.87
CA ALA D 298 -9.12 13.44 -18.74
C ALA D 298 -9.36 13.77 -17.27
N GLY D 299 -9.69 12.76 -16.47
CA GLY D 299 -9.64 12.92 -15.03
C GLY D 299 -8.21 13.05 -14.54
N ASP D 300 -8.06 13.77 -13.42
CA ASP D 300 -6.77 14.08 -12.81
C ASP D 300 -5.85 14.80 -13.80
N VAL D 301 -6.30 15.97 -14.24
CA VAL D 301 -5.49 16.89 -15.03
C VAL D 301 -5.13 18.06 -14.13
N ASP D 302 -3.96 18.66 -14.37
CA ASP D 302 -3.56 19.80 -13.57
C ASP D 302 -4.06 21.10 -14.18
N VAL D 303 -3.67 21.39 -15.41
CA VAL D 303 -4.08 22.62 -16.08
C VAL D 303 -5.28 22.31 -16.98
N LEU D 304 -6.09 23.33 -17.21
CA LEU D 304 -7.33 23.22 -17.98
C LEU D 304 -7.35 24.40 -18.97
N LEU D 305 -6.91 24.14 -20.20
CA LEU D 305 -6.71 25.21 -21.18
C LEU D 305 -8.02 25.56 -21.87
N LEU D 306 -8.41 26.83 -21.77
CA LEU D 306 -9.59 27.35 -22.47
C LEU D 306 -9.23 28.63 -23.22
N ASP D 307 -10.24 29.32 -23.74
CA ASP D 307 -10.06 30.63 -24.35
C ASP D 307 -11.10 31.59 -23.78
N LYS D 308 -10.78 32.88 -23.85
CA LYS D 308 -11.66 33.90 -23.28
C LYS D 308 -12.96 34.03 -24.05
N THR D 309 -12.94 33.72 -25.35
CA THR D 309 -14.12 33.84 -26.21
C THR D 309 -14.79 32.47 -26.33
N GLY D 310 -16.09 32.44 -26.04
CA GLY D 310 -16.86 31.22 -26.21
C GLY D 310 -16.97 30.35 -24.97
N THR D 311 -15.83 29.83 -24.50
CA THR D 311 -15.85 28.96 -23.32
C THR D 311 -16.21 29.74 -22.07
N ILE D 312 -15.56 30.90 -21.86
CA ILE D 312 -15.92 31.74 -20.72
C ILE D 312 -17.26 32.41 -20.96
N THR D 313 -17.33 33.26 -21.99
CA THR D 313 -18.57 33.84 -22.50
C THR D 313 -18.29 34.30 -23.92
N LEU D 314 -19.29 34.17 -24.79
CA LEU D 314 -19.14 34.61 -26.18
C LEU D 314 -18.95 36.12 -26.30
N GLY D 315 -19.35 36.88 -25.28
CA GLY D 315 -19.09 38.31 -25.25
C GLY D 315 -20.16 39.16 -25.92
N ASN D 316 -20.18 39.16 -27.24
CA ASN D 316 -21.04 40.00 -28.07
C ASN D 316 -20.89 41.48 -27.65
N ARG D 317 -19.68 41.99 -27.91
CA ARG D 317 -19.25 43.29 -27.41
C ARG D 317 -20.14 44.42 -27.92
N GLN D 318 -20.64 45.24 -26.99
CA GLN D 318 -21.56 46.34 -27.30
C GLN D 318 -21.11 47.55 -26.48
N ALA D 319 -20.23 48.36 -27.07
CA ALA D 319 -19.71 49.55 -26.40
C ALA D 319 -19.16 50.49 -27.45
N SER D 320 -19.77 51.67 -27.59
CA SER D 320 -19.30 52.72 -28.49
C SER D 320 -18.78 53.86 -27.63
N GLU D 321 -17.46 53.98 -27.54
CA GLU D 321 -16.81 54.93 -26.66
C GLU D 321 -16.01 55.95 -27.47
N PHE D 322 -15.81 57.11 -26.86
CA PHE D 322 -15.11 58.23 -27.49
C PHE D 322 -13.76 58.45 -26.79
N ILE D 323 -13.00 59.41 -27.31
CA ILE D 323 -11.68 59.74 -26.77
C ILE D 323 -11.56 61.23 -26.50
N PRO D 324 -10.96 61.64 -25.37
CA PRO D 324 -10.54 63.03 -25.17
C PRO D 324 -9.10 63.28 -25.61
N ALA D 325 -8.75 62.78 -26.80
CA ALA D 325 -7.38 62.81 -27.29
C ALA D 325 -7.22 63.90 -28.35
N GLN D 326 -6.07 63.87 -29.04
CA GLN D 326 -5.75 64.86 -30.06
C GLN D 326 -6.57 64.71 -31.33
N GLY D 327 -7.35 63.64 -31.46
CA GLY D 327 -8.23 63.49 -32.61
C GLY D 327 -9.28 64.59 -32.63
N VAL D 328 -9.60 65.07 -33.84
CA VAL D 328 -10.43 66.26 -33.98
C VAL D 328 -11.89 65.92 -33.70
N ASP D 329 -12.46 65.01 -34.48
CA ASP D 329 -13.89 64.72 -34.39
C ASP D 329 -14.12 63.23 -34.20
N GLU D 330 -14.86 62.88 -33.15
CA GLU D 330 -15.37 61.52 -33.01
C GLU D 330 -16.35 61.16 -34.12
N LYS D 331 -16.98 62.16 -34.73
CA LYS D 331 -17.76 61.93 -35.94
C LYS D 331 -16.88 61.43 -37.06
N THR D 332 -15.68 62.01 -37.21
CA THR D 332 -14.75 61.51 -38.23
C THR D 332 -14.17 60.16 -37.85
N LEU D 333 -14.01 59.89 -36.54
CA LEU D 333 -13.58 58.56 -36.11
C LEU D 333 -14.62 57.50 -36.49
N ALA D 334 -15.90 57.80 -36.26
CA ALA D 334 -16.97 56.90 -36.67
C ALA D 334 -17.07 56.81 -38.19
N ASP D 335 -16.75 57.90 -38.90
CA ASP D 335 -16.71 57.88 -40.35
C ASP D 335 -15.65 56.89 -40.85
N ALA D 336 -14.46 56.93 -40.26
CA ALA D 336 -13.42 55.97 -40.61
C ALA D 336 -13.81 54.56 -40.23
N ALA D 337 -14.46 54.38 -39.08
CA ALA D 337 -14.90 53.06 -38.65
C ALA D 337 -15.92 52.45 -39.61
N GLN D 338 -16.90 53.24 -40.04
CA GLN D 338 -17.89 52.73 -40.98
C GLN D 338 -17.34 52.61 -42.40
N LEU D 339 -16.32 53.40 -42.76
CA LEU D 339 -15.62 53.17 -44.01
C LEU D 339 -14.89 51.83 -43.99
N ALA D 340 -14.27 51.50 -42.87
CA ALA D 340 -13.62 50.19 -42.72
C ALA D 340 -14.63 49.06 -42.72
N SER D 341 -15.77 49.25 -42.04
CA SER D 341 -16.78 48.21 -41.91
C SER D 341 -17.94 48.49 -42.86
N LEU D 342 -17.84 47.94 -44.07
CA LEU D 342 -18.93 47.98 -45.03
C LEU D 342 -19.56 46.62 -45.27
N ALA D 343 -18.78 45.55 -45.16
CA ALA D 343 -19.28 44.18 -45.28
C ALA D 343 -18.67 43.31 -44.19
N ASP D 344 -18.73 43.82 -42.95
CA ASP D 344 -18.15 43.11 -41.81
C ASP D 344 -18.96 41.86 -41.49
N GLU D 345 -18.25 40.74 -41.30
CA GLU D 345 -18.88 39.45 -41.06
C GLU D 345 -18.79 39.00 -39.61
N THR D 346 -17.80 39.47 -38.85
CA THR D 346 -17.68 39.07 -37.45
C THR D 346 -18.82 39.68 -36.63
N PRO D 347 -19.41 38.90 -35.70
CA PRO D 347 -20.61 39.36 -34.99
C PRO D 347 -20.36 40.54 -34.06
N GLU D 348 -19.28 40.45 -33.28
CA GLU D 348 -18.94 41.53 -32.37
C GLU D 348 -18.58 42.81 -33.13
N GLY D 349 -17.85 42.67 -34.24
CA GLY D 349 -17.51 43.82 -35.05
C GLY D 349 -18.71 44.48 -35.70
N ARG D 350 -19.62 43.67 -36.25
CA ARG D 350 -20.80 44.26 -36.88
C ARG D 350 -21.74 44.85 -35.84
N SER D 351 -21.79 44.28 -34.63
CA SER D 351 -22.58 44.88 -33.56
C SER D 351 -21.99 46.21 -33.11
N ILE D 352 -20.65 46.29 -33.01
CA ILE D 352 -20.00 47.54 -32.62
C ILE D 352 -20.24 48.62 -33.67
N VAL D 353 -20.10 48.28 -34.95
CA VAL D 353 -20.30 49.30 -35.97
C VAL D 353 -21.77 49.63 -36.20
N ILE D 354 -22.71 48.74 -35.87
CA ILE D 354 -24.10 49.15 -35.94
C ILE D 354 -24.46 50.02 -34.72
N LEU D 355 -23.80 49.81 -33.57
CA LEU D 355 -23.94 50.76 -32.47
C LEU D 355 -23.39 52.12 -32.85
N ALA D 356 -22.27 52.13 -33.58
CA ALA D 356 -21.74 53.40 -34.11
C ALA D 356 -22.69 54.02 -35.13
N LYS D 357 -23.40 53.20 -35.90
CA LYS D 357 -24.36 53.73 -36.87
C LYS D 357 -25.54 54.40 -36.18
N GLN D 358 -26.12 53.74 -35.17
CA GLN D 358 -27.16 54.41 -34.39
C GLN D 358 -26.62 55.54 -33.51
N ARG D 359 -25.32 55.58 -33.24
CA ARG D 359 -24.74 56.73 -32.58
C ARG D 359 -24.66 57.93 -33.52
N PHE D 360 -24.20 57.70 -34.75
CA PHE D 360 -24.14 58.75 -35.77
C PHE D 360 -24.25 58.08 -37.13
N ASN D 361 -25.44 58.09 -37.71
CA ASN D 361 -25.67 57.53 -39.03
C ASN D 361 -24.90 58.30 -40.10
N LEU D 362 -24.50 57.57 -41.15
CA LEU D 362 -23.71 58.12 -42.24
C LEU D 362 -24.49 58.04 -43.53
N ARG D 363 -24.52 59.15 -44.28
CA ARG D 363 -25.13 59.14 -45.59
C ARG D 363 -24.16 58.59 -46.63
N GLU D 364 -24.72 58.12 -47.74
CA GLU D 364 -24.00 57.59 -48.91
C GLU D 364 -23.15 56.35 -48.57
N ARG D 365 -23.41 55.70 -47.44
CA ARG D 365 -22.72 54.47 -47.06
C ARG D 365 -23.56 53.25 -47.44
N ASP D 366 -23.86 53.16 -48.74
CA ASP D 366 -24.75 52.13 -49.26
C ASP D 366 -23.90 50.98 -49.81
N VAL D 367 -23.39 50.17 -48.88
CA VAL D 367 -22.50 49.01 -49.06
C VAL D 367 -21.54 49.15 -50.25
N GLN D 368 -20.73 50.20 -50.23
CA GLN D 368 -19.85 50.50 -51.36
C GLN D 368 -18.68 49.53 -51.44
N SER D 369 -18.95 48.31 -51.91
CA SER D 369 -17.91 47.30 -52.09
C SER D 369 -17.44 47.18 -53.54
N LEU D 370 -17.94 48.04 -54.43
CA LEU D 370 -17.53 47.99 -55.82
C LEU D 370 -16.08 48.44 -55.99
N HIS D 371 -15.68 49.50 -55.29
CA HIS D 371 -14.33 50.03 -55.38
C HIS D 371 -13.45 49.60 -54.22
N ALA D 372 -13.94 48.74 -53.34
CA ALA D 372 -13.21 48.33 -52.15
C ALA D 372 -13.09 46.81 -52.10
N THR D 373 -11.92 46.33 -51.70
CA THR D 373 -11.66 44.91 -51.53
C THR D 373 -11.74 44.54 -50.05
N PHE D 374 -11.91 43.24 -49.81
CA PHE D 374 -12.08 42.71 -48.46
C PHE D 374 -10.94 41.75 -48.14
N VAL D 375 -10.32 41.95 -46.99
CA VAL D 375 -9.28 41.06 -46.46
C VAL D 375 -9.90 40.29 -45.28
N PRO D 376 -9.96 38.96 -45.35
CA PRO D 376 -10.53 38.20 -44.24
C PRO D 376 -9.65 38.24 -43.00
N PHE D 377 -10.29 38.16 -41.84
CA PHE D 377 -9.62 38.20 -40.55
C PHE D 377 -9.62 36.79 -39.96
N THR D 378 -8.44 36.29 -39.64
CA THR D 378 -8.27 34.98 -39.02
C THR D 378 -7.43 35.13 -37.75
N ALA D 379 -7.23 34.01 -37.05
CA ALA D 379 -6.42 34.04 -35.84
C ALA D 379 -4.94 34.21 -36.16
N GLN D 380 -4.48 33.66 -37.29
CA GLN D 380 -3.09 33.81 -37.70
C GLN D 380 -2.78 35.15 -38.32
N SER D 381 -3.71 35.70 -39.12
CA SER D 381 -3.51 36.98 -39.78
C SER D 381 -3.79 38.17 -38.88
N ARG D 382 -4.93 38.15 -38.19
CA ARG D 382 -5.39 39.24 -37.31
C ARG D 382 -5.49 40.56 -38.06
N MET D 383 -5.82 40.52 -39.34
CA MET D 383 -5.81 41.72 -40.16
C MET D 383 -7.02 41.70 -41.10
N SER D 384 -7.69 42.84 -41.21
CA SER D 384 -8.89 42.96 -42.05
C SER D 384 -8.88 44.27 -42.82
N GLY D 385 -7.75 44.61 -43.45
CA GLY D 385 -7.60 45.90 -44.08
C GLY D 385 -8.48 46.08 -45.30
N ILE D 386 -9.07 47.27 -45.43
CA ILE D 386 -9.94 47.62 -46.54
C ILE D 386 -9.37 48.85 -47.23
N ASN D 387 -9.18 48.75 -48.55
CA ASN D 387 -8.73 49.87 -49.36
C ASN D 387 -9.95 50.49 -50.03
N ILE D 388 -10.28 51.73 -49.66
CA ILE D 388 -11.49 52.36 -50.17
C ILE D 388 -11.24 52.94 -51.56
N ASP D 389 -10.39 53.95 -51.64
CA ASP D 389 -9.99 54.52 -52.93
C ASP D 389 -8.48 54.43 -53.13
N ASN D 390 -7.69 54.99 -52.21
CA ASN D 390 -6.24 54.88 -52.25
C ASN D 390 -5.63 54.71 -50.87
N ARG D 391 -6.44 54.62 -49.81
CA ARG D 391 -5.95 54.54 -48.45
C ARG D 391 -5.97 53.10 -47.97
N MET D 392 -5.49 52.90 -46.74
CA MET D 392 -5.44 51.59 -46.10
C MET D 392 -6.03 51.75 -44.70
N ILE D 393 -7.36 51.67 -44.60
CA ILE D 393 -8.02 51.87 -43.31
C ILE D 393 -7.82 50.62 -42.46
N ARG D 394 -7.43 50.82 -41.20
CA ARG D 394 -6.91 49.71 -40.41
C ARG D 394 -8.01 49.09 -39.56
N LYS D 395 -7.87 47.78 -39.32
CA LYS D 395 -8.76 47.06 -38.42
C LYS D 395 -8.04 46.12 -37.45
N GLY D 396 -6.72 45.99 -37.53
CA GLY D 396 -6.02 44.95 -36.82
C GLY D 396 -5.87 45.23 -35.33
N SER D 397 -5.21 44.29 -34.65
CA SER D 397 -4.99 44.39 -33.22
C SER D 397 -3.81 45.32 -32.94
N VAL D 398 -3.52 45.52 -31.64
CA VAL D 398 -2.50 46.49 -31.24
C VAL D 398 -1.10 46.05 -31.69
N ASP D 399 -0.79 44.76 -31.57
CA ASP D 399 0.52 44.27 -32.00
C ASP D 399 0.69 44.38 -33.51
N ALA D 400 -0.37 44.05 -34.26
CA ALA D 400 -0.30 44.16 -35.72
C ALA D 400 -0.16 45.61 -36.16
N ILE D 401 -0.85 46.54 -35.49
CA ILE D 401 -0.73 47.94 -35.84
C ILE D 401 0.67 48.47 -35.52
N ARG D 402 1.23 48.10 -34.36
CA ARG D 402 2.62 48.43 -34.05
C ARG D 402 3.56 47.89 -35.12
N ARG D 403 3.34 46.63 -35.53
CA ARG D 403 4.22 46.00 -36.51
C ARG D 403 4.17 46.70 -37.87
N HIS D 404 2.98 47.07 -38.35
CA HIS D 404 2.97 47.56 -39.72
C HIS D 404 3.21 49.06 -39.80
N VAL D 405 2.91 49.84 -38.76
CA VAL D 405 3.29 51.25 -38.85
C VAL D 405 4.67 51.52 -38.27
N GLU D 406 5.32 50.51 -37.69
CA GLU D 406 6.72 50.66 -37.30
C GLU D 406 7.67 50.68 -38.51
N ALA D 407 7.16 50.36 -39.70
CA ALA D 407 8.00 50.30 -40.90
C ALA D 407 8.03 51.61 -41.66
N ASN D 408 6.87 52.20 -41.94
CA ASN D 408 6.75 53.33 -42.86
C ASN D 408 6.17 54.56 -42.16
N GLY D 409 7.05 55.34 -41.53
CA GLY D 409 6.73 56.69 -41.11
C GLY D 409 5.82 56.83 -39.91
N GLY D 410 5.47 55.73 -39.24
CA GLY D 410 4.59 55.81 -38.09
C GLY D 410 5.32 56.03 -36.78
N HIS D 411 4.59 56.53 -35.79
CA HIS D 411 5.13 56.75 -34.46
C HIS D 411 3.98 56.71 -33.46
N PHE D 412 4.34 56.51 -32.19
CA PHE D 412 3.35 56.33 -31.14
C PHE D 412 3.53 57.34 -30.01
N PRO D 413 2.56 58.24 -29.80
CA PRO D 413 2.57 59.05 -28.58
C PRO D 413 2.16 58.21 -27.38
N THR D 414 2.44 58.74 -26.19
CA THR D 414 2.08 58.07 -24.95
C THR D 414 0.61 58.20 -24.61
N ASP D 415 -0.10 59.10 -25.30
CA ASP D 415 -1.52 59.31 -25.02
C ASP D 415 -2.34 58.07 -25.32
N VAL D 416 -2.04 57.38 -26.42
CA VAL D 416 -2.71 56.12 -26.71
C VAL D 416 -2.33 55.04 -25.69
N ASP D 417 -1.15 55.13 -25.09
CA ASP D 417 -0.77 54.18 -24.04
C ASP D 417 -1.59 54.40 -22.78
N GLN D 418 -1.78 55.67 -22.38
CA GLN D 418 -2.67 55.92 -21.24
C GLN D 418 -4.12 55.60 -21.58
N LYS D 419 -4.51 55.75 -22.84
CA LYS D 419 -5.87 55.41 -23.24
C LYS D 419 -6.11 53.91 -23.14
N VAL D 420 -5.18 53.09 -23.62
CA VAL D 420 -5.37 51.65 -23.51
C VAL D 420 -5.17 51.19 -22.07
N ASP D 421 -4.39 51.93 -21.27
CA ASP D 421 -4.31 51.62 -19.85
C ASP D 421 -5.64 51.87 -19.15
N GLN D 422 -6.32 52.97 -19.50
CA GLN D 422 -7.65 53.24 -18.96
C GLN D 422 -8.66 52.20 -19.43
N VAL D 423 -8.54 51.76 -20.68
CA VAL D 423 -9.42 50.71 -21.22
C VAL D 423 -9.21 49.41 -20.45
N ALA D 424 -7.95 49.08 -20.15
CA ALA D 424 -7.65 47.88 -19.38
C ALA D 424 -8.15 48.00 -17.94
N ARG D 425 -8.05 49.19 -17.35
CA ARG D 425 -8.56 49.41 -16.00
C ARG D 425 -10.07 49.26 -15.94
N GLN D 426 -10.77 49.78 -16.94
CA GLN D 426 -12.22 49.56 -17.02
C GLN D 426 -12.56 48.10 -17.25
N GLY D 427 -11.82 47.43 -18.13
CA GLY D 427 -12.04 46.04 -18.45
C GLY D 427 -12.83 45.89 -19.74
N ALA D 428 -12.14 45.64 -20.84
CA ALA D 428 -12.74 45.58 -22.17
C ALA D 428 -11.70 44.98 -23.12
N THR D 429 -12.02 44.98 -24.41
CA THR D 429 -11.07 44.59 -25.45
C THR D 429 -10.66 45.84 -26.22
N PRO D 430 -9.38 46.24 -26.18
CA PRO D 430 -8.97 47.52 -26.78
C PRO D 430 -8.74 47.38 -28.27
N LEU D 431 -9.46 48.19 -29.05
CA LEU D 431 -9.25 48.30 -30.49
C LEU D 431 -8.71 49.69 -30.78
N VAL D 432 -7.53 49.75 -31.41
CA VAL D 432 -6.78 50.98 -31.59
C VAL D 432 -6.68 51.32 -33.08
N VAL D 433 -7.74 50.98 -33.82
CA VAL D 433 -7.74 51.11 -35.28
C VAL D 433 -7.53 52.56 -35.70
N VAL D 434 -6.80 52.73 -36.80
CA VAL D 434 -6.35 54.04 -37.29
C VAL D 434 -6.54 54.09 -38.79
N GLU D 435 -6.08 55.18 -39.40
CA GLU D 435 -6.04 55.33 -40.85
C GLU D 435 -4.64 55.06 -41.38
N GLY D 436 -3.65 55.82 -40.92
CA GLY D 436 -2.28 55.64 -41.34
C GLY D 436 -1.31 55.94 -40.22
N SER D 437 -0.31 56.78 -40.50
CA SER D 437 0.56 57.28 -39.45
C SER D 437 -0.19 58.17 -38.45
N ARG D 438 -1.29 58.79 -38.88
CA ARG D 438 -2.13 59.55 -37.97
C ARG D 438 -2.87 58.60 -37.02
N VAL D 439 -2.82 58.92 -35.73
CA VAL D 439 -3.44 58.08 -34.71
C VAL D 439 -4.86 58.58 -34.47
N LEU D 440 -5.84 57.68 -34.63
CA LEU D 440 -7.25 58.02 -34.47
C LEU D 440 -7.80 57.62 -33.11
N GLY D 441 -6.99 57.05 -32.24
CA GLY D 441 -7.41 56.74 -30.88
C GLY D 441 -7.79 55.29 -30.69
N VAL D 442 -8.59 55.06 -29.64
CA VAL D 442 -8.96 53.73 -29.19
C VAL D 442 -10.49 53.65 -29.10
N ILE D 443 -11.03 52.47 -29.40
CA ILE D 443 -12.45 52.18 -29.24
C ILE D 443 -12.56 50.99 -28.29
N ALA D 444 -13.17 51.21 -27.13
CA ALA D 444 -13.31 50.15 -26.14
C ALA D 444 -14.46 49.23 -26.51
N LEU D 445 -14.27 47.93 -26.23
CA LEU D 445 -15.24 46.89 -26.56
C LEU D 445 -15.54 46.10 -25.31
N LYS D 446 -16.64 46.43 -24.64
CA LYS D 446 -17.02 45.78 -23.38
C LYS D 446 -17.72 44.45 -23.68
N ASP D 447 -17.19 43.38 -23.12
CA ASP D 447 -17.77 42.05 -23.27
C ASP D 447 -18.37 41.59 -21.94
N ILE D 448 -19.46 40.84 -22.03
CA ILE D 448 -20.12 40.31 -20.84
C ILE D 448 -19.44 38.99 -20.46
N VAL D 449 -19.39 38.71 -19.16
CA VAL D 449 -18.69 37.54 -18.64
C VAL D 449 -19.78 36.76 -17.88
N LYS D 450 -21.00 36.85 -18.38
CA LYS D 450 -22.14 36.24 -17.71
C LYS D 450 -22.10 34.71 -17.84
N GLY D 451 -22.95 34.06 -17.07
CA GLY D 451 -23.07 32.61 -17.05
C GLY D 451 -22.62 32.02 -15.71
N GLY D 452 -23.10 30.81 -15.46
CA GLY D 452 -22.75 30.10 -14.24
C GLY D 452 -21.39 29.43 -14.36
N ILE D 453 -20.33 30.23 -14.36
CA ILE D 453 -18.97 29.75 -14.57
C ILE D 453 -18.12 29.89 -13.33
N LYS D 454 -18.35 30.93 -12.52
CA LYS D 454 -17.51 31.17 -11.36
C LYS D 454 -17.74 30.14 -10.27
N GLU D 455 -18.99 29.69 -10.10
CA GLU D 455 -19.29 28.66 -9.11
C GLU D 455 -18.63 27.33 -9.49
N ARG D 456 -18.70 26.95 -10.77
CA ARG D 456 -18.08 25.70 -11.18
C ARG D 456 -16.55 25.80 -11.18
N PHE D 457 -16.00 27.00 -11.42
CA PHE D 457 -14.55 27.16 -11.34
C PHE D 457 -14.08 27.12 -9.89
N ALA D 458 -14.88 27.67 -8.97
CA ALA D 458 -14.55 27.58 -7.55
C ALA D 458 -14.64 26.14 -7.04
N GLN D 459 -15.66 25.39 -7.49
CA GLN D 459 -15.77 23.99 -7.11
C GLN D 459 -14.73 23.11 -7.80
N LEU D 460 -14.16 23.58 -8.91
CA LEU D 460 -13.11 22.85 -9.61
C LEU D 460 -11.71 23.18 -9.09
N ARG D 461 -11.50 24.38 -8.54
CA ARG D 461 -10.20 24.75 -8.02
C ARG D 461 -9.88 24.03 -6.71
N LYS D 462 -10.87 23.43 -6.04
CA LYS D 462 -10.61 22.52 -4.93
C LYS D 462 -10.07 21.19 -5.40
N MET D 463 -10.17 20.89 -6.69
CA MET D 463 -9.92 19.56 -7.23
C MET D 463 -8.53 19.44 -7.84
N GLY D 464 -7.66 20.41 -7.60
CA GLY D 464 -6.38 20.47 -8.27
C GLY D 464 -6.47 20.74 -9.75
N ILE D 465 -7.33 21.68 -10.15
CA ILE D 465 -7.55 22.01 -11.55
C ILE D 465 -7.09 23.46 -11.75
N LYS D 466 -5.90 23.64 -12.33
CA LYS D 466 -5.52 24.96 -12.81
C LYS D 466 -6.32 25.28 -14.05
N THR D 467 -6.73 26.54 -14.18
CA THR D 467 -7.67 26.94 -15.24
C THR D 467 -7.07 28.09 -16.04
N VAL D 468 -5.85 27.90 -16.53
CA VAL D 468 -5.21 28.90 -17.38
C VAL D 468 -5.91 28.94 -18.74
N MET D 469 -6.17 30.15 -19.23
CA MET D 469 -6.88 30.35 -20.48
C MET D 469 -6.03 31.20 -21.42
N ILE D 470 -6.31 31.06 -22.72
CA ILE D 470 -5.60 31.77 -23.76
C ILE D 470 -6.55 32.82 -24.31
N THR D 471 -6.37 34.07 -23.88
CA THR D 471 -7.32 35.12 -24.23
C THR D 471 -7.12 35.64 -25.65
N GLY D 472 -5.89 35.67 -26.14
CA GLY D 472 -5.61 36.29 -27.42
C GLY D 472 -5.76 37.79 -27.42
N ASP D 473 -5.18 38.44 -26.42
CA ASP D 473 -5.28 39.89 -26.25
C ASP D 473 -3.97 40.37 -25.64
N ASN D 474 -3.97 41.59 -25.11
CA ASN D 474 -2.83 42.10 -24.37
C ASN D 474 -2.85 41.57 -22.93
N ARG D 475 -1.73 41.75 -22.24
CA ARG D 475 -1.53 41.15 -20.93
C ARG D 475 -2.27 41.86 -19.81
N LEU D 476 -2.82 43.05 -20.06
CA LEU D 476 -3.49 43.81 -19.00
C LEU D 476 -4.99 43.52 -18.96
N THR D 477 -5.66 43.61 -20.11
CA THR D 477 -7.08 43.30 -20.18
C THR D 477 -7.33 41.83 -19.86
N ALA D 478 -6.43 40.95 -20.31
CA ALA D 478 -6.53 39.53 -19.98
C ALA D 478 -6.40 39.31 -18.48
N ALA D 479 -5.47 40.02 -17.83
CA ALA D 479 -5.31 39.92 -16.38
C ALA D 479 -6.57 40.40 -15.65
N ALA D 480 -7.16 41.51 -16.11
CA ALA D 480 -8.36 42.03 -15.47
C ALA D 480 -9.53 41.07 -15.63
N ILE D 481 -9.71 40.53 -16.84
CA ILE D 481 -10.81 39.61 -17.11
C ILE D 481 -10.63 38.31 -16.32
N ALA D 482 -9.39 37.81 -16.25
CA ALA D 482 -9.11 36.61 -15.46
C ALA D 482 -9.36 36.86 -13.98
N ALA D 483 -9.00 38.03 -13.48
CA ALA D 483 -9.23 38.36 -12.06
C ALA D 483 -10.71 38.44 -11.74
N GLU D 484 -11.51 39.07 -12.60
CA GLU D 484 -12.94 39.15 -12.30
C GLU D 484 -13.65 37.83 -12.56
N ALA D 485 -13.14 37.00 -13.47
CA ALA D 485 -13.76 35.70 -13.73
C ALA D 485 -13.47 34.71 -12.61
N GLY D 486 -12.24 34.67 -12.12
CA GLY D 486 -11.87 33.78 -11.04
C GLY D 486 -10.98 32.63 -11.42
N VAL D 487 -10.41 32.60 -12.63
CA VAL D 487 -9.52 31.53 -13.05
C VAL D 487 -8.16 31.74 -12.39
N ASP D 488 -7.31 30.71 -12.43
CA ASP D 488 -6.03 30.79 -11.75
C ASP D 488 -5.03 31.66 -12.52
N ASP D 489 -4.70 31.27 -13.75
CA ASP D 489 -3.76 32.01 -14.57
C ASP D 489 -4.39 32.30 -15.93
N PHE D 490 -3.59 32.90 -16.81
CA PHE D 490 -4.07 33.32 -18.13
C PHE D 490 -2.89 33.35 -19.08
N LEU D 491 -3.20 33.35 -20.38
CA LEU D 491 -2.20 33.50 -21.43
C LEU D 491 -2.69 34.55 -22.41
N ALA D 492 -1.81 35.50 -22.74
CA ALA D 492 -2.07 36.54 -23.72
C ALA D 492 -1.21 36.31 -24.95
N GLU D 493 -1.53 37.05 -26.02
CA GLU D 493 -0.83 37.00 -27.30
C GLU D 493 -0.84 35.57 -27.88
N ALA D 494 -2.05 35.14 -28.24
CA ALA D 494 -2.27 33.78 -28.71
C ALA D 494 -1.47 33.48 -29.98
N THR D 495 -0.79 32.34 -29.98
CA THR D 495 0.01 31.86 -31.10
C THR D 495 0.07 30.35 -30.92
N PRO D 496 -0.09 29.57 -32.00
CA PRO D 496 -0.01 28.11 -31.86
C PRO D 496 1.31 27.59 -31.33
N GLU D 497 2.43 28.20 -31.72
CA GLU D 497 3.72 27.76 -31.17
C GLU D 497 3.86 28.13 -29.70
N ALA D 498 3.25 29.26 -29.28
CA ALA D 498 3.23 29.60 -27.87
C ALA D 498 2.39 28.61 -27.08
N LYS D 499 1.26 28.18 -27.66
CA LYS D 499 0.43 27.15 -27.01
C LYS D 499 1.18 25.83 -26.89
N LEU D 500 1.92 25.45 -27.93
CA LEU D 500 2.74 24.25 -27.88
C LEU D 500 3.83 24.36 -26.81
N ALA D 501 4.46 25.54 -26.71
CA ALA D 501 5.50 25.74 -25.71
C ALA D 501 4.92 25.67 -24.30
N LEU D 502 3.75 26.27 -24.08
CA LEU D 502 3.12 26.22 -22.75
C LEU D 502 2.70 24.79 -22.39
N ILE D 503 2.15 24.05 -23.36
CA ILE D 503 1.73 22.68 -23.12
C ILE D 503 2.93 21.79 -22.80
N ARG D 504 4.02 21.95 -23.55
CA ARG D 504 5.22 21.16 -23.29
C ARG D 504 5.88 21.55 -21.96
N GLN D 505 5.82 22.84 -21.60
CA GLN D 505 6.36 23.27 -20.32
C GLN D 505 5.55 22.69 -19.15
N TYR D 506 4.22 22.66 -19.29
CA TYR D 506 3.40 22.06 -18.24
C TYR D 506 3.58 20.56 -18.17
N GLN D 507 3.74 19.90 -19.32
CA GLN D 507 3.95 18.46 -19.34
C GLN D 507 5.36 18.07 -18.90
N ALA D 508 6.31 18.99 -18.95
CA ALA D 508 7.66 18.70 -18.45
C ALA D 508 7.71 18.62 -16.94
N GLU D 509 6.71 19.20 -16.25
CA GLU D 509 6.62 19.14 -14.80
C GLU D 509 5.86 17.91 -14.31
N GLY D 510 5.44 17.04 -15.21
CA GLY D 510 4.61 15.90 -14.83
C GLY D 510 3.14 16.21 -14.72
N ARG D 511 2.70 17.34 -15.26
CA ARG D 511 1.31 17.79 -15.12
C ARG D 511 0.57 17.56 -16.43
N LEU D 512 -0.61 16.94 -16.32
CA LEU D 512 -1.42 16.68 -17.51
C LEU D 512 -2.08 17.98 -18.00
N VAL D 513 -2.34 18.03 -19.30
CA VAL D 513 -2.90 19.20 -19.95
C VAL D 513 -4.22 18.82 -20.60
N ALA D 514 -5.28 19.57 -20.28
CA ALA D 514 -6.57 19.45 -20.94
C ALA D 514 -6.86 20.71 -21.72
N MET D 515 -7.21 20.57 -23.00
CA MET D 515 -7.33 21.72 -23.87
C MET D 515 -8.42 21.46 -24.91
N THR D 516 -8.67 22.48 -25.74
CA THR D 516 -9.73 22.42 -26.74
C THR D 516 -9.29 23.23 -27.96
N GLY D 517 -9.30 22.61 -29.12
CA GLY D 517 -8.94 23.29 -30.35
C GLY D 517 -9.93 22.97 -31.45
N ASP D 518 -10.09 23.92 -32.37
CA ASP D 518 -11.03 23.79 -33.48
C ASP D 518 -10.34 23.78 -34.83
N GLY D 519 -9.55 24.79 -35.15
CA GLY D 519 -8.97 24.93 -36.47
C GLY D 519 -7.78 24.04 -36.71
N THR D 520 -7.26 24.10 -37.94
CA THR D 520 -6.10 23.31 -38.31
C THR D 520 -4.81 23.89 -37.74
N ASN D 521 -4.84 25.14 -37.28
CA ASN D 521 -3.67 25.70 -36.59
C ASN D 521 -3.49 25.12 -35.19
N ASP D 522 -4.55 24.55 -34.63
CA ASP D 522 -4.49 23.89 -33.33
C ASP D 522 -4.14 22.42 -33.44
N ALA D 523 -3.97 21.90 -34.65
CA ALA D 523 -3.68 20.47 -34.84
C ALA D 523 -2.40 19.98 -34.18
N PRO D 524 -1.25 20.69 -34.18
CA PRO D 524 -0.13 20.22 -33.35
C PRO D 524 -0.43 20.17 -31.87
N ALA D 525 -1.29 21.07 -31.36
CA ALA D 525 -1.67 21.01 -29.95
C ALA D 525 -2.58 19.82 -29.68
N LEU D 526 -3.51 19.54 -30.59
CA LEU D 526 -4.33 18.33 -30.51
C LEU D 526 -3.46 17.07 -30.54
N ALA D 527 -2.40 17.09 -31.34
CA ALA D 527 -1.50 15.94 -31.40
C ALA D 527 -0.71 15.78 -30.10
N GLN D 528 0.09 16.78 -29.75
CA GLN D 528 0.89 16.73 -28.52
C GLN D 528 0.18 17.39 -27.35
N ALA D 529 -1.07 17.02 -27.12
CA ALA D 529 -1.77 17.31 -25.88
C ALA D 529 -2.11 15.99 -25.18
N ASP D 530 -2.10 16.01 -23.85
CA ASP D 530 -2.38 14.80 -23.09
C ASP D 530 -3.82 14.35 -23.29
N VAL D 531 -4.78 15.24 -23.05
CA VAL D 531 -6.17 15.04 -23.40
C VAL D 531 -6.68 16.31 -24.07
N ALA D 532 -7.48 16.15 -25.11
CA ALA D 532 -7.99 17.29 -25.87
C ALA D 532 -9.23 16.87 -26.63
N VAL D 533 -10.21 17.77 -26.68
CA VAL D 533 -11.45 17.52 -27.39
C VAL D 533 -11.55 18.50 -28.56
N ALA D 534 -12.32 18.12 -29.56
CA ALA D 534 -12.55 18.95 -30.74
C ALA D 534 -14.02 18.92 -31.08
N MET D 535 -14.61 20.09 -31.30
CA MET D 535 -16.04 20.14 -31.59
C MET D 535 -16.32 19.71 -33.03
N ASN D 536 -17.61 19.60 -33.35
CA ASN D 536 -18.06 19.20 -34.68
C ASN D 536 -17.67 20.24 -35.73
N SER D 537 -17.58 21.51 -35.34
CA SER D 537 -17.21 22.57 -36.27
C SER D 537 -15.76 22.51 -36.72
N GLY D 538 -14.92 21.70 -36.06
CA GLY D 538 -13.55 21.55 -36.48
C GLY D 538 -13.40 20.71 -37.73
N THR D 539 -12.23 20.81 -38.34
CA THR D 539 -11.93 20.10 -39.58
C THR D 539 -11.41 18.69 -39.29
N GLN D 540 -11.27 17.91 -40.36
CA GLN D 540 -10.78 16.54 -40.23
C GLN D 540 -9.33 16.50 -39.77
N ALA D 541 -8.52 17.49 -40.16
CA ALA D 541 -7.13 17.54 -39.76
C ALA D 541 -6.95 17.71 -38.26
N ALA D 542 -7.94 18.25 -37.56
CA ALA D 542 -7.94 18.30 -36.11
C ALA D 542 -8.77 17.19 -35.47
N LYS D 543 -9.76 16.66 -36.19
CA LYS D 543 -10.58 15.59 -35.65
C LYS D 543 -9.83 14.27 -35.60
N GLU D 544 -9.02 13.99 -36.62
CA GLU D 544 -8.26 12.74 -36.67
C GLU D 544 -6.88 12.86 -36.03
N ALA D 545 -6.52 14.04 -35.52
CA ALA D 545 -5.24 14.23 -34.85
C ALA D 545 -5.43 14.57 -33.38
N GLY D 546 -6.56 14.16 -32.81
CA GLY D 546 -6.83 14.40 -31.41
C GLY D 546 -7.28 13.14 -30.71
N ASN D 547 -7.12 13.14 -29.38
CA ASN D 547 -7.58 12.03 -28.57
C ASN D 547 -9.10 11.90 -28.59
N MET D 548 -9.80 13.03 -28.51
CA MET D 548 -11.24 13.05 -28.24
C MET D 548 -11.89 14.06 -29.16
N VAL D 549 -13.17 13.83 -29.47
CA VAL D 549 -13.96 14.79 -30.23
C VAL D 549 -15.27 15.06 -29.49
N ASP D 550 -15.92 16.15 -29.87
CA ASP D 550 -17.19 16.58 -29.29
C ASP D 550 -18.26 16.51 -30.37
N LEU D 551 -19.30 15.71 -30.12
CA LEU D 551 -20.40 15.60 -31.09
C LEU D 551 -21.18 16.90 -31.19
N ASP D 552 -21.45 17.53 -30.04
CA ASP D 552 -22.12 18.82 -30.01
C ASP D 552 -21.06 19.91 -29.93
N SER D 553 -21.26 20.98 -30.70
CA SER D 553 -20.29 22.07 -30.73
C SER D 553 -20.39 22.93 -29.49
N ASN D 554 -19.94 22.40 -28.36
CA ASN D 554 -19.95 23.10 -27.08
C ASN D 554 -18.65 22.77 -26.35
N PRO D 555 -17.72 23.71 -26.27
CA PRO D 555 -16.41 23.41 -25.67
C PRO D 555 -16.38 23.60 -24.16
N THR D 556 -17.55 23.67 -23.53
CA THR D 556 -17.64 23.89 -22.09
C THR D 556 -18.04 22.63 -21.33
N LYS D 557 -18.05 21.47 -21.98
CA LYS D 557 -18.46 20.22 -21.34
C LYS D 557 -17.27 19.32 -21.00
N LEU D 558 -16.04 19.81 -21.14
CA LEU D 558 -14.93 18.97 -20.74
C LEU D 558 -14.84 18.89 -19.22
N ILE D 559 -15.48 19.83 -18.51
CA ILE D 559 -15.58 19.72 -17.05
C ILE D 559 -16.45 18.52 -16.64
N GLU D 560 -17.58 18.29 -17.32
CA GLU D 560 -18.31 17.06 -17.02
C GLU D 560 -17.64 15.83 -17.61
N VAL D 561 -16.80 15.99 -18.64
CA VAL D 561 -15.96 14.88 -19.08
C VAL D 561 -15.00 14.45 -17.97
N VAL D 562 -14.36 15.43 -17.33
CA VAL D 562 -13.49 15.18 -16.17
C VAL D 562 -14.31 14.56 -15.04
N HIS D 563 -15.54 15.05 -14.83
CA HIS D 563 -16.42 14.51 -13.81
C HIS D 563 -16.74 13.04 -14.06
N ILE D 564 -17.00 12.67 -15.31
CA ILE D 564 -17.35 11.29 -15.63
C ILE D 564 -16.13 10.38 -15.48
N GLY D 565 -14.95 10.85 -15.90
CA GLY D 565 -13.75 10.05 -15.69
C GLY D 565 -13.42 9.83 -14.22
N LYS D 566 -13.53 10.89 -13.43
CA LYS D 566 -13.35 10.73 -11.98
C LYS D 566 -14.43 9.86 -11.38
N GLN D 567 -15.65 9.89 -11.94
CA GLN D 567 -16.70 8.98 -11.50
C GLN D 567 -16.32 7.53 -11.76
N MET D 568 -15.68 7.26 -12.89
CA MET D 568 -15.23 5.91 -13.20
C MET D 568 -14.18 5.43 -12.20
N LEU D 569 -13.17 6.27 -11.94
CA LEU D 569 -12.12 5.88 -10.98
C LEU D 569 -12.68 5.72 -9.57
N MET D 570 -13.55 6.64 -9.13
CA MET D 570 -14.16 6.54 -7.81
C MET D 570 -15.09 5.34 -7.69
N THR D 571 -15.79 4.97 -8.77
CA THR D 571 -16.61 3.77 -8.75
C THR D 571 -15.75 2.52 -8.60
N ARG D 572 -14.63 2.46 -9.33
CA ARG D 572 -13.71 1.33 -9.20
C ARG D 572 -13.17 1.22 -7.78
N GLY D 573 -12.71 2.35 -7.21
CA GLY D 573 -12.17 2.32 -5.87
C GLY D 573 -13.20 2.00 -4.80
N SER D 574 -14.42 2.55 -4.95
CA SER D 574 -15.48 2.31 -3.99
C SER D 574 -15.94 0.87 -4.00
N LEU D 575 -16.09 0.27 -5.19
CA LEU D 575 -16.50 -1.13 -5.22
C LEU D 575 -15.36 -2.07 -4.81
N THR D 576 -14.10 -1.67 -5.03
CA THR D 576 -12.99 -2.45 -4.48
C THR D 576 -13.00 -2.42 -2.96
N THR D 577 -13.25 -1.25 -2.37
CA THR D 577 -13.35 -1.15 -0.92
C THR D 577 -14.53 -1.94 -0.38
N PHE D 578 -15.66 -1.91 -1.10
CA PHE D 578 -16.84 -2.69 -0.70
C PHE D 578 -16.54 -4.19 -0.73
N SER D 579 -15.86 -4.66 -1.79
CA SER D 579 -15.53 -6.07 -1.92
C SER D 579 -14.54 -6.51 -0.85
N ILE D 580 -13.60 -5.62 -0.49
CA ILE D 580 -12.65 -5.97 0.57
C ILE D 580 -13.34 -6.00 1.92
N ALA D 581 -14.23 -5.02 2.19
CA ALA D 581 -14.88 -4.92 3.49
C ALA D 581 -15.96 -5.98 3.71
N ASN D 582 -16.50 -6.58 2.64
CA ASN D 582 -17.49 -7.64 2.82
C ASN D 582 -16.92 -8.89 3.47
N ASP D 583 -15.60 -9.11 3.37
CA ASP D 583 -14.99 -10.35 3.81
C ASP D 583 -15.00 -10.52 5.33
N VAL D 584 -15.13 -9.43 6.09
CA VAL D 584 -15.26 -9.54 7.54
C VAL D 584 -16.57 -10.24 7.90
N ALA D 585 -17.66 -9.80 7.29
CA ALA D 585 -18.94 -10.48 7.50
C ALA D 585 -18.96 -11.86 6.87
N LYS D 586 -18.21 -12.07 5.78
CA LYS D 586 -18.10 -13.40 5.22
C LYS D 586 -17.43 -14.38 6.19
N TYR D 587 -16.36 -13.93 6.86
CA TYR D 587 -15.77 -14.69 7.96
C TYR D 587 -16.77 -14.94 9.08
N PHE D 588 -17.45 -13.89 9.54
CA PHE D 588 -18.38 -14.04 10.66
C PHE D 588 -19.58 -14.92 10.32
N ALA D 589 -19.86 -15.13 9.03
CA ALA D 589 -20.93 -16.03 8.64
C ALA D 589 -20.46 -17.45 8.35
N ILE D 590 -19.24 -17.63 7.84
CA ILE D 590 -18.79 -18.94 7.37
C ILE D 590 -17.89 -19.64 8.37
N ILE D 591 -16.93 -18.92 8.97
CA ILE D 591 -15.92 -19.55 9.83
C ILE D 591 -16.53 -20.21 11.08
N PRO D 592 -17.45 -19.58 11.83
CA PRO D 592 -18.13 -20.35 12.89
C PRO D 592 -19.04 -21.43 12.37
N ALA D 593 -19.42 -21.38 11.09
CA ALA D 593 -20.29 -22.40 10.50
C ALA D 593 -19.51 -23.54 9.85
N ALA D 594 -18.36 -23.24 9.23
CA ALA D 594 -17.59 -24.27 8.56
C ALA D 594 -17.04 -25.30 9.55
N PHE D 595 -16.56 -24.85 10.69
CA PHE D 595 -16.06 -25.76 11.74
C PHE D 595 -17.13 -25.96 12.82
N ALA D 596 -18.24 -26.57 12.39
CA ALA D 596 -19.30 -26.93 13.33
C ALA D 596 -19.14 -28.34 13.89
N ALA D 597 -18.17 -29.10 13.41
CA ALA D 597 -17.90 -30.44 13.88
C ALA D 597 -16.47 -30.64 14.35
N THR D 598 -15.51 -30.00 13.69
CA THR D 598 -14.11 -30.12 14.09
C THR D 598 -13.86 -29.43 15.43
N TYR D 599 -14.32 -28.19 15.56
CA TYR D 599 -14.21 -27.43 16.81
C TYR D 599 -15.61 -26.91 17.16
N PRO D 600 -16.35 -27.65 17.99
CA PRO D 600 -17.71 -27.21 18.33
C PRO D 600 -17.77 -25.95 19.18
N GLN D 601 -16.65 -25.53 19.79
CA GLN D 601 -16.64 -24.32 20.61
C GLN D 601 -16.57 -23.04 19.78
N LEU D 602 -16.44 -23.15 18.46
CA LEU D 602 -16.32 -21.98 17.59
C LEU D 602 -17.67 -21.35 17.26
N ASN D 603 -18.78 -21.92 17.74
CA ASN D 603 -20.10 -21.34 17.46
C ASN D 603 -20.34 -20.03 18.21
N ALA D 604 -19.48 -19.68 19.17
CA ALA D 604 -19.60 -18.39 19.85
C ALA D 604 -19.26 -17.22 18.93
N LEU D 605 -18.54 -17.48 17.83
CA LEU D 605 -18.23 -16.44 16.85
C LEU D 605 -19.43 -16.10 15.96
N ASN D 606 -20.50 -16.89 16.00
CA ASN D 606 -21.71 -16.62 15.22
C ASN D 606 -22.47 -15.49 15.90
N ILE D 607 -22.06 -14.27 15.58
CA ILE D 607 -22.64 -13.09 16.24
C ILE D 607 -24.03 -12.75 15.71
N MET D 608 -24.41 -13.25 14.55
CA MET D 608 -25.75 -13.03 14.02
C MET D 608 -26.72 -14.13 14.41
N CYS D 609 -26.28 -15.10 15.22
CA CYS D 609 -27.07 -16.24 15.72
C CYS D 609 -27.88 -16.92 14.62
N LEU D 610 -27.16 -17.32 13.57
CA LEU D 610 -27.78 -17.98 12.43
C LEU D 610 -28.24 -19.39 12.82
N HIS D 611 -29.10 -19.96 11.97
CA HIS D 611 -29.82 -21.18 12.34
C HIS D 611 -28.92 -22.41 12.33
N SER D 612 -28.37 -22.75 11.17
CA SER D 612 -27.61 -23.98 10.99
C SER D 612 -26.37 -23.65 10.18
N PRO D 613 -25.30 -24.46 10.28
CA PRO D 613 -24.09 -24.18 9.50
C PRO D 613 -24.28 -24.21 7.99
N ASP D 614 -25.02 -25.20 7.48
CA ASP D 614 -25.26 -25.27 6.03
C ASP D 614 -26.11 -24.10 5.57
N SER D 615 -27.10 -23.71 6.36
CA SER D 615 -27.91 -22.54 6.04
C SER D 615 -27.07 -21.26 6.07
N ALA D 616 -26.12 -21.17 7.00
CA ALA D 616 -25.25 -20.00 7.08
C ALA D 616 -24.35 -19.90 5.85
N ILE D 617 -23.74 -21.00 5.46
CA ILE D 617 -22.87 -21.02 4.27
C ILE D 617 -23.68 -20.72 3.02
N LEU D 618 -24.88 -21.32 2.90
CA LEU D 618 -25.74 -21.08 1.75
C LEU D 618 -26.18 -19.63 1.69
N SER D 619 -26.53 -19.03 2.84
CA SER D 619 -26.95 -17.63 2.86
C SER D 619 -25.80 -16.70 2.50
N ALA D 620 -24.58 -17.02 2.93
CA ALA D 620 -23.42 -16.25 2.52
C ALA D 620 -23.22 -16.32 1.01
N VAL D 621 -23.40 -17.50 0.43
CA VAL D 621 -23.24 -17.65 -1.02
C VAL D 621 -24.35 -16.90 -1.78
N ILE D 622 -25.58 -16.94 -1.24
CA ILE D 622 -26.68 -16.19 -1.85
C ILE D 622 -26.41 -14.69 -1.81
N PHE D 623 -25.89 -14.19 -0.68
CA PHE D 623 -25.55 -12.78 -0.61
C PHE D 623 -24.43 -12.41 -1.57
N ASN D 624 -23.41 -13.27 -1.68
CA ASN D 624 -22.31 -13.00 -2.61
C ASN D 624 -22.79 -13.02 -4.05
N ALA D 625 -23.79 -13.84 -4.37
CA ALA D 625 -24.34 -13.86 -5.71
C ALA D 625 -25.22 -12.64 -5.97
N LEU D 626 -26.04 -12.25 -4.99
CA LEU D 626 -27.02 -11.20 -5.18
C LEU D 626 -26.44 -9.79 -5.03
N ILE D 627 -25.24 -9.64 -4.47
CA ILE D 627 -24.67 -8.31 -4.35
C ILE D 627 -24.34 -7.73 -5.73
N ILE D 628 -23.99 -8.58 -6.70
CA ILE D 628 -23.71 -8.08 -8.04
C ILE D 628 -24.99 -7.61 -8.73
N VAL D 629 -26.08 -8.37 -8.59
CA VAL D 629 -27.33 -7.97 -9.22
C VAL D 629 -27.95 -6.79 -8.48
N PHE D 630 -27.59 -6.56 -7.22
CA PHE D 630 -28.05 -5.36 -6.54
C PHE D 630 -27.17 -4.16 -6.86
N LEU D 631 -25.91 -4.38 -7.23
CA LEU D 631 -25.00 -3.29 -7.59
C LEU D 631 -24.92 -3.08 -9.10
N ILE D 632 -25.79 -3.74 -9.88
CA ILE D 632 -25.96 -3.39 -11.29
C ILE D 632 -26.18 -1.89 -11.52
N PRO D 633 -27.14 -1.20 -10.88
CA PRO D 633 -27.36 0.21 -11.24
C PRO D 633 -26.23 1.13 -10.82
N LEU D 634 -25.56 0.84 -9.70
CA LEU D 634 -24.43 1.66 -9.29
C LEU D 634 -23.27 1.55 -10.27
N ALA D 635 -23.02 0.34 -10.79
CA ALA D 635 -21.96 0.17 -11.79
C ALA D 635 -22.34 0.79 -13.12
N LEU D 636 -23.62 0.71 -13.49
CA LEU D 636 -24.06 1.27 -14.76
C LEU D 636 -24.12 2.79 -14.74
N LYS D 637 -24.38 3.40 -13.58
CA LYS D 637 -24.55 4.85 -13.48
C LYS D 637 -23.29 5.56 -12.99
N GLY D 638 -22.75 5.14 -11.85
CA GLY D 638 -21.66 5.83 -11.21
C GLY D 638 -21.99 6.19 -9.77
N VAL D 639 -20.95 6.59 -9.05
CA VAL D 639 -21.13 6.96 -7.64
C VAL D 639 -21.83 8.31 -7.53
N SER D 640 -22.37 8.56 -6.35
CA SER D 640 -23.00 9.86 -6.07
C SER D 640 -21.92 10.92 -5.96
N TYR D 641 -21.66 11.61 -7.06
CA TYR D 641 -20.48 12.45 -7.20
C TYR D 641 -20.77 13.87 -6.72
N LYS D 642 -19.87 14.42 -5.91
CA LYS D 642 -20.01 15.77 -5.40
C LYS D 642 -18.68 16.50 -5.53
N PRO D 643 -18.70 17.81 -5.77
CA PRO D 643 -17.43 18.58 -5.90
C PRO D 643 -16.81 18.98 -4.56
N LEU D 644 -16.06 18.04 -3.99
CA LEU D 644 -15.34 18.26 -2.73
C LEU D 644 -13.84 18.16 -2.97
N THR D 645 -13.08 18.45 -1.90
CA THR D 645 -11.64 18.32 -1.96
C THR D 645 -11.24 16.85 -1.83
N ALA D 646 -9.93 16.58 -1.90
CA ALA D 646 -9.44 15.20 -1.91
C ALA D 646 -9.69 14.51 -0.57
N SER D 647 -9.38 15.18 0.54
CA SER D 647 -9.57 14.58 1.86
C SER D 647 -11.05 14.39 2.17
N ALA D 648 -11.89 15.36 1.80
CA ALA D 648 -13.33 15.24 2.03
C ALA D 648 -13.93 14.12 1.20
N MET D 649 -13.50 13.99 -0.07
CA MET D 649 -13.97 12.89 -0.90
C MET D 649 -13.51 11.54 -0.36
N LEU D 650 -12.27 11.47 0.12
CA LEU D 650 -11.74 10.23 0.68
C LEU D 650 -12.51 9.82 1.92
N ARG D 651 -12.79 10.77 2.83
CA ARG D 651 -13.50 10.42 4.05
C ARG D 651 -14.97 10.14 3.77
N ARG D 652 -15.58 10.80 2.79
CA ARG D 652 -16.96 10.48 2.42
C ARG D 652 -17.06 9.10 1.81
N ASN D 653 -16.11 8.73 0.96
CA ASN D 653 -16.12 7.40 0.37
C ASN D 653 -15.81 6.33 1.42
N LEU D 654 -14.87 6.60 2.31
CA LEU D 654 -14.56 5.65 3.38
C LEU D 654 -15.73 5.50 4.34
N TRP D 655 -16.52 6.56 4.51
CA TRP D 655 -17.78 6.44 5.24
C TRP D 655 -18.73 5.51 4.50
N ILE D 656 -19.16 5.91 3.29
CA ILE D 656 -20.23 5.20 2.60
C ILE D 656 -19.79 3.81 2.15
N TYR D 657 -18.84 3.74 1.21
CA TYR D 657 -18.35 2.47 0.70
C TYR D 657 -17.14 2.10 1.56
N GLY D 658 -17.40 1.43 2.68
CA GLY D 658 -16.39 1.20 3.69
C GLY D 658 -16.99 1.19 5.08
N LEU D 659 -18.23 1.66 5.20
CA LEU D 659 -19.07 1.36 6.35
C LEU D 659 -20.31 0.60 5.95
N GLY D 660 -20.92 0.92 4.82
CA GLY D 660 -21.92 0.03 4.24
C GLY D 660 -21.32 -1.33 3.91
N GLY D 661 -20.10 -1.33 3.35
CA GLY D 661 -19.42 -2.58 3.04
C GLY D 661 -19.06 -3.41 4.25
N LEU D 662 -19.10 -2.83 5.45
CA LEU D 662 -18.92 -3.58 6.68
C LEU D 662 -20.24 -3.87 7.39
N LEU D 663 -21.29 -3.11 7.12
CA LEU D 663 -22.56 -3.25 7.83
C LEU D 663 -23.59 -4.06 7.03
N VAL D 664 -23.93 -3.63 5.83
CA VAL D 664 -24.99 -4.28 5.05
C VAL D 664 -24.69 -5.72 4.62
N PRO D 665 -23.44 -6.22 4.54
CA PRO D 665 -23.31 -7.68 4.42
C PRO D 665 -23.86 -8.45 5.61
N PHE D 666 -23.72 -7.92 6.83
CA PHE D 666 -24.31 -8.56 8.00
C PHE D 666 -25.83 -8.61 7.89
N ILE D 667 -26.44 -7.49 7.50
CA ILE D 667 -27.88 -7.42 7.36
C ILE D 667 -28.35 -8.31 6.21
N GLY D 668 -27.59 -8.35 5.12
CA GLY D 668 -27.97 -9.19 3.99
C GLY D 668 -27.93 -10.67 4.31
N ILE D 669 -26.86 -11.11 4.97
CA ILE D 669 -26.76 -12.52 5.37
C ILE D 669 -27.84 -12.86 6.40
N LYS D 670 -28.12 -11.95 7.33
CA LYS D 670 -29.15 -12.19 8.32
C LYS D 670 -30.54 -12.30 7.68
N VAL D 671 -30.85 -11.41 6.73
CA VAL D 671 -32.16 -11.42 6.07
C VAL D 671 -32.30 -12.67 5.21
N ILE D 672 -31.24 -13.05 4.48
CA ILE D 672 -31.32 -14.24 3.63
C ILE D 672 -31.44 -15.51 4.48
N ASP D 673 -30.72 -15.57 5.61
CA ASP D 673 -30.85 -16.71 6.51
C ASP D 673 -32.24 -16.79 7.14
N LEU D 674 -32.80 -15.64 7.52
CA LEU D 674 -34.16 -15.62 8.06
C LEU D 674 -35.19 -16.04 7.02
N LEU D 675 -35.00 -15.60 5.76
CA LEU D 675 -35.91 -16.00 4.70
C LEU D 675 -35.82 -17.49 4.41
N LEU D 676 -34.60 -18.04 4.43
CA LEU D 676 -34.44 -19.49 4.25
C LEU D 676 -35.06 -20.27 5.39
N THR D 677 -34.91 -19.78 6.62
CA THR D 677 -35.53 -20.44 7.77
C THR D 677 -37.05 -20.39 7.70
N VAL D 678 -37.61 -19.25 7.27
CA VAL D 678 -39.05 -19.13 7.13
C VAL D 678 -39.57 -20.04 6.03
N CYS D 679 -38.88 -20.08 4.88
CA CYS D 679 -39.28 -20.95 3.79
C CYS D 679 -39.08 -22.43 4.10
N GLY D 680 -38.20 -22.74 5.06
CA GLY D 680 -38.02 -24.13 5.46
C GLY D 680 -37.25 -24.99 4.49
N LEU D 681 -36.43 -24.38 3.64
CA LEU D 681 -35.61 -25.16 2.71
C LEU D 681 -34.55 -25.96 3.45
N VAL D 682 -33.97 -25.38 4.49
CA VAL D 682 -32.94 -26.07 5.27
C VAL D 682 -33.58 -26.82 6.43
#